data_3CS1
# 
_entry.id   3CS1 
# 
_audit_conform.dict_name       mmcif_pdbx.dic 
_audit_conform.dict_version    5.403 
_audit_conform.dict_location   http://mmcif.pdb.org/dictionaries/ascii/mmcif_pdbx.dic 
# 
loop_
_database_2.database_id 
_database_2.database_code 
_database_2.pdbx_database_accession 
_database_2.pdbx_DOI 
PDB   3CS1         pdb_00003cs1 10.2210/pdb3cs1/pdb 
RCSB  RCSB047142   ?            ?                   
WWPDB D_1000047142 ?            ?                   
# 
loop_
_pdbx_audit_revision_history.ordinal 
_pdbx_audit_revision_history.data_content_type 
_pdbx_audit_revision_history.major_revision 
_pdbx_audit_revision_history.minor_revision 
_pdbx_audit_revision_history.revision_date 
_pdbx_audit_revision_history.part_number 
1 'Structure model' 1 0 2008-06-24 ? 
2 'Structure model' 1 1 2011-07-13 ? 
3 'Structure model' 1 2 2025-03-26 ? 
# 
_pdbx_audit_revision_details.ordinal             1 
_pdbx_audit_revision_details.revision_ordinal    1 
_pdbx_audit_revision_details.data_content_type   'Structure model' 
_pdbx_audit_revision_details.provider            repository 
_pdbx_audit_revision_details.type                'Initial release' 
_pdbx_audit_revision_details.description         ? 
_pdbx_audit_revision_details.details             ? 
# 
loop_
_pdbx_audit_revision_group.ordinal 
_pdbx_audit_revision_group.revision_ordinal 
_pdbx_audit_revision_group.data_content_type 
_pdbx_audit_revision_group.group 
1 2 'Structure model' Advisory                    
2 2 'Structure model' 'Version format compliance' 
3 3 'Structure model' 'Data collection'           
4 3 'Structure model' 'Database references'       
5 3 'Structure model' 'Derived calculations'      
6 3 'Structure model' 'Structure summary'         
# 
loop_
_pdbx_audit_revision_category.ordinal 
_pdbx_audit_revision_category.revision_ordinal 
_pdbx_audit_revision_category.data_content_type 
_pdbx_audit_revision_category.category 
1 3 'Structure model' chem_comp_atom            
2 3 'Structure model' chem_comp_bond            
3 3 'Structure model' database_2                
4 3 'Structure model' pdbx_entry_details        
5 3 'Structure model' pdbx_modification_feature 
6 3 'Structure model' struct_conn               
7 3 'Structure model' struct_ref_seq_dif        
# 
loop_
_pdbx_audit_revision_item.ordinal 
_pdbx_audit_revision_item.revision_ordinal 
_pdbx_audit_revision_item.data_content_type 
_pdbx_audit_revision_item.item 
1 3 'Structure model' '_database_2.pdbx_DOI'                
2 3 'Structure model' '_database_2.pdbx_database_accession' 
3 3 'Structure model' '_struct_conn.pdbx_leaving_atom_flag' 
4 3 'Structure model' '_struct_ref_seq_dif.details'         
# 
_pdbx_database_status.entry_id                        3CS1 
_pdbx_database_status.deposit_site                    RCSB 
_pdbx_database_status.process_site                    RCSB 
_pdbx_database_status.recvd_initial_deposition_date   2008-04-08 
_pdbx_database_status.status_code                     REL 
_pdbx_database_status.status_code_sf                  REL 
_pdbx_database_status.status_code_mr                  ? 
_pdbx_database_status.SG_entry                        ? 
_pdbx_database_status.pdb_format_compatible           Y 
_pdbx_database_status.status_code_cs                  ? 
_pdbx_database_status.status_code_nmr_data            ? 
_pdbx_database_status.methods_development_category    ? 
# 
loop_
_audit_author.name 
_audit_author.pdbx_ordinal 
'Ames, J.B.'    1 
'Ladner, J.E.'  2 
'Wingard, J.N.' 3 
'Robinson, H.'  4 
'Fisher, A.'    5 
# 
_citation.id                        primary 
_citation.title                     
;Structural Insights into Membrane Targeting by the Flagellar Calcium-binding Protein (FCaBP), a Myristoylated and Palmitoylated Calcium Sensor in Trypanosoma cruzi.
;
_citation.journal_abbrev            J.Biol.Chem. 
_citation.journal_volume            283 
_citation.page_first                23388 
_citation.page_last                 23396 
_citation.year                      2008 
_citation.journal_id_ASTM           JBCHA3 
_citation.country                   US 
_citation.journal_id_ISSN           0021-9258 
_citation.journal_id_CSD            0071 
_citation.book_publisher            ? 
_citation.pdbx_database_id_PubMed   18559337 
_citation.pdbx_database_id_DOI      10.1074/jbc.M803178200 
# 
loop_
_citation_author.citation_id 
_citation_author.name 
_citation_author.ordinal 
_citation_author.identifier_ORCID 
primary 'Wingard, J.N.'  1 ? 
primary 'Ladner, J.'     2 ? 
primary 'Vanarotti, M.'  3 ? 
primary 'Fisher, A.J.'   4 ? 
primary 'Robinson, H.'   5 ? 
primary 'Buchanan, K.T.' 6 ? 
primary 'Engman, D.M.'   7 ? 
primary 'Ames, J.B.'     8 ? 
# 
loop_
_entity.id 
_entity.type 
_entity.src_method 
_entity.pdbx_description 
_entity.formula_weight 
_entity.pdbx_number_of_molecules 
_entity.pdbx_ec 
_entity.pdbx_mutation 
_entity.pdbx_fragment 
_entity.details 
1 polymer man 'Flagellar calcium-binding protein' 24955.055 1  ? ? ? ? 
2 water   nat water                               18.015    65 ? ? ? ? 
# 
_entity_name_com.entity_id   1 
_entity_name_com.name        'FCABP, 1F8 protein, P24, 29 kDa flagella protein, F29, 24 kDa antigen, ALC-1 antigen' 
# 
_entity_poly.entity_id                      1 
_entity_poly.type                           'polypeptide(L)' 
_entity_poly.nstd_linkage                   no 
_entity_poly.nstd_monomer                   yes 
_entity_poly.pdbx_seq_one_letter_code       
;MGACGSKGSTSDKGLASDKDGKKAKDRKEAWERIRQAIPREKTAEAKQRRIELFKKFDKNETGKL(CSX)YDEVYSGCLE
VLKLDEFTSRVRDITKRAFDKSRTLGSKLENKGSEDFVEFLEFRLMLCYIYDFFELTVMFDEIDASGNMLVDEEEFKRAV
PKLEAWGAKVEDPAALFKELDKNGTGSVTFDEFAAWASAVKLDADGDPDNVPESALEHHHHHH
;
_entity_poly.pdbx_seq_one_letter_code_can   
;MGACGSKGSTSDKGLASDKDGKKAKDRKEAWERIRQAIPREKTAEAKQRRIELFKKFDKNETGKLCYDEVYSGCLEVLKL
DEFTSRVRDITKRAFDKSRTLGSKLENKGSEDFVEFLEFRLMLCYIYDFFELTVMFDEIDASGNMLVDEEEFKRAVPKLE
AWGAKVEDPAALFKELDKNGTGSVTFDEFAAWASAVKLDADGDPDNVPESALEHHHHHH
;
_entity_poly.pdbx_strand_id                 A 
_entity_poly.pdbx_target_identifier         ? 
# 
_pdbx_entity_nonpoly.entity_id   2 
_pdbx_entity_nonpoly.name        water 
_pdbx_entity_nonpoly.comp_id     HOH 
# 
loop_
_entity_poly_seq.entity_id 
_entity_poly_seq.num 
_entity_poly_seq.mon_id 
_entity_poly_seq.hetero 
1 1   MET n 
1 2   GLY n 
1 3   ALA n 
1 4   CYS n 
1 5   GLY n 
1 6   SER n 
1 7   LYS n 
1 8   GLY n 
1 9   SER n 
1 10  THR n 
1 11  SER n 
1 12  ASP n 
1 13  LYS n 
1 14  GLY n 
1 15  LEU n 
1 16  ALA n 
1 17  SER n 
1 18  ASP n 
1 19  LYS n 
1 20  ASP n 
1 21  GLY n 
1 22  LYS n 
1 23  LYS n 
1 24  ALA n 
1 25  LYS n 
1 26  ASP n 
1 27  ARG n 
1 28  LYS n 
1 29  GLU n 
1 30  ALA n 
1 31  TRP n 
1 32  GLU n 
1 33  ARG n 
1 34  ILE n 
1 35  ARG n 
1 36  GLN n 
1 37  ALA n 
1 38  ILE n 
1 39  PRO n 
1 40  ARG n 
1 41  GLU n 
1 42  LYS n 
1 43  THR n 
1 44  ALA n 
1 45  GLU n 
1 46  ALA n 
1 47  LYS n 
1 48  GLN n 
1 49  ARG n 
1 50  ARG n 
1 51  ILE n 
1 52  GLU n 
1 53  LEU n 
1 54  PHE n 
1 55  LYS n 
1 56  LYS n 
1 57  PHE n 
1 58  ASP n 
1 59  LYS n 
1 60  ASN n 
1 61  GLU n 
1 62  THR n 
1 63  GLY n 
1 64  LYS n 
1 65  LEU n 
1 66  CSX n 
1 67  TYR n 
1 68  ASP n 
1 69  GLU n 
1 70  VAL n 
1 71  TYR n 
1 72  SER n 
1 73  GLY n 
1 74  CYS n 
1 75  LEU n 
1 76  GLU n 
1 77  VAL n 
1 78  LEU n 
1 79  LYS n 
1 80  LEU n 
1 81  ASP n 
1 82  GLU n 
1 83  PHE n 
1 84  THR n 
1 85  SER n 
1 86  ARG n 
1 87  VAL n 
1 88  ARG n 
1 89  ASP n 
1 90  ILE n 
1 91  THR n 
1 92  LYS n 
1 93  ARG n 
1 94  ALA n 
1 95  PHE n 
1 96  ASP n 
1 97  LYS n 
1 98  SER n 
1 99  ARG n 
1 100 THR n 
1 101 LEU n 
1 102 GLY n 
1 103 SER n 
1 104 LYS n 
1 105 LEU n 
1 106 GLU n 
1 107 ASN n 
1 108 LYS n 
1 109 GLY n 
1 110 SER n 
1 111 GLU n 
1 112 ASP n 
1 113 PHE n 
1 114 VAL n 
1 115 GLU n 
1 116 PHE n 
1 117 LEU n 
1 118 GLU n 
1 119 PHE n 
1 120 ARG n 
1 121 LEU n 
1 122 MET n 
1 123 LEU n 
1 124 CYS n 
1 125 TYR n 
1 126 ILE n 
1 127 TYR n 
1 128 ASP n 
1 129 PHE n 
1 130 PHE n 
1 131 GLU n 
1 132 LEU n 
1 133 THR n 
1 134 VAL n 
1 135 MET n 
1 136 PHE n 
1 137 ASP n 
1 138 GLU n 
1 139 ILE n 
1 140 ASP n 
1 141 ALA n 
1 142 SER n 
1 143 GLY n 
1 144 ASN n 
1 145 MET n 
1 146 LEU n 
1 147 VAL n 
1 148 ASP n 
1 149 GLU n 
1 150 GLU n 
1 151 GLU n 
1 152 PHE n 
1 153 LYS n 
1 154 ARG n 
1 155 ALA n 
1 156 VAL n 
1 157 PRO n 
1 158 LYS n 
1 159 LEU n 
1 160 GLU n 
1 161 ALA n 
1 162 TRP n 
1 163 GLY n 
1 164 ALA n 
1 165 LYS n 
1 166 VAL n 
1 167 GLU n 
1 168 ASP n 
1 169 PRO n 
1 170 ALA n 
1 171 ALA n 
1 172 LEU n 
1 173 PHE n 
1 174 LYS n 
1 175 GLU n 
1 176 LEU n 
1 177 ASP n 
1 178 LYS n 
1 179 ASN n 
1 180 GLY n 
1 181 THR n 
1 182 GLY n 
1 183 SER n 
1 184 VAL n 
1 185 THR n 
1 186 PHE n 
1 187 ASP n 
1 188 GLU n 
1 189 PHE n 
1 190 ALA n 
1 191 ALA n 
1 192 TRP n 
1 193 ALA n 
1 194 SER n 
1 195 ALA n 
1 196 VAL n 
1 197 LYS n 
1 198 LEU n 
1 199 ASP n 
1 200 ALA n 
1 201 ASP n 
1 202 GLY n 
1 203 ASP n 
1 204 PRO n 
1 205 ASP n 
1 206 ASN n 
1 207 VAL n 
1 208 PRO n 
1 209 GLU n 
1 210 SER n 
1 211 ALA n 
1 212 LEU n 
1 213 GLU n 
1 214 HIS n 
1 215 HIS n 
1 216 HIS n 
1 217 HIS n 
1 218 HIS n 
1 219 HIS n 
# 
_entity_src_gen.entity_id                          1 
_entity_src_gen.pdbx_src_id                        1 
_entity_src_gen.pdbx_alt_source_flag               sample 
_entity_src_gen.pdbx_seq_type                      ? 
_entity_src_gen.pdbx_beg_seq_num                   ? 
_entity_src_gen.pdbx_end_seq_num                   ? 
_entity_src_gen.gene_src_common_name               ? 
_entity_src_gen.gene_src_genus                     ? 
_entity_src_gen.pdbx_gene_src_gene                 FCABP 
_entity_src_gen.gene_src_species                   ? 
_entity_src_gen.gene_src_strain                    ? 
_entity_src_gen.gene_src_tissue                    ? 
_entity_src_gen.gene_src_tissue_fraction           ? 
_entity_src_gen.gene_src_details                   ? 
_entity_src_gen.pdbx_gene_src_fragment             ? 
_entity_src_gen.pdbx_gene_src_scientific_name      'Trypanosoma cruzi' 
_entity_src_gen.pdbx_gene_src_ncbi_taxonomy_id     ? 
_entity_src_gen.pdbx_gene_src_variant              ? 
_entity_src_gen.pdbx_gene_src_cell_line            ? 
_entity_src_gen.pdbx_gene_src_atcc                 ? 
_entity_src_gen.pdbx_gene_src_organ                ? 
_entity_src_gen.pdbx_gene_src_organelle            ? 
_entity_src_gen.pdbx_gene_src_cell                 ? 
_entity_src_gen.pdbx_gene_src_cellular_location    ? 
_entity_src_gen.host_org_common_name               ? 
_entity_src_gen.pdbx_host_org_scientific_name      'Escherichia coli' 
_entity_src_gen.pdbx_host_org_ncbi_taxonomy_id     ? 
_entity_src_gen.host_org_genus                     ? 
_entity_src_gen.pdbx_host_org_gene                 ? 
_entity_src_gen.pdbx_host_org_organ                ? 
_entity_src_gen.host_org_species                   ? 
_entity_src_gen.pdbx_host_org_tissue               ? 
_entity_src_gen.pdbx_host_org_tissue_fraction      ? 
_entity_src_gen.pdbx_host_org_strain               'BL21(DE3)' 
_entity_src_gen.pdbx_host_org_variant              ? 
_entity_src_gen.pdbx_host_org_cell_line            ? 
_entity_src_gen.pdbx_host_org_atcc                 ? 
_entity_src_gen.pdbx_host_org_culture_collection   ? 
_entity_src_gen.pdbx_host_org_cell                 ? 
_entity_src_gen.pdbx_host_org_organelle            ? 
_entity_src_gen.pdbx_host_org_cellular_location    ? 
_entity_src_gen.pdbx_host_org_vector_type          plasmid 
_entity_src_gen.pdbx_host_org_vector               ? 
_entity_src_gen.host_org_details                   ? 
_entity_src_gen.expression_system_id               ? 
_entity_src_gen.plasmid_name                       pET23d 
_entity_src_gen.plasmid_details                    ? 
_entity_src_gen.pdbx_description                   ? 
# 
loop_
_chem_comp.id 
_chem_comp.type 
_chem_comp.mon_nstd_flag 
_chem_comp.name 
_chem_comp.pdbx_synonyms 
_chem_comp.formula 
_chem_comp.formula_weight 
ALA 'L-peptide linking' y ALANINE          ? 'C3 H7 N O2'     89.093  
ARG 'L-peptide linking' y ARGININE         ? 'C6 H15 N4 O2 1' 175.209 
ASN 'L-peptide linking' y ASPARAGINE       ? 'C4 H8 N2 O3'    132.118 
ASP 'L-peptide linking' y 'ASPARTIC ACID'  ? 'C4 H7 N O4'     133.103 
CSX 'L-peptide linking' n 'S-OXY CYSTEINE' ? 'C3 H7 N O3 S'   137.158 
CYS 'L-peptide linking' y CYSTEINE         ? 'C3 H7 N O2 S'   121.158 
GLN 'L-peptide linking' y GLUTAMINE        ? 'C5 H10 N2 O3'   146.144 
GLU 'L-peptide linking' y 'GLUTAMIC ACID'  ? 'C5 H9 N O4'     147.129 
GLY 'peptide linking'   y GLYCINE          ? 'C2 H5 N O2'     75.067  
HIS 'L-peptide linking' y HISTIDINE        ? 'C6 H10 N3 O2 1' 156.162 
HOH non-polymer         . WATER            ? 'H2 O'           18.015  
ILE 'L-peptide linking' y ISOLEUCINE       ? 'C6 H13 N O2'    131.173 
LEU 'L-peptide linking' y LEUCINE          ? 'C6 H13 N O2'    131.173 
LYS 'L-peptide linking' y LYSINE           ? 'C6 H15 N2 O2 1' 147.195 
MET 'L-peptide linking' y METHIONINE       ? 'C5 H11 N O2 S'  149.211 
PHE 'L-peptide linking' y PHENYLALANINE    ? 'C9 H11 N O2'    165.189 
PRO 'L-peptide linking' y PROLINE          ? 'C5 H9 N O2'     115.130 
SER 'L-peptide linking' y SERINE           ? 'C3 H7 N O3'     105.093 
THR 'L-peptide linking' y THREONINE        ? 'C4 H9 N O3'     119.119 
TRP 'L-peptide linking' y TRYPTOPHAN       ? 'C11 H12 N2 O2'  204.225 
TYR 'L-peptide linking' y TYROSINE         ? 'C9 H11 N O3'    181.189 
VAL 'L-peptide linking' y VALINE           ? 'C5 H11 N O2'    117.146 
# 
loop_
_pdbx_poly_seq_scheme.asym_id 
_pdbx_poly_seq_scheme.entity_id 
_pdbx_poly_seq_scheme.seq_id 
_pdbx_poly_seq_scheme.mon_id 
_pdbx_poly_seq_scheme.ndb_seq_num 
_pdbx_poly_seq_scheme.pdb_seq_num 
_pdbx_poly_seq_scheme.auth_seq_num 
_pdbx_poly_seq_scheme.pdb_mon_id 
_pdbx_poly_seq_scheme.auth_mon_id 
_pdbx_poly_seq_scheme.pdb_strand_id 
_pdbx_poly_seq_scheme.pdb_ins_code 
_pdbx_poly_seq_scheme.hetero 
A 1 1   MET 1   1   ?   ?   ?   A . n 
A 1 2   GLY 2   2   ?   ?   ?   A . n 
A 1 3   ALA 3   3   ?   ?   ?   A . n 
A 1 4   CYS 4   4   ?   ?   ?   A . n 
A 1 5   GLY 5   5   ?   ?   ?   A . n 
A 1 6   SER 6   6   ?   ?   ?   A . n 
A 1 7   LYS 7   7   ?   ?   ?   A . n 
A 1 8   GLY 8   8   ?   ?   ?   A . n 
A 1 9   SER 9   9   ?   ?   ?   A . n 
A 1 10  THR 10  10  ?   ?   ?   A . n 
A 1 11  SER 11  11  ?   ?   ?   A . n 
A 1 12  ASP 12  12  ?   ?   ?   A . n 
A 1 13  LYS 13  13  ?   ?   ?   A . n 
A 1 14  GLY 14  14  ?   ?   ?   A . n 
A 1 15  LEU 15  15  ?   ?   ?   A . n 
A 1 16  ALA 16  16  ?   ?   ?   A . n 
A 1 17  SER 17  17  17  SER SER A . n 
A 1 18  ASP 18  18  18  ASP ASP A . n 
A 1 19  LYS 19  19  19  LYS LYS A . n 
A 1 20  ASP 20  20  20  ASP ASP A . n 
A 1 21  GLY 21  21  21  GLY GLY A . n 
A 1 22  LYS 22  22  22  LYS LYS A . n 
A 1 23  LYS 23  23  23  LYS LYS A . n 
A 1 24  ALA 24  24  24  ALA ALA A . n 
A 1 25  LYS 25  25  25  LYS LYS A . n 
A 1 26  ASP 26  26  26  ASP ASP A . n 
A 1 27  ARG 27  27  27  ARG ARG A . n 
A 1 28  LYS 28  28  28  LYS LYS A . n 
A 1 29  GLU 29  29  29  GLU GLU A . n 
A 1 30  ALA 30  30  30  ALA ALA A . n 
A 1 31  TRP 31  31  31  TRP TRP A . n 
A 1 32  GLU 32  32  32  GLU GLU A . n 
A 1 33  ARG 33  33  33  ARG ARG A . n 
A 1 34  ILE 34  34  34  ILE ILE A . n 
A 1 35  ARG 35  35  35  ARG ARG A . n 
A 1 36  GLN 36  36  36  GLN GLN A . n 
A 1 37  ALA 37  37  37  ALA ALA A . n 
A 1 38  ILE 38  38  38  ILE ILE A . n 
A 1 39  PRO 39  39  39  PRO PRO A . n 
A 1 40  ARG 40  40  40  ARG ARG A . n 
A 1 41  GLU 41  41  41  GLU GLU A . n 
A 1 42  LYS 42  42  42  LYS LYS A . n 
A 1 43  THR 43  43  43  THR THR A . n 
A 1 44  ALA 44  44  44  ALA ALA A . n 
A 1 45  GLU 45  45  45  GLU GLU A . n 
A 1 46  ALA 46  46  46  ALA ALA A . n 
A 1 47  LYS 47  47  47  LYS LYS A . n 
A 1 48  GLN 48  48  48  GLN GLN A . n 
A 1 49  ARG 49  49  49  ARG ARG A . n 
A 1 50  ARG 50  50  50  ARG ARG A . n 
A 1 51  ILE 51  51  51  ILE ILE A . n 
A 1 52  GLU 52  52  52  GLU GLU A . n 
A 1 53  LEU 53  53  53  LEU LEU A . n 
A 1 54  PHE 54  54  54  PHE PHE A . n 
A 1 55  LYS 55  55  55  LYS LYS A . n 
A 1 56  LYS 56  56  56  LYS LYS A . n 
A 1 57  PHE 57  57  57  PHE PHE A . n 
A 1 58  ASP 58  58  58  ASP ASP A . n 
A 1 59  LYS 59  59  59  LYS LYS A . n 
A 1 60  ASN 60  60  60  ASN ASN A . n 
A 1 61  GLU 61  61  61  GLU GLU A . n 
A 1 62  THR 62  62  62  THR THR A . n 
A 1 63  GLY 63  63  63  GLY GLY A . n 
A 1 64  LYS 64  64  64  LYS LYS A . n 
A 1 65  LEU 65  65  65  LEU LEU A . n 
A 1 66  CSX 66  66  66  CSX CSX A . n 
A 1 67  TYR 67  67  67  TYR TYR A . n 
A 1 68  ASP 68  68  68  ASP ASP A . n 
A 1 69  GLU 69  69  69  GLU GLU A . n 
A 1 70  VAL 70  70  70  VAL VAL A . n 
A 1 71  TYR 71  71  71  TYR TYR A . n 
A 1 72  SER 72  72  72  SER SER A . n 
A 1 73  GLY 73  73  73  GLY GLY A . n 
A 1 74  CYS 74  74  74  CYS CYS A . n 
A 1 75  LEU 75  75  75  LEU LEU A . n 
A 1 76  GLU 76  76  76  GLU GLU A . n 
A 1 77  VAL 77  77  77  VAL VAL A . n 
A 1 78  LEU 78  78  78  LEU LEU A . n 
A 1 79  LYS 79  79  79  LYS LYS A . n 
A 1 80  LEU 80  80  80  LEU LEU A . n 
A 1 81  ASP 81  81  81  ASP ASP A . n 
A 1 82  GLU 82  82  82  GLU GLU A . n 
A 1 83  PHE 83  83  83  PHE PHE A . n 
A 1 84  THR 84  84  84  THR THR A . n 
A 1 85  SER 85  85  85  SER SER A . n 
A 1 86  ARG 86  86  86  ARG ARG A . n 
A 1 87  VAL 87  87  87  VAL VAL A . n 
A 1 88  ARG 88  88  88  ARG ARG A . n 
A 1 89  ASP 89  89  89  ASP ASP A . n 
A 1 90  ILE 90  90  90  ILE ILE A . n 
A 1 91  THR 91  91  91  THR THR A . n 
A 1 92  LYS 92  92  92  LYS LYS A . n 
A 1 93  ARG 93  93  93  ARG ARG A . n 
A 1 94  ALA 94  94  94  ALA ALA A . n 
A 1 95  PHE 95  95  95  PHE PHE A . n 
A 1 96  ASP 96  96  96  ASP ASP A . n 
A 1 97  LYS 97  97  97  LYS LYS A . n 
A 1 98  SER 98  98  98  SER SER A . n 
A 1 99  ARG 99  99  99  ARG ARG A . n 
A 1 100 THR 100 100 100 THR THR A . n 
A 1 101 LEU 101 101 101 LEU LEU A . n 
A 1 102 GLY 102 102 102 GLY GLY A . n 
A 1 103 SER 103 103 103 SER SER A . n 
A 1 104 LYS 104 104 104 LYS LYS A . n 
A 1 105 LEU 105 105 105 LEU LEU A . n 
A 1 106 GLU 106 106 106 GLU GLU A . n 
A 1 107 ASN 107 107 107 ASN ASN A . n 
A 1 108 LYS 108 108 108 LYS LYS A . n 
A 1 109 GLY 109 109 109 GLY GLY A . n 
A 1 110 SER 110 110 110 SER SER A . n 
A 1 111 GLU 111 111 111 GLU GLU A . n 
A 1 112 ASP 112 112 112 ASP ASP A . n 
A 1 113 PHE 113 113 113 PHE PHE A . n 
A 1 114 VAL 114 114 114 VAL VAL A . n 
A 1 115 GLU 115 115 115 GLU GLU A . n 
A 1 116 PHE 116 116 116 PHE PHE A . n 
A 1 117 LEU 117 117 117 LEU LEU A . n 
A 1 118 GLU 118 118 118 GLU GLU A . n 
A 1 119 PHE 119 119 119 PHE PHE A . n 
A 1 120 ARG 120 120 120 ARG ARG A . n 
A 1 121 LEU 121 121 121 LEU LEU A . n 
A 1 122 MET 122 122 122 MET MET A . n 
A 1 123 LEU 123 123 123 LEU LEU A . n 
A 1 124 CYS 124 124 124 CYS CYS A . n 
A 1 125 TYR 125 125 125 TYR TYR A . n 
A 1 126 ILE 126 126 126 ILE ILE A . n 
A 1 127 TYR 127 127 127 TYR TYR A . n 
A 1 128 ASP 128 128 128 ASP ASP A . n 
A 1 129 PHE 129 129 129 PHE PHE A . n 
A 1 130 PHE 130 130 130 PHE PHE A . n 
A 1 131 GLU 131 131 131 GLU GLU A . n 
A 1 132 LEU 132 132 132 LEU LEU A . n 
A 1 133 THR 133 133 133 THR THR A . n 
A 1 134 VAL 134 134 134 VAL VAL A . n 
A 1 135 MET 135 135 135 MET MET A . n 
A 1 136 PHE 136 136 136 PHE PHE A . n 
A 1 137 ASP 137 137 137 ASP ASP A . n 
A 1 138 GLU 138 138 138 GLU GLU A . n 
A 1 139 ILE 139 139 139 ILE ILE A . n 
A 1 140 ASP 140 140 140 ASP ASP A . n 
A 1 141 ALA 141 141 141 ALA ALA A . n 
A 1 142 SER 142 142 142 SER SER A . n 
A 1 143 GLY 143 143 143 GLY GLY A . n 
A 1 144 ASN 144 144 144 ASN ASN A . n 
A 1 145 MET 145 145 145 MET MET A . n 
A 1 146 LEU 146 146 146 LEU LEU A . n 
A 1 147 VAL 147 147 147 VAL VAL A . n 
A 1 148 ASP 148 148 148 ASP ASP A . n 
A 1 149 GLU 149 149 149 GLU GLU A . n 
A 1 150 GLU 150 150 150 GLU GLU A . n 
A 1 151 GLU 151 151 151 GLU GLU A . n 
A 1 152 PHE 152 152 152 PHE PHE A . n 
A 1 153 LYS 153 153 153 LYS LYS A . n 
A 1 154 ARG 154 154 154 ARG ARG A . n 
A 1 155 ALA 155 155 155 ALA ALA A . n 
A 1 156 VAL 156 156 156 VAL VAL A . n 
A 1 157 PRO 157 157 157 PRO PRO A . n 
A 1 158 LYS 158 158 158 LYS LYS A . n 
A 1 159 LEU 159 159 159 LEU LEU A . n 
A 1 160 GLU 160 160 160 GLU GLU A . n 
A 1 161 ALA 161 161 161 ALA ALA A . n 
A 1 162 TRP 162 162 162 TRP TRP A . n 
A 1 163 GLY 163 163 163 GLY GLY A . n 
A 1 164 ALA 164 164 164 ALA ALA A . n 
A 1 165 LYS 165 165 165 LYS LYS A . n 
A 1 166 VAL 166 166 166 VAL VAL A . n 
A 1 167 GLU 167 167 167 GLU GLU A . n 
A 1 168 ASP 168 168 168 ASP ASP A . n 
A 1 169 PRO 169 169 169 PRO PRO A . n 
A 1 170 ALA 170 170 170 ALA ALA A . n 
A 1 171 ALA 171 171 171 ALA ALA A . n 
A 1 172 LEU 172 172 172 LEU LEU A . n 
A 1 173 PHE 173 173 173 PHE PHE A . n 
A 1 174 LYS 174 174 174 LYS LYS A . n 
A 1 175 GLU 175 175 175 GLU GLU A . n 
A 1 176 LEU 176 176 176 LEU LEU A . n 
A 1 177 ASP 177 177 177 ASP ASP A . n 
A 1 178 LYS 178 178 178 LYS LYS A . n 
A 1 179 ASN 179 179 179 ASN ASN A . n 
A 1 180 GLY 180 180 180 GLY GLY A . n 
A 1 181 THR 181 181 181 THR THR A . n 
A 1 182 GLY 182 182 182 GLY GLY A . n 
A 1 183 SER 183 183 183 SER SER A . n 
A 1 184 VAL 184 184 184 VAL VAL A . n 
A 1 185 THR 185 185 185 THR THR A . n 
A 1 186 PHE 186 186 186 PHE PHE A . n 
A 1 187 ASP 187 187 187 ASP ASP A . n 
A 1 188 GLU 188 188 188 GLU GLU A . n 
A 1 189 PHE 189 189 189 PHE PHE A . n 
A 1 190 ALA 190 190 190 ALA ALA A . n 
A 1 191 ALA 191 191 191 ALA ALA A . n 
A 1 192 TRP 192 192 192 TRP TRP A . n 
A 1 193 ALA 193 193 193 ALA ALA A . n 
A 1 194 SER 194 194 194 SER SER A . n 
A 1 195 ALA 195 195 195 ALA ALA A . n 
A 1 196 VAL 196 196 196 VAL VAL A . n 
A 1 197 LYS 197 197 197 LYS LYS A . n 
A 1 198 LEU 198 198 198 LEU LEU A . n 
A 1 199 ASP 199 199 199 ASP ASP A . n 
A 1 200 ALA 200 200 200 ALA ALA A . n 
A 1 201 ASP 201 201 201 ASP ASP A . n 
A 1 202 GLY 202 202 202 GLY GLY A . n 
A 1 203 ASP 203 203 203 ASP ASP A . n 
A 1 204 PRO 204 204 204 PRO PRO A . n 
A 1 205 ASP 205 205 205 ASP ASP A . n 
A 1 206 ASN 206 206 206 ASN ASN A . n 
A 1 207 VAL 207 207 207 VAL VAL A . n 
A 1 208 PRO 208 208 208 PRO PRO A . n 
A 1 209 GLU 209 209 ?   ?   ?   A . n 
A 1 210 SER 210 210 ?   ?   ?   A . n 
A 1 211 ALA 211 211 ?   ?   ?   A . n 
A 1 212 LEU 212 212 ?   ?   ?   A . n 
A 1 213 GLU 213 213 ?   ?   ?   A . n 
A 1 214 HIS 214 214 ?   ?   ?   A . n 
A 1 215 HIS 215 215 ?   ?   ?   A . n 
A 1 216 HIS 216 216 ?   ?   ?   A . n 
A 1 217 HIS 217 217 ?   ?   ?   A . n 
A 1 218 HIS 218 218 ?   ?   ?   A . n 
A 1 219 HIS 219 219 ?   ?   ?   A . n 
# 
loop_
_pdbx_nonpoly_scheme.asym_id 
_pdbx_nonpoly_scheme.entity_id 
_pdbx_nonpoly_scheme.mon_id 
_pdbx_nonpoly_scheme.ndb_seq_num 
_pdbx_nonpoly_scheme.pdb_seq_num 
_pdbx_nonpoly_scheme.auth_seq_num 
_pdbx_nonpoly_scheme.pdb_mon_id 
_pdbx_nonpoly_scheme.auth_mon_id 
_pdbx_nonpoly_scheme.pdb_strand_id 
_pdbx_nonpoly_scheme.pdb_ins_code 
B 2 HOH 1  220 1  HOH HOH A . 
B 2 HOH 2  221 2  HOH HOH A . 
B 2 HOH 3  222 3  HOH HOH A . 
B 2 HOH 4  223 4  HOH HOH A . 
B 2 HOH 5  224 5  HOH HOH A . 
B 2 HOH 6  225 6  HOH HOH A . 
B 2 HOH 7  226 7  HOH HOH A . 
B 2 HOH 8  227 8  HOH HOH A . 
B 2 HOH 9  228 9  HOH HOH A . 
B 2 HOH 10 229 10 HOH HOH A . 
B 2 HOH 11 230 11 HOH HOH A . 
B 2 HOH 12 231 12 HOH HOH A . 
B 2 HOH 13 232 13 HOH HOH A . 
B 2 HOH 14 233 14 HOH HOH A . 
B 2 HOH 15 234 15 HOH HOH A . 
B 2 HOH 16 235 16 HOH HOH A . 
B 2 HOH 17 236 17 HOH HOH A . 
B 2 HOH 18 237 18 HOH HOH A . 
B 2 HOH 19 238 19 HOH HOH A . 
B 2 HOH 20 239 20 HOH HOH A . 
B 2 HOH 21 240 21 HOH HOH A . 
B 2 HOH 22 241 22 HOH HOH A . 
B 2 HOH 23 242 23 HOH HOH A . 
B 2 HOH 24 243 24 HOH HOH A . 
B 2 HOH 25 244 25 HOH HOH A . 
B 2 HOH 26 245 26 HOH HOH A . 
B 2 HOH 27 246 27 HOH HOH A . 
B 2 HOH 28 247 28 HOH HOH A . 
B 2 HOH 29 248 29 HOH HOH A . 
B 2 HOH 30 249 30 HOH HOH A . 
B 2 HOH 31 250 31 HOH HOH A . 
B 2 HOH 32 251 32 HOH HOH A . 
B 2 HOH 33 252 33 HOH HOH A . 
B 2 HOH 34 253 34 HOH HOH A . 
B 2 HOH 35 254 35 HOH HOH A . 
B 2 HOH 36 255 36 HOH HOH A . 
B 2 HOH 37 256 37 HOH HOH A . 
B 2 HOH 38 257 38 HOH HOH A . 
B 2 HOH 39 258 39 HOH HOH A . 
B 2 HOH 40 259 40 HOH HOH A . 
B 2 HOH 41 260 41 HOH HOH A . 
B 2 HOH 42 261 42 HOH HOH A . 
B 2 HOH 43 262 43 HOH HOH A . 
B 2 HOH 44 263 44 HOH HOH A . 
B 2 HOH 45 264 45 HOH HOH A . 
B 2 HOH 46 265 46 HOH HOH A . 
B 2 HOH 47 266 47 HOH HOH A . 
B 2 HOH 48 267 48 HOH HOH A . 
B 2 HOH 49 268 49 HOH HOH A . 
B 2 HOH 50 269 50 HOH HOH A . 
B 2 HOH 51 270 51 HOH HOH A . 
B 2 HOH 52 271 52 HOH HOH A . 
B 2 HOH 53 272 53 HOH HOH A . 
B 2 HOH 54 273 54 HOH HOH A . 
B 2 HOH 55 274 55 HOH HOH A . 
B 2 HOH 56 275 56 HOH HOH A . 
B 2 HOH 57 276 57 HOH HOH A . 
B 2 HOH 58 277 58 HOH HOH A . 
B 2 HOH 59 278 59 HOH HOH A . 
B 2 HOH 60 279 60 HOH HOH A . 
B 2 HOH 61 280 61 HOH HOH A . 
B 2 HOH 62 281 62 HOH HOH A . 
B 2 HOH 63 282 63 HOH HOH A . 
B 2 HOH 64 283 64 HOH HOH A . 
B 2 HOH 65 284 65 HOH HOH A . 
# 
loop_
_software.name 
_software.version 
_software.date 
_software.type 
_software.contact_author 
_software.contact_author_email 
_software.classification 
_software.location 
_software.language 
_software.citation_id 
_software.pdbx_ordinal 
d*TREK      9.1SSI 'Mar 19 2004'        package 'Pflugrath, J.W.'  jwp@RigakuMSC.com            'data scaling'    
http://www.msc.com/protein/dtrek.html ?          ? 1 
SHELX       .      ?                    package 'George Sheldrick' gsheldr@shelx.uni-ac.gwdg.de phasing           
http://shelx.uni-ac.gwdg.de/SHELX/    Fortran_77 ? 2 
REFMAC      .      ?                    program 'Murshudov, G.N.'  ccp4@dl.ac.uk                refinement        
http://www.ccp4.ac.uk/main.html       Fortran_77 ? 3 
PDB_EXTRACT 3.005  'September 10, 2007' package PDB                sw-help@rcsb.rutgers.edu     'data extraction' 
http://pdb.rutgers.edu/software/      C++        ? 4 
SHELXD      .      ?                    ?       ?                  ?                            phasing           ? ?          ? 5 
# 
_cell.entry_id           3CS1 
_cell.length_a           32.910 
_cell.length_b           37.670 
_cell.length_c           141.330 
_cell.angle_alpha        90.00 
_cell.angle_beta         90.00 
_cell.angle_gamma        90.00 
_cell.Z_PDB              4 
_cell.pdbx_unique_axis   ? 
_cell.length_a_esd       ? 
_cell.length_b_esd       ? 
_cell.length_c_esd       ? 
_cell.angle_alpha_esd    ? 
_cell.angle_beta_esd     ? 
_cell.angle_gamma_esd    ? 
# 
_symmetry.entry_id                         3CS1 
_symmetry.space_group_name_H-M             'P 21 21 21' 
_symmetry.pdbx_full_space_group_name_H-M   ? 
_symmetry.cell_setting                     ? 
_symmetry.Int_Tables_number                19 
_symmetry.space_group_name_Hall            ? 
# 
_exptl.entry_id          3CS1 
_exptl.method            'X-RAY DIFFRACTION' 
_exptl.crystals_number   1 
# 
_exptl_crystal.id                    1 
_exptl_crystal.density_meas          ? 
_exptl_crystal.density_Matthews      1.76 
_exptl_crystal.density_percent_sol   29.92 
_exptl_crystal.description           ? 
_exptl_crystal.F_000                 ? 
_exptl_crystal.preparation           ? 
# 
_exptl_crystal_grow.crystal_id      1 
_exptl_crystal_grow.method          ? 
_exptl_crystal_grow.temp            298 
_exptl_crystal_grow.temp_details    ? 
_exptl_crystal_grow.pH              6.00 
_exptl_crystal_grow.pdbx_details    
;well solution: 2.88M ammonium sulfate, 0.09M MES pH 6.0, 0.075 magnesium chloride, 0.01M sodium acetate pH 4.6., hanging drop vapor diffusion, temperature 298K, pH 6.00
;
_exptl_crystal_grow.pdbx_pH_range   . 
# 
_diffrn.id                     1 
_diffrn.ambient_temp           105.0 
_diffrn.ambient_temp_details   ? 
_diffrn.crystal_id             1 
# 
_diffrn_detector.diffrn_id              1 
_diffrn_detector.detector               'IMAGE PLATE' 
_diffrn_detector.type                   'RIGAKU RAXIS IV++' 
_diffrn_detector.pdbx_collection_date   2005-01-01 
_diffrn_detector.details                ? 
# 
_diffrn_radiation.diffrn_id                        1 
_diffrn_radiation.wavelength_id                    1 
_diffrn_radiation.pdbx_monochromatic_or_laue_m_l   M 
_diffrn_radiation.monochromator                    'MSC BLUE CONFOCAL OPTICS' 
_diffrn_radiation.pdbx_diffrn_protocol             'SINGLE WAVELENGTH' 
_diffrn_radiation.pdbx_scattering_type             x-ray 
# 
_diffrn_radiation_wavelength.id           1 
_diffrn_radiation_wavelength.wavelength   1.5418 
_diffrn_radiation_wavelength.wt           1.0 
# 
_diffrn_source.diffrn_id                   1 
_diffrn_source.source                      'ROTATING ANODE' 
_diffrn_source.type                        'RIGAKU MICROMAX-007' 
_diffrn_source.pdbx_synchrotron_site       ? 
_diffrn_source.pdbx_synchrotron_beamline   ? 
_diffrn_source.pdbx_wavelength             1.5418 
_diffrn_source.pdbx_wavelength_list        ? 
# 
_reflns.entry_id                     3CS1 
_reflns.observed_criterion_sigma_I   ? 
_reflns.observed_criterion_sigma_F   ? 
_reflns.d_resolution_low             29.840 
_reflns.d_resolution_high            2.000 
_reflns.number_obs                   12558 
_reflns.number_all                   ? 
_reflns.percent_possible_obs         99.8 
_reflns.pdbx_Rmerge_I_obs            ? 
_reflns.pdbx_Rsym_value              ? 
_reflns.pdbx_netI_over_sigmaI        ? 
_reflns.B_iso_Wilson_estimate        ? 
_reflns.pdbx_redundancy              ? 
_reflns.R_free_details               ? 
_reflns.limit_h_max                  ? 
_reflns.limit_h_min                  ? 
_reflns.limit_k_max                  ? 
_reflns.limit_k_min                  ? 
_reflns.limit_l_max                  ? 
_reflns.limit_l_min                  ? 
_reflns.observed_criterion_F_max     ? 
_reflns.observed_criterion_F_min     ? 
_reflns.pdbx_chi_squared             ? 
_reflns.pdbx_scaling_rejects         ? 
_reflns.pdbx_ordinal                 1 
_reflns.pdbx_diffrn_id               1 
# 
_reflns_shell.d_res_high             2.00 
_reflns_shell.d_res_low              2.07 
_reflns_shell.percent_possible_all   97.9 
_reflns_shell.Rmerge_I_obs           0.30800 
_reflns_shell.pdbx_Rsym_value        ? 
_reflns_shell.meanI_over_sigI_obs    4.100 
_reflns_shell.pdbx_redundancy        ? 
_reflns_shell.percent_possible_obs   ? 
_reflns_shell.number_unique_all      ? 
_reflns_shell.number_measured_all    ? 
_reflns_shell.number_measured_obs    ? 
_reflns_shell.number_unique_obs      ? 
_reflns_shell.pdbx_chi_squared       ? 
_reflns_shell.pdbx_ordinal           1 
_reflns_shell.pdbx_diffrn_id         1 
# 
_refine.entry_id                                 3CS1 
_refine.ls_number_reflns_obs                     12496 
_refine.ls_number_reflns_all                     ? 
_refine.pdbx_ls_sigma_I                          ? 
_refine.pdbx_ls_sigma_F                          ? 
_refine.pdbx_data_cutoff_high_absF               ? 
_refine.pdbx_data_cutoff_low_absF                ? 
_refine.pdbx_data_cutoff_high_rms_absF           ? 
_refine.ls_d_res_low                             20.00 
_refine.ls_d_res_high                            2.00 
_refine.ls_percent_reflns_obs                    99.8 
_refine.ls_R_factor_obs                          0.216 
_refine.ls_R_factor_all                          ? 
_refine.ls_R_factor_R_work                       0.212 
_refine.ls_R_factor_R_free                       0.288 
_refine.ls_R_factor_R_free_error                 ? 
_refine.ls_R_factor_R_free_error_details         ? 
_refine.ls_percent_reflns_R_free                 4.800 
_refine.ls_number_reflns_R_free                  600 
_refine.ls_number_parameters                     ? 
_refine.ls_number_restraints                     ? 
_refine.occupancy_min                            ? 
_refine.occupancy_max                            ? 
_refine.correlation_coeff_Fo_to_Fc               0.949 
_refine.correlation_coeff_Fo_to_Fc_free          0.904 
_refine.B_iso_mean                               31.00 
_refine.aniso_B[1][1]                            -0.59000 
_refine.aniso_B[2][2]                            2.05000 
_refine.aniso_B[3][3]                            -1.46000 
_refine.aniso_B[1][2]                            0.00000 
_refine.aniso_B[1][3]                            0.00000 
_refine.aniso_B[2][3]                            0.00000 
_refine.solvent_model_details                    'BABINET MODEL WITH MASK' 
_refine.solvent_model_param_ksol                 ? 
_refine.solvent_model_param_bsol                 ? 
_refine.pdbx_solvent_vdw_probe_radii             ? 
_refine.pdbx_solvent_ion_probe_radii             ? 
_refine.pdbx_solvent_shrinkage_radii             ? 
_refine.pdbx_ls_cross_valid_method               ? 
_refine.details                                  ? 
_refine.pdbx_starting_model                      ? 
_refine.pdbx_method_to_determine_struct          SAD 
_refine.pdbx_isotropic_thermal_model             ? 
_refine.pdbx_stereochemistry_target_values       'MAXIMUM LIKELIHOOD' 
_refine.pdbx_stereochem_target_val_spec_case     ? 
_refine.pdbx_R_Free_selection_details            ? 
_refine.pdbx_overall_ESU_R                       ? 
_refine.pdbx_overall_ESU_R_Free                  ? 
_refine.overall_SU_ML                            0.179 
_refine.pdbx_overall_phase_error                 ? 
_refine.overall_SU_B                             12.718 
_refine.ls_redundancy_reflns_obs                 ? 
_refine.B_iso_min                                ? 
_refine.B_iso_max                                ? 
_refine.overall_SU_R_Cruickshank_DPI             ? 
_refine.overall_SU_R_free                        ? 
_refine.ls_wR_factor_R_free                      ? 
_refine.ls_wR_factor_R_work                      ? 
_refine.overall_FOM_free_R_set                   ? 
_refine.overall_FOM_work_R_set                   ? 
_refine.pdbx_refine_id                           'X-RAY DIFFRACTION' 
_refine.pdbx_TLS_residual_ADP_flag               'LIKELY RESIDUAL' 
_refine.pdbx_diffrn_id                           1 
_refine.pdbx_overall_SU_R_free_Cruickshank_DPI   ? 
_refine.pdbx_overall_SU_R_Blow_DPI               ? 
_refine.pdbx_overall_SU_R_free_Blow_DPI          ? 
# 
_refine_hist.pdbx_refine_id                   'X-RAY DIFFRACTION' 
_refine_hist.cycle_id                         LAST 
_refine_hist.pdbx_number_atoms_protein        1556 
_refine_hist.pdbx_number_atoms_nucleic_acid   0 
_refine_hist.pdbx_number_atoms_ligand         0 
_refine_hist.number_atoms_solvent             65 
_refine_hist.number_atoms_total               1621 
_refine_hist.d_res_high                       2.00 
_refine_hist.d_res_low                        20.00 
# 
loop_
_refine_ls_restr.type 
_refine_ls_restr.dev_ideal 
_refine_ls_restr.dev_ideal_target 
_refine_ls_restr.weight 
_refine_ls_restr.number 
_refine_ls_restr.pdbx_refine_id 
_refine_ls_restr.pdbx_restraint_function 
r_bond_refined_d             0.019  0.022  ? 1665 'X-RAY DIFFRACTION' ? 
r_bond_other_d               ?      ?      ? ?    'X-RAY DIFFRACTION' ? 
r_angle_refined_deg          1.741  1.973  ? 2246 'X-RAY DIFFRACTION' ? 
r_angle_other_deg            ?      ?      ? ?    'X-RAY DIFFRACTION' ? 
r_dihedral_angle_1_deg       5.188  5.000  ? 211  'X-RAY DIFFRACTION' ? 
r_dihedral_angle_2_deg       36.730 24.396 ? 91   'X-RAY DIFFRACTION' ? 
r_dihedral_angle_3_deg       18.151 15.000 ? 328  'X-RAY DIFFRACTION' ? 
r_dihedral_angle_4_deg       19.374 15.000 ? 15   'X-RAY DIFFRACTION' ? 
r_chiral_restr               0.113  0.200  ? 234  'X-RAY DIFFRACTION' ? 
r_gen_planes_refined         0.007  0.020  ? 1283 'X-RAY DIFFRACTION' ? 
r_gen_planes_other           ?      ?      ? ?    'X-RAY DIFFRACTION' ? 
r_nbd_refined                0.218  0.200  ? 812  'X-RAY DIFFRACTION' ? 
r_nbd_other                  ?      ?      ? ?    'X-RAY DIFFRACTION' ? 
r_nbtor_refined              0.311  0.200  ? 1152 'X-RAY DIFFRACTION' ? 
r_nbtor_other                ?      ?      ? ?    'X-RAY DIFFRACTION' ? 
r_xyhbond_nbd_refined        0.188  0.200  ? 99   'X-RAY DIFFRACTION' ? 
r_xyhbond_nbd_other          ?      ?      ? ?    'X-RAY DIFFRACTION' ? 
r_metal_ion_refined          ?      ?      ? ?    'X-RAY DIFFRACTION' ? 
r_metal_ion_other            ?      ?      ? ?    'X-RAY DIFFRACTION' ? 
r_symmetry_vdw_refined       0.228  0.200  ? 52   'X-RAY DIFFRACTION' ? 
r_symmetry_vdw_other         ?      ?      ? ?    'X-RAY DIFFRACTION' ? 
r_symmetry_hbond_refined     0.274  0.200  ? 20   'X-RAY DIFFRACTION' ? 
r_symmetry_hbond_other       ?      ?      ? ?    'X-RAY DIFFRACTION' ? 
r_symmetry_metal_ion_refined ?      ?      ? ?    'X-RAY DIFFRACTION' ? 
r_symmetry_metal_ion_other   ?      ?      ? ?    'X-RAY DIFFRACTION' ? 
r_mcbond_it                  0.971  1.500  ? 1018 'X-RAY DIFFRACTION' ? 
r_mcbond_other               ?      ?      ? ?    'X-RAY DIFFRACTION' ? 
r_mcangle_it                 1.434  2.000  ? 1592 'X-RAY DIFFRACTION' ? 
r_scbond_it                  2.497  3.000  ? 729  'X-RAY DIFFRACTION' ? 
r_scangle_it                 3.652  4.500  ? 643  'X-RAY DIFFRACTION' ? 
r_rigid_bond_restr           ?      ?      ? ?    'X-RAY DIFFRACTION' ? 
r_sphericity_free            ?      ?      ? ?    'X-RAY DIFFRACTION' ? 
r_sphericity_bonded          ?      ?      ? ?    'X-RAY DIFFRACTION' ? 
# 
_refine_ls_shell.pdbx_total_number_of_bins_used   ? 
_refine_ls_shell.d_res_high                       2.00 
_refine_ls_shell.d_res_low                        2.11 
_refine_ls_shell.number_reflns_R_work             1683 
_refine_ls_shell.R_factor_R_work                  0.2510 
_refine_ls_shell.percent_reflns_obs               99.83 
_refine_ls_shell.R_factor_R_free                  0.3310 
_refine_ls_shell.R_factor_R_free_error            ? 
_refine_ls_shell.percent_reflns_R_free            ? 
_refine_ls_shell.number_reflns_R_free             96 
_refine_ls_shell.number_reflns_all                ? 
_refine_ls_shell.R_factor_all                     ? 
_refine_ls_shell.redundancy_reflns_obs            ? 
_refine_ls_shell.number_reflns_obs                ? 
_refine_ls_shell.pdbx_refine_id                   'X-RAY DIFFRACTION' 
# 
_struct.entry_id                  3CS1 
_struct.title                     'Flagellar Calcium-binding Protein (FCaBP) from T. cruzi' 
_struct.pdbx_model_details        ? 
_struct.pdbx_CASP_flag            ? 
_struct.pdbx_model_type_details   ? 
# 
_struct_keywords.entry_id        3CS1 
_struct_keywords.text            
;flagella, calcium-binding, myristoylated, palmitoylated, sensor, membrane targeting, EF-hand, Cell projection, Cilium, Flagellum, METAL BINDING PROTEIN
;
_struct_keywords.pdbx_keywords   'METAL BINDING PROTEIN' 
# 
loop_
_struct_asym.id 
_struct_asym.pdbx_blank_PDB_chainid_flag 
_struct_asym.pdbx_modified 
_struct_asym.entity_id 
_struct_asym.details 
A N N 1 ? 
B N N 2 ? 
# 
_struct_ref.id                         1 
_struct_ref.db_name                    UNP 
_struct_ref.db_code                    FCA1_TRYCR 
_struct_ref.pdbx_db_accession          P07749 
_struct_ref.entity_id                  1 
_struct_ref.pdbx_seq_one_letter_code   
;MGACGSKGSTSDKGLASDKDGKKAKDRKEAWERIRQAIPREKTAEAKQRRIELFKKFDKNETGKLCYDEVHSGCLEVLKL
DEFTPRVRDITKRAFDKARALGSKLENKGSEDFVEFLEFRLMLCYIYDFFELTVMFDEIDASGNMLVDEEELKRAVPKLE
AWGAKVEDPAALFKELDKNGTGSVTFDEFAAWASAVKLDADGDPDNVPESA
;
_struct_ref.pdbx_align_begin           1 
_struct_ref.pdbx_db_isoform            ? 
# 
_struct_ref_seq.align_id                      1 
_struct_ref_seq.ref_id                        1 
_struct_ref_seq.pdbx_PDB_id_code              3CS1 
_struct_ref_seq.pdbx_strand_id                A 
_struct_ref_seq.seq_align_beg                 1 
_struct_ref_seq.pdbx_seq_align_beg_ins_code   ? 
_struct_ref_seq.seq_align_end                 211 
_struct_ref_seq.pdbx_seq_align_end_ins_code   ? 
_struct_ref_seq.pdbx_db_accession             P07749 
_struct_ref_seq.db_align_beg                  1 
_struct_ref_seq.pdbx_db_align_beg_ins_code    ? 
_struct_ref_seq.db_align_end                  211 
_struct_ref_seq.pdbx_db_align_end_ins_code    ? 
_struct_ref_seq.pdbx_auth_seq_align_beg       1 
_struct_ref_seq.pdbx_auth_seq_align_end       211 
# 
loop_
_struct_ref_seq_dif.align_id 
_struct_ref_seq_dif.pdbx_pdb_id_code 
_struct_ref_seq_dif.mon_id 
_struct_ref_seq_dif.pdbx_pdb_strand_id 
_struct_ref_seq_dif.seq_num 
_struct_ref_seq_dif.pdbx_pdb_ins_code 
_struct_ref_seq_dif.pdbx_seq_db_name 
_struct_ref_seq_dif.pdbx_seq_db_accession_code 
_struct_ref_seq_dif.db_mon_id 
_struct_ref_seq_dif.pdbx_seq_db_seq_num 
_struct_ref_seq_dif.details 
_struct_ref_seq_dif.pdbx_auth_seq_num 
_struct_ref_seq_dif.pdbx_ordinal 
1 3CS1 TYR A 71  ? UNP P07749 HIS 71  variant          71  1  
1 3CS1 SER A 85  ? UNP P07749 PRO 85  variant          85  2  
1 3CS1 SER A 98  ? UNP P07749 ALA 98  variant          98  3  
1 3CS1 THR A 100 ? UNP P07749 ALA 100 variant          100 4  
1 3CS1 PHE A 152 ? UNP P07749 LEU 152 variant          152 5  
1 3CS1 LEU A 212 ? UNP P07749 ?   ?   'expression tag' 212 6  
1 3CS1 GLU A 213 ? UNP P07749 ?   ?   'expression tag' 213 7  
1 3CS1 HIS A 214 ? UNP P07749 ?   ?   'expression tag' 214 8  
1 3CS1 HIS A 215 ? UNP P07749 ?   ?   'expression tag' 215 9  
1 3CS1 HIS A 216 ? UNP P07749 ?   ?   'expression tag' 216 10 
1 3CS1 HIS A 217 ? UNP P07749 ?   ?   'expression tag' 217 11 
1 3CS1 HIS A 218 ? UNP P07749 ?   ?   'expression tag' 218 12 
1 3CS1 HIS A 219 ? UNP P07749 ?   ?   'expression tag' 219 13 
# 
_pdbx_struct_assembly.id                   1 
_pdbx_struct_assembly.details              author_and_software_defined_assembly 
_pdbx_struct_assembly.method_details       PISA 
_pdbx_struct_assembly.oligomeric_details   monomeric 
_pdbx_struct_assembly.oligomeric_count     1 
# 
_pdbx_struct_assembly_gen.assembly_id       1 
_pdbx_struct_assembly_gen.oper_expression   1 
_pdbx_struct_assembly_gen.asym_id_list      A,B 
# 
_pdbx_struct_oper_list.id                   1 
_pdbx_struct_oper_list.type                 'identity operation' 
_pdbx_struct_oper_list.name                 1_555 
_pdbx_struct_oper_list.symmetry_operation   x,y,z 
_pdbx_struct_oper_list.matrix[1][1]         1.0000000000 
_pdbx_struct_oper_list.matrix[1][2]         0.0000000000 
_pdbx_struct_oper_list.matrix[1][3]         0.0000000000 
_pdbx_struct_oper_list.vector[1]            0.0000000000 
_pdbx_struct_oper_list.matrix[2][1]         0.0000000000 
_pdbx_struct_oper_list.matrix[2][2]         1.0000000000 
_pdbx_struct_oper_list.matrix[2][3]         0.0000000000 
_pdbx_struct_oper_list.vector[2]            0.0000000000 
_pdbx_struct_oper_list.matrix[3][1]         0.0000000000 
_pdbx_struct_oper_list.matrix[3][2]         0.0000000000 
_pdbx_struct_oper_list.matrix[3][3]         1.0000000000 
_pdbx_struct_oper_list.vector[3]            0.0000000000 
# 
_struct_biol.id        1 
_struct_biol.details   ? 
# 
loop_
_struct_conf.conf_type_id 
_struct_conf.id 
_struct_conf.pdbx_PDB_helix_id 
_struct_conf.beg_label_comp_id 
_struct_conf.beg_label_asym_id 
_struct_conf.beg_label_seq_id 
_struct_conf.pdbx_beg_PDB_ins_code 
_struct_conf.end_label_comp_id 
_struct_conf.end_label_asym_id 
_struct_conf.end_label_seq_id 
_struct_conf.pdbx_end_PDB_ins_code 
_struct_conf.beg_auth_comp_id 
_struct_conf.beg_auth_asym_id 
_struct_conf.beg_auth_seq_id 
_struct_conf.end_auth_comp_id 
_struct_conf.end_auth_asym_id 
_struct_conf.end_auth_seq_id 
_struct_conf.pdbx_PDB_helix_class 
_struct_conf.details 
_struct_conf.pdbx_PDB_helix_length 
HELX_P HELX_P1 1 LYS A 23  ? ILE A 38  ? LYS A 23  ILE A 38  1 ? 16 
HELX_P HELX_P2 2 THR A 43  ? ASP A 58  ? THR A 43  ASP A 58  1 ? 16 
HELX_P HELX_P3 3 CSX A 66  ? VAL A 77  ? CSX A 66  VAL A 77  1 ? 12 
HELX_P HELX_P4 4 LYS A 79  ? PHE A 83  ? LYS A 79  PHE A 83  5 ? 5  
HELX_P HELX_P5 5 ARG A 86  ? ASN A 107 ? ARG A 86  ASN A 107 1 ? 22 
HELX_P HELX_P6 6 GLU A 115 ? GLU A 138 ? GLU A 115 GLU A 138 1 ? 24 
HELX_P HELX_P7 7 GLU A 149 ? GLY A 163 ? GLU A 149 GLY A 163 1 ? 15 
HELX_P HELX_P8 8 ASP A 168 ? ASP A 177 ? ASP A 168 ASP A 177 1 ? 10 
HELX_P HELX_P9 9 PHE A 186 ? GLY A 202 ? PHE A 186 GLY A 202 1 ? 17 
# 
_struct_conf_type.id          HELX_P 
_struct_conf_type.criteria    ? 
_struct_conf_type.reference   ? 
# 
loop_
_struct_conn.id 
_struct_conn.conn_type_id 
_struct_conn.pdbx_leaving_atom_flag 
_struct_conn.pdbx_PDB_id 
_struct_conn.ptnr1_label_asym_id 
_struct_conn.ptnr1_label_comp_id 
_struct_conn.ptnr1_label_seq_id 
_struct_conn.ptnr1_label_atom_id 
_struct_conn.pdbx_ptnr1_label_alt_id 
_struct_conn.pdbx_ptnr1_PDB_ins_code 
_struct_conn.pdbx_ptnr1_standard_comp_id 
_struct_conn.ptnr1_symmetry 
_struct_conn.ptnr2_label_asym_id 
_struct_conn.ptnr2_label_comp_id 
_struct_conn.ptnr2_label_seq_id 
_struct_conn.ptnr2_label_atom_id 
_struct_conn.pdbx_ptnr2_label_alt_id 
_struct_conn.pdbx_ptnr2_PDB_ins_code 
_struct_conn.ptnr1_auth_asym_id 
_struct_conn.ptnr1_auth_comp_id 
_struct_conn.ptnr1_auth_seq_id 
_struct_conn.ptnr2_auth_asym_id 
_struct_conn.ptnr2_auth_comp_id 
_struct_conn.ptnr2_auth_seq_id 
_struct_conn.ptnr2_symmetry 
_struct_conn.pdbx_ptnr3_label_atom_id 
_struct_conn.pdbx_ptnr3_label_seq_id 
_struct_conn.pdbx_ptnr3_label_comp_id 
_struct_conn.pdbx_ptnr3_label_asym_id 
_struct_conn.pdbx_ptnr3_label_alt_id 
_struct_conn.pdbx_ptnr3_PDB_ins_code 
_struct_conn.details 
_struct_conn.pdbx_dist_value 
_struct_conn.pdbx_value_order 
_struct_conn.pdbx_role 
covale1 covale both ? A LEU 65 C ? ? ? 1_555 A CSX 66 N ? ? A LEU 65 A CSX 66 1_555 ? ? ? ? ? ? ? 1.324 ? ? 
covale2 covale both ? A CSX 66 C ? ? ? 1_555 A TYR 67 N ? ? A CSX 66 A TYR 67 1_555 ? ? ? ? ? ? ? 1.330 ? ? 
# 
_struct_conn_type.id          covale 
_struct_conn_type.criteria    ? 
_struct_conn_type.reference   ? 
# 
_pdbx_modification_feature.ordinal                            1 
_pdbx_modification_feature.label_comp_id                      CSX 
_pdbx_modification_feature.label_asym_id                      A 
_pdbx_modification_feature.label_seq_id                       66 
_pdbx_modification_feature.label_alt_id                       ? 
_pdbx_modification_feature.modified_residue_label_comp_id     . 
_pdbx_modification_feature.modified_residue_label_asym_id     . 
_pdbx_modification_feature.modified_residue_label_seq_id      . 
_pdbx_modification_feature.modified_residue_label_alt_id      . 
_pdbx_modification_feature.auth_comp_id                       CSX 
_pdbx_modification_feature.auth_asym_id                       A 
_pdbx_modification_feature.auth_seq_id                        66 
_pdbx_modification_feature.PDB_ins_code                       ? 
_pdbx_modification_feature.symmetry                           1_555 
_pdbx_modification_feature.modified_residue_auth_comp_id      . 
_pdbx_modification_feature.modified_residue_auth_asym_id      . 
_pdbx_modification_feature.modified_residue_auth_seq_id       . 
_pdbx_modification_feature.modified_residue_PDB_ins_code      . 
_pdbx_modification_feature.modified_residue_symmetry          . 
_pdbx_modification_feature.comp_id_linking_atom               . 
_pdbx_modification_feature.modified_residue_id_linking_atom   . 
_pdbx_modification_feature.modified_residue_id                CYS 
_pdbx_modification_feature.ref_pcm_id                         1 
_pdbx_modification_feature.ref_comp_id                        CSX 
_pdbx_modification_feature.type                               Oxidation 
_pdbx_modification_feature.category                           'Named protein modification' 
# 
_struct_mon_prot_cis.pdbx_id                1 
_struct_mon_prot_cis.label_comp_id          VAL 
_struct_mon_prot_cis.label_seq_id           207 
_struct_mon_prot_cis.label_asym_id          A 
_struct_mon_prot_cis.label_alt_id           . 
_struct_mon_prot_cis.pdbx_PDB_ins_code      ? 
_struct_mon_prot_cis.auth_comp_id           VAL 
_struct_mon_prot_cis.auth_seq_id            207 
_struct_mon_prot_cis.auth_asym_id           A 
_struct_mon_prot_cis.pdbx_label_comp_id_2   PRO 
_struct_mon_prot_cis.pdbx_label_seq_id_2    208 
_struct_mon_prot_cis.pdbx_label_asym_id_2   A 
_struct_mon_prot_cis.pdbx_PDB_ins_code_2    ? 
_struct_mon_prot_cis.pdbx_auth_comp_id_2    PRO 
_struct_mon_prot_cis.pdbx_auth_seq_id_2     208 
_struct_mon_prot_cis.pdbx_auth_asym_id_2    A 
_struct_mon_prot_cis.pdbx_PDB_model_num     1 
_struct_mon_prot_cis.pdbx_omega_angle       -2.22 
# 
_struct_sheet.id               A 
_struct_sheet.type             ? 
_struct_sheet.number_strands   2 
_struct_sheet.details          ? 
# 
_struct_sheet_order.sheet_id     A 
_struct_sheet_order.range_id_1   1 
_struct_sheet_order.range_id_2   2 
_struct_sheet_order.offset       ? 
_struct_sheet_order.sense        anti-parallel 
# 
loop_
_struct_sheet_range.sheet_id 
_struct_sheet_range.id 
_struct_sheet_range.beg_label_comp_id 
_struct_sheet_range.beg_label_asym_id 
_struct_sheet_range.beg_label_seq_id 
_struct_sheet_range.pdbx_beg_PDB_ins_code 
_struct_sheet_range.end_label_comp_id 
_struct_sheet_range.end_label_asym_id 
_struct_sheet_range.end_label_seq_id 
_struct_sheet_range.pdbx_end_PDB_ins_code 
_struct_sheet_range.beg_auth_comp_id 
_struct_sheet_range.beg_auth_asym_id 
_struct_sheet_range.beg_auth_seq_id 
_struct_sheet_range.end_auth_comp_id 
_struct_sheet_range.end_auth_asym_id 
_struct_sheet_range.end_auth_seq_id 
A 1 LEU A 146 ? ASP A 148 ? LEU A 146 ASP A 148 
A 2 SER A 183 ? THR A 185 ? SER A 183 THR A 185 
# 
_pdbx_struct_sheet_hbond.sheet_id                A 
_pdbx_struct_sheet_hbond.range_id_1              1 
_pdbx_struct_sheet_hbond.range_id_2              2 
_pdbx_struct_sheet_hbond.range_1_label_atom_id   N 
_pdbx_struct_sheet_hbond.range_1_label_comp_id   VAL 
_pdbx_struct_sheet_hbond.range_1_label_asym_id   A 
_pdbx_struct_sheet_hbond.range_1_label_seq_id    147 
_pdbx_struct_sheet_hbond.range_1_PDB_ins_code    ? 
_pdbx_struct_sheet_hbond.range_1_auth_atom_id    N 
_pdbx_struct_sheet_hbond.range_1_auth_comp_id    VAL 
_pdbx_struct_sheet_hbond.range_1_auth_asym_id    A 
_pdbx_struct_sheet_hbond.range_1_auth_seq_id     147 
_pdbx_struct_sheet_hbond.range_2_label_atom_id   O 
_pdbx_struct_sheet_hbond.range_2_label_comp_id   VAL 
_pdbx_struct_sheet_hbond.range_2_label_asym_id   A 
_pdbx_struct_sheet_hbond.range_2_label_seq_id    184 
_pdbx_struct_sheet_hbond.range_2_PDB_ins_code    ? 
_pdbx_struct_sheet_hbond.range_2_auth_atom_id    O 
_pdbx_struct_sheet_hbond.range_2_auth_comp_id    VAL 
_pdbx_struct_sheet_hbond.range_2_auth_asym_id    A 
_pdbx_struct_sheet_hbond.range_2_auth_seq_id     184 
# 
_pdbx_entry_details.entry_id                   3CS1 
_pdbx_entry_details.compound_details           ? 
_pdbx_entry_details.source_details             ? 
_pdbx_entry_details.nonpolymer_details         ? 
_pdbx_entry_details.sequence_details           ? 
_pdbx_entry_details.has_ligand_of_interest     ? 
_pdbx_entry_details.has_protein_modification   Y 
# 
_pdbx_validate_close_contact.id               1 
_pdbx_validate_close_contact.PDB_model_num    1 
_pdbx_validate_close_contact.auth_atom_id_1   OD1 
_pdbx_validate_close_contact.auth_asym_id_1   A 
_pdbx_validate_close_contact.auth_comp_id_1   ASP 
_pdbx_validate_close_contact.auth_seq_id_1    89 
_pdbx_validate_close_contact.PDB_ins_code_1   ? 
_pdbx_validate_close_contact.label_alt_id_1   ? 
_pdbx_validate_close_contact.auth_atom_id_2   NH2 
_pdbx_validate_close_contact.auth_asym_id_2   A 
_pdbx_validate_close_contact.auth_comp_id_2   ARG 
_pdbx_validate_close_contact.auth_seq_id_2    93 
_pdbx_validate_close_contact.PDB_ins_code_2   ? 
_pdbx_validate_close_contact.label_alt_id_2   A 
_pdbx_validate_close_contact.dist             2.15 
# 
_pdbx_validate_torsion.id              1 
_pdbx_validate_torsion.PDB_model_num   1 
_pdbx_validate_torsion.auth_comp_id    ARG 
_pdbx_validate_torsion.auth_asym_id    A 
_pdbx_validate_torsion.auth_seq_id     86 
_pdbx_validate_torsion.PDB_ins_code    ? 
_pdbx_validate_torsion.label_alt_id    ? 
_pdbx_validate_torsion.phi             -108.73 
_pdbx_validate_torsion.psi             57.10 
# 
_pdbx_struct_mod_residue.id               1 
_pdbx_struct_mod_residue.label_asym_id    A 
_pdbx_struct_mod_residue.label_comp_id    CSX 
_pdbx_struct_mod_residue.label_seq_id     66 
_pdbx_struct_mod_residue.auth_asym_id     A 
_pdbx_struct_mod_residue.auth_comp_id     CSX 
_pdbx_struct_mod_residue.auth_seq_id      66 
_pdbx_struct_mod_residue.PDB_ins_code     ? 
_pdbx_struct_mod_residue.parent_comp_id   CYS 
_pdbx_struct_mod_residue.details          'S-OXY CYSTEINE' 
# 
_pdbx_refine_tls.id               1 
_pdbx_refine_tls.details          ? 
_pdbx_refine_tls.method           refined 
_pdbx_refine_tls.origin_x         -0.0782 
_pdbx_refine_tls.origin_y         0.2177 
_pdbx_refine_tls.origin_z         0.3456 
_pdbx_refine_tls.T[1][1]          -0.1147 
_pdbx_refine_tls.T[2][2]          -0.0439 
_pdbx_refine_tls.T[3][3]          -0.0045 
_pdbx_refine_tls.T[1][2]          -0.0160 
_pdbx_refine_tls.T[1][3]          -0.0265 
_pdbx_refine_tls.T[2][3]          0.0222 
_pdbx_refine_tls.L[1][1]          1.2817 
_pdbx_refine_tls.L[2][2]          1.5594 
_pdbx_refine_tls.L[3][3]          5.2025 
_pdbx_refine_tls.L[1][2]          -0.7779 
_pdbx_refine_tls.L[1][3]          -2.1760 
_pdbx_refine_tls.L[2][3]          1.8412 
_pdbx_refine_tls.S[1][1]          0.0130 
_pdbx_refine_tls.S[1][2]          -0.1293 
_pdbx_refine_tls.S[1][3]          0.0747 
_pdbx_refine_tls.S[2][1]          0.0360 
_pdbx_refine_tls.S[2][2]          0.1068 
_pdbx_refine_tls.S[2][3]          -0.0156 
_pdbx_refine_tls.S[3][1]          -0.1764 
_pdbx_refine_tls.S[3][2]          0.3280 
_pdbx_refine_tls.S[3][3]          -0.1198 
_pdbx_refine_tls.pdbx_refine_id   'X-RAY DIFFRACTION' 
# 
_pdbx_refine_tls_group.id                  1 
_pdbx_refine_tls_group.refine_tls_id       1 
_pdbx_refine_tls_group.beg_auth_asym_id    A 
_pdbx_refine_tls_group.beg_auth_seq_id     17 
_pdbx_refine_tls_group.beg_label_asym_id   A 
_pdbx_refine_tls_group.beg_label_seq_id    17 
_pdbx_refine_tls_group.end_auth_asym_id    A 
_pdbx_refine_tls_group.end_auth_seq_id     208 
_pdbx_refine_tls_group.end_label_asym_id   A 
_pdbx_refine_tls_group.end_label_seq_id    208 
_pdbx_refine_tls_group.selection           ? 
_pdbx_refine_tls_group.pdbx_refine_id      'X-RAY DIFFRACTION' 
_pdbx_refine_tls_group.selection_details   ? 
# 
_phasing.method   SAD 
# 
loop_
_pdbx_unobs_or_zero_occ_residues.id 
_pdbx_unobs_or_zero_occ_residues.PDB_model_num 
_pdbx_unobs_or_zero_occ_residues.polymer_flag 
_pdbx_unobs_or_zero_occ_residues.occupancy_flag 
_pdbx_unobs_or_zero_occ_residues.auth_asym_id 
_pdbx_unobs_or_zero_occ_residues.auth_comp_id 
_pdbx_unobs_or_zero_occ_residues.auth_seq_id 
_pdbx_unobs_or_zero_occ_residues.PDB_ins_code 
_pdbx_unobs_or_zero_occ_residues.label_asym_id 
_pdbx_unobs_or_zero_occ_residues.label_comp_id 
_pdbx_unobs_or_zero_occ_residues.label_seq_id 
1  1 Y 1 A MET 1   ? A MET 1   
2  1 Y 1 A GLY 2   ? A GLY 2   
3  1 Y 1 A ALA 3   ? A ALA 3   
4  1 Y 1 A CYS 4   ? A CYS 4   
5  1 Y 1 A GLY 5   ? A GLY 5   
6  1 Y 1 A SER 6   ? A SER 6   
7  1 Y 1 A LYS 7   ? A LYS 7   
8  1 Y 1 A GLY 8   ? A GLY 8   
9  1 Y 1 A SER 9   ? A SER 9   
10 1 Y 1 A THR 10  ? A THR 10  
11 1 Y 1 A SER 11  ? A SER 11  
12 1 Y 1 A ASP 12  ? A ASP 12  
13 1 Y 1 A LYS 13  ? A LYS 13  
14 1 Y 1 A GLY 14  ? A GLY 14  
15 1 Y 1 A LEU 15  ? A LEU 15  
16 1 Y 1 A ALA 16  ? A ALA 16  
17 1 Y 1 A GLU 209 ? A GLU 209 
18 1 Y 1 A SER 210 ? A SER 210 
19 1 Y 1 A ALA 211 ? A ALA 211 
20 1 Y 1 A LEU 212 ? A LEU 212 
21 1 Y 1 A GLU 213 ? A GLU 213 
22 1 Y 1 A HIS 214 ? A HIS 214 
23 1 Y 1 A HIS 215 ? A HIS 215 
24 1 Y 1 A HIS 216 ? A HIS 216 
25 1 Y 1 A HIS 217 ? A HIS 217 
26 1 Y 1 A HIS 218 ? A HIS 218 
27 1 Y 1 A HIS 219 ? A HIS 219 
# 
loop_
_chem_comp_atom.comp_id 
_chem_comp_atom.atom_id 
_chem_comp_atom.type_symbol 
_chem_comp_atom.pdbx_aromatic_flag 
_chem_comp_atom.pdbx_stereo_config 
_chem_comp_atom.pdbx_ordinal 
ALA N    N N N 1   
ALA CA   C N S 2   
ALA C    C N N 3   
ALA O    O N N 4   
ALA CB   C N N 5   
ALA OXT  O N N 6   
ALA H    H N N 7   
ALA H2   H N N 8   
ALA HA   H N N 9   
ALA HB1  H N N 10  
ALA HB2  H N N 11  
ALA HB3  H N N 12  
ALA HXT  H N N 13  
ARG N    N N N 14  
ARG CA   C N S 15  
ARG C    C N N 16  
ARG O    O N N 17  
ARG CB   C N N 18  
ARG CG   C N N 19  
ARG CD   C N N 20  
ARG NE   N N N 21  
ARG CZ   C N N 22  
ARG NH1  N N N 23  
ARG NH2  N N N 24  
ARG OXT  O N N 25  
ARG H    H N N 26  
ARG H2   H N N 27  
ARG HA   H N N 28  
ARG HB2  H N N 29  
ARG HB3  H N N 30  
ARG HG2  H N N 31  
ARG HG3  H N N 32  
ARG HD2  H N N 33  
ARG HD3  H N N 34  
ARG HE   H N N 35  
ARG HH11 H N N 36  
ARG HH12 H N N 37  
ARG HH21 H N N 38  
ARG HH22 H N N 39  
ARG HXT  H N N 40  
ASN N    N N N 41  
ASN CA   C N S 42  
ASN C    C N N 43  
ASN O    O N N 44  
ASN CB   C N N 45  
ASN CG   C N N 46  
ASN OD1  O N N 47  
ASN ND2  N N N 48  
ASN OXT  O N N 49  
ASN H    H N N 50  
ASN H2   H N N 51  
ASN HA   H N N 52  
ASN HB2  H N N 53  
ASN HB3  H N N 54  
ASN HD21 H N N 55  
ASN HD22 H N N 56  
ASN HXT  H N N 57  
ASP N    N N N 58  
ASP CA   C N S 59  
ASP C    C N N 60  
ASP O    O N N 61  
ASP CB   C N N 62  
ASP CG   C N N 63  
ASP OD1  O N N 64  
ASP OD2  O N N 65  
ASP OXT  O N N 66  
ASP H    H N N 67  
ASP H2   H N N 68  
ASP HA   H N N 69  
ASP HB2  H N N 70  
ASP HB3  H N N 71  
ASP HD2  H N N 72  
ASP HXT  H N N 73  
CSX N    N N N 74  
CSX CA   C N R 75  
CSX CB   C N N 76  
CSX SG   S N S 77  
CSX C    C N N 78  
CSX O    O N N 79  
CSX OXT  O N N 80  
CSX OD   O N N 81  
CSX H    H N N 82  
CSX H2   H N N 83  
CSX HA   H N N 84  
CSX HB2  H N N 85  
CSX HB3  H N N 86  
CSX HG   H N N 87  
CSX HXT  H N N 88  
CYS N    N N N 89  
CYS CA   C N R 90  
CYS C    C N N 91  
CYS O    O N N 92  
CYS CB   C N N 93  
CYS SG   S N N 94  
CYS OXT  O N N 95  
CYS H    H N N 96  
CYS H2   H N N 97  
CYS HA   H N N 98  
CYS HB2  H N N 99  
CYS HB3  H N N 100 
CYS HG   H N N 101 
CYS HXT  H N N 102 
GLN N    N N N 103 
GLN CA   C N S 104 
GLN C    C N N 105 
GLN O    O N N 106 
GLN CB   C N N 107 
GLN CG   C N N 108 
GLN CD   C N N 109 
GLN OE1  O N N 110 
GLN NE2  N N N 111 
GLN OXT  O N N 112 
GLN H    H N N 113 
GLN H2   H N N 114 
GLN HA   H N N 115 
GLN HB2  H N N 116 
GLN HB3  H N N 117 
GLN HG2  H N N 118 
GLN HG3  H N N 119 
GLN HE21 H N N 120 
GLN HE22 H N N 121 
GLN HXT  H N N 122 
GLU N    N N N 123 
GLU CA   C N S 124 
GLU C    C N N 125 
GLU O    O N N 126 
GLU CB   C N N 127 
GLU CG   C N N 128 
GLU CD   C N N 129 
GLU OE1  O N N 130 
GLU OE2  O N N 131 
GLU OXT  O N N 132 
GLU H    H N N 133 
GLU H2   H N N 134 
GLU HA   H N N 135 
GLU HB2  H N N 136 
GLU HB3  H N N 137 
GLU HG2  H N N 138 
GLU HG3  H N N 139 
GLU HE2  H N N 140 
GLU HXT  H N N 141 
GLY N    N N N 142 
GLY CA   C N N 143 
GLY C    C N N 144 
GLY O    O N N 145 
GLY OXT  O N N 146 
GLY H    H N N 147 
GLY H2   H N N 148 
GLY HA2  H N N 149 
GLY HA3  H N N 150 
GLY HXT  H N N 151 
HIS N    N N N 152 
HIS CA   C N S 153 
HIS C    C N N 154 
HIS O    O N N 155 
HIS CB   C N N 156 
HIS CG   C Y N 157 
HIS ND1  N Y N 158 
HIS CD2  C Y N 159 
HIS CE1  C Y N 160 
HIS NE2  N Y N 161 
HIS OXT  O N N 162 
HIS H    H N N 163 
HIS H2   H N N 164 
HIS HA   H N N 165 
HIS HB2  H N N 166 
HIS HB3  H N N 167 
HIS HD1  H N N 168 
HIS HD2  H N N 169 
HIS HE1  H N N 170 
HIS HE2  H N N 171 
HIS HXT  H N N 172 
HOH O    O N N 173 
HOH H1   H N N 174 
HOH H2   H N N 175 
ILE N    N N N 176 
ILE CA   C N S 177 
ILE C    C N N 178 
ILE O    O N N 179 
ILE CB   C N S 180 
ILE CG1  C N N 181 
ILE CG2  C N N 182 
ILE CD1  C N N 183 
ILE OXT  O N N 184 
ILE H    H N N 185 
ILE H2   H N N 186 
ILE HA   H N N 187 
ILE HB   H N N 188 
ILE HG12 H N N 189 
ILE HG13 H N N 190 
ILE HG21 H N N 191 
ILE HG22 H N N 192 
ILE HG23 H N N 193 
ILE HD11 H N N 194 
ILE HD12 H N N 195 
ILE HD13 H N N 196 
ILE HXT  H N N 197 
LEU N    N N N 198 
LEU CA   C N S 199 
LEU C    C N N 200 
LEU O    O N N 201 
LEU CB   C N N 202 
LEU CG   C N N 203 
LEU CD1  C N N 204 
LEU CD2  C N N 205 
LEU OXT  O N N 206 
LEU H    H N N 207 
LEU H2   H N N 208 
LEU HA   H N N 209 
LEU HB2  H N N 210 
LEU HB3  H N N 211 
LEU HG   H N N 212 
LEU HD11 H N N 213 
LEU HD12 H N N 214 
LEU HD13 H N N 215 
LEU HD21 H N N 216 
LEU HD22 H N N 217 
LEU HD23 H N N 218 
LEU HXT  H N N 219 
LYS N    N N N 220 
LYS CA   C N S 221 
LYS C    C N N 222 
LYS O    O N N 223 
LYS CB   C N N 224 
LYS CG   C N N 225 
LYS CD   C N N 226 
LYS CE   C N N 227 
LYS NZ   N N N 228 
LYS OXT  O N N 229 
LYS H    H N N 230 
LYS H2   H N N 231 
LYS HA   H N N 232 
LYS HB2  H N N 233 
LYS HB3  H N N 234 
LYS HG2  H N N 235 
LYS HG3  H N N 236 
LYS HD2  H N N 237 
LYS HD3  H N N 238 
LYS HE2  H N N 239 
LYS HE3  H N N 240 
LYS HZ1  H N N 241 
LYS HZ2  H N N 242 
LYS HZ3  H N N 243 
LYS HXT  H N N 244 
MET N    N N N 245 
MET CA   C N S 246 
MET C    C N N 247 
MET O    O N N 248 
MET CB   C N N 249 
MET CG   C N N 250 
MET SD   S N N 251 
MET CE   C N N 252 
MET OXT  O N N 253 
MET H    H N N 254 
MET H2   H N N 255 
MET HA   H N N 256 
MET HB2  H N N 257 
MET HB3  H N N 258 
MET HG2  H N N 259 
MET HG3  H N N 260 
MET HE1  H N N 261 
MET HE2  H N N 262 
MET HE3  H N N 263 
MET HXT  H N N 264 
PHE N    N N N 265 
PHE CA   C N S 266 
PHE C    C N N 267 
PHE O    O N N 268 
PHE CB   C N N 269 
PHE CG   C Y N 270 
PHE CD1  C Y N 271 
PHE CD2  C Y N 272 
PHE CE1  C Y N 273 
PHE CE2  C Y N 274 
PHE CZ   C Y N 275 
PHE OXT  O N N 276 
PHE H    H N N 277 
PHE H2   H N N 278 
PHE HA   H N N 279 
PHE HB2  H N N 280 
PHE HB3  H N N 281 
PHE HD1  H N N 282 
PHE HD2  H N N 283 
PHE HE1  H N N 284 
PHE HE2  H N N 285 
PHE HZ   H N N 286 
PHE HXT  H N N 287 
PRO N    N N N 288 
PRO CA   C N S 289 
PRO C    C N N 290 
PRO O    O N N 291 
PRO CB   C N N 292 
PRO CG   C N N 293 
PRO CD   C N N 294 
PRO OXT  O N N 295 
PRO H    H N N 296 
PRO HA   H N N 297 
PRO HB2  H N N 298 
PRO HB3  H N N 299 
PRO HG2  H N N 300 
PRO HG3  H N N 301 
PRO HD2  H N N 302 
PRO HD3  H N N 303 
PRO HXT  H N N 304 
SER N    N N N 305 
SER CA   C N S 306 
SER C    C N N 307 
SER O    O N N 308 
SER CB   C N N 309 
SER OG   O N N 310 
SER OXT  O N N 311 
SER H    H N N 312 
SER H2   H N N 313 
SER HA   H N N 314 
SER HB2  H N N 315 
SER HB3  H N N 316 
SER HG   H N N 317 
SER HXT  H N N 318 
THR N    N N N 319 
THR CA   C N S 320 
THR C    C N N 321 
THR O    O N N 322 
THR CB   C N R 323 
THR OG1  O N N 324 
THR CG2  C N N 325 
THR OXT  O N N 326 
THR H    H N N 327 
THR H2   H N N 328 
THR HA   H N N 329 
THR HB   H N N 330 
THR HG1  H N N 331 
THR HG21 H N N 332 
THR HG22 H N N 333 
THR HG23 H N N 334 
THR HXT  H N N 335 
TRP N    N N N 336 
TRP CA   C N S 337 
TRP C    C N N 338 
TRP O    O N N 339 
TRP CB   C N N 340 
TRP CG   C Y N 341 
TRP CD1  C Y N 342 
TRP CD2  C Y N 343 
TRP NE1  N Y N 344 
TRP CE2  C Y N 345 
TRP CE3  C Y N 346 
TRP CZ2  C Y N 347 
TRP CZ3  C Y N 348 
TRP CH2  C Y N 349 
TRP OXT  O N N 350 
TRP H    H N N 351 
TRP H2   H N N 352 
TRP HA   H N N 353 
TRP HB2  H N N 354 
TRP HB3  H N N 355 
TRP HD1  H N N 356 
TRP HE1  H N N 357 
TRP HE3  H N N 358 
TRP HZ2  H N N 359 
TRP HZ3  H N N 360 
TRP HH2  H N N 361 
TRP HXT  H N N 362 
TYR N    N N N 363 
TYR CA   C N S 364 
TYR C    C N N 365 
TYR O    O N N 366 
TYR CB   C N N 367 
TYR CG   C Y N 368 
TYR CD1  C Y N 369 
TYR CD2  C Y N 370 
TYR CE1  C Y N 371 
TYR CE2  C Y N 372 
TYR CZ   C Y N 373 
TYR OH   O N N 374 
TYR OXT  O N N 375 
TYR H    H N N 376 
TYR H2   H N N 377 
TYR HA   H N N 378 
TYR HB2  H N N 379 
TYR HB3  H N N 380 
TYR HD1  H N N 381 
TYR HD2  H N N 382 
TYR HE1  H N N 383 
TYR HE2  H N N 384 
TYR HH   H N N 385 
TYR HXT  H N N 386 
VAL N    N N N 387 
VAL CA   C N S 388 
VAL C    C N N 389 
VAL O    O N N 390 
VAL CB   C N N 391 
VAL CG1  C N N 392 
VAL CG2  C N N 393 
VAL OXT  O N N 394 
VAL H    H N N 395 
VAL H2   H N N 396 
VAL HA   H N N 397 
VAL HB   H N N 398 
VAL HG11 H N N 399 
VAL HG12 H N N 400 
VAL HG13 H N N 401 
VAL HG21 H N N 402 
VAL HG22 H N N 403 
VAL HG23 H N N 404 
VAL HXT  H N N 405 
# 
loop_
_chem_comp_bond.comp_id 
_chem_comp_bond.atom_id_1 
_chem_comp_bond.atom_id_2 
_chem_comp_bond.value_order 
_chem_comp_bond.pdbx_aromatic_flag 
_chem_comp_bond.pdbx_stereo_config 
_chem_comp_bond.pdbx_ordinal 
ALA N   CA   sing N N 1   
ALA N   H    sing N N 2   
ALA N   H2   sing N N 3   
ALA CA  C    sing N N 4   
ALA CA  CB   sing N N 5   
ALA CA  HA   sing N N 6   
ALA C   O    doub N N 7   
ALA C   OXT  sing N N 8   
ALA CB  HB1  sing N N 9   
ALA CB  HB2  sing N N 10  
ALA CB  HB3  sing N N 11  
ALA OXT HXT  sing N N 12  
ARG N   CA   sing N N 13  
ARG N   H    sing N N 14  
ARG N   H2   sing N N 15  
ARG CA  C    sing N N 16  
ARG CA  CB   sing N N 17  
ARG CA  HA   sing N N 18  
ARG C   O    doub N N 19  
ARG C   OXT  sing N N 20  
ARG CB  CG   sing N N 21  
ARG CB  HB2  sing N N 22  
ARG CB  HB3  sing N N 23  
ARG CG  CD   sing N N 24  
ARG CG  HG2  sing N N 25  
ARG CG  HG3  sing N N 26  
ARG CD  NE   sing N N 27  
ARG CD  HD2  sing N N 28  
ARG CD  HD3  sing N N 29  
ARG NE  CZ   sing N N 30  
ARG NE  HE   sing N N 31  
ARG CZ  NH1  sing N N 32  
ARG CZ  NH2  doub N N 33  
ARG NH1 HH11 sing N N 34  
ARG NH1 HH12 sing N N 35  
ARG NH2 HH21 sing N N 36  
ARG NH2 HH22 sing N N 37  
ARG OXT HXT  sing N N 38  
ASN N   CA   sing N N 39  
ASN N   H    sing N N 40  
ASN N   H2   sing N N 41  
ASN CA  C    sing N N 42  
ASN CA  CB   sing N N 43  
ASN CA  HA   sing N N 44  
ASN C   O    doub N N 45  
ASN C   OXT  sing N N 46  
ASN CB  CG   sing N N 47  
ASN CB  HB2  sing N N 48  
ASN CB  HB3  sing N N 49  
ASN CG  OD1  doub N N 50  
ASN CG  ND2  sing N N 51  
ASN ND2 HD21 sing N N 52  
ASN ND2 HD22 sing N N 53  
ASN OXT HXT  sing N N 54  
ASP N   CA   sing N N 55  
ASP N   H    sing N N 56  
ASP N   H2   sing N N 57  
ASP CA  C    sing N N 58  
ASP CA  CB   sing N N 59  
ASP CA  HA   sing N N 60  
ASP C   O    doub N N 61  
ASP C   OXT  sing N N 62  
ASP CB  CG   sing N N 63  
ASP CB  HB2  sing N N 64  
ASP CB  HB3  sing N N 65  
ASP CG  OD1  doub N N 66  
ASP CG  OD2  sing N N 67  
ASP OD2 HD2  sing N N 68  
ASP OXT HXT  sing N N 69  
CSX N   CA   sing N N 70  
CSX N   H    sing N N 71  
CSX N   H2   sing N N 72  
CSX CA  CB   sing N N 73  
CSX CA  C    sing N N 74  
CSX CA  HA   sing N N 75  
CSX CB  SG   sing N N 76  
CSX CB  HB2  sing N N 77  
CSX CB  HB3  sing N N 78  
CSX SG  OD   doub N N 79  
CSX SG  HG   sing N N 80  
CSX C   O    doub N N 81  
CSX C   OXT  sing N N 82  
CSX OXT HXT  sing N N 83  
CYS N   CA   sing N N 84  
CYS N   H    sing N N 85  
CYS N   H2   sing N N 86  
CYS CA  C    sing N N 87  
CYS CA  CB   sing N N 88  
CYS CA  HA   sing N N 89  
CYS C   O    doub N N 90  
CYS C   OXT  sing N N 91  
CYS CB  SG   sing N N 92  
CYS CB  HB2  sing N N 93  
CYS CB  HB3  sing N N 94  
CYS SG  HG   sing N N 95  
CYS OXT HXT  sing N N 96  
GLN N   CA   sing N N 97  
GLN N   H    sing N N 98  
GLN N   H2   sing N N 99  
GLN CA  C    sing N N 100 
GLN CA  CB   sing N N 101 
GLN CA  HA   sing N N 102 
GLN C   O    doub N N 103 
GLN C   OXT  sing N N 104 
GLN CB  CG   sing N N 105 
GLN CB  HB2  sing N N 106 
GLN CB  HB3  sing N N 107 
GLN CG  CD   sing N N 108 
GLN CG  HG2  sing N N 109 
GLN CG  HG3  sing N N 110 
GLN CD  OE1  doub N N 111 
GLN CD  NE2  sing N N 112 
GLN NE2 HE21 sing N N 113 
GLN NE2 HE22 sing N N 114 
GLN OXT HXT  sing N N 115 
GLU N   CA   sing N N 116 
GLU N   H    sing N N 117 
GLU N   H2   sing N N 118 
GLU CA  C    sing N N 119 
GLU CA  CB   sing N N 120 
GLU CA  HA   sing N N 121 
GLU C   O    doub N N 122 
GLU C   OXT  sing N N 123 
GLU CB  CG   sing N N 124 
GLU CB  HB2  sing N N 125 
GLU CB  HB3  sing N N 126 
GLU CG  CD   sing N N 127 
GLU CG  HG2  sing N N 128 
GLU CG  HG3  sing N N 129 
GLU CD  OE1  doub N N 130 
GLU CD  OE2  sing N N 131 
GLU OE2 HE2  sing N N 132 
GLU OXT HXT  sing N N 133 
GLY N   CA   sing N N 134 
GLY N   H    sing N N 135 
GLY N   H2   sing N N 136 
GLY CA  C    sing N N 137 
GLY CA  HA2  sing N N 138 
GLY CA  HA3  sing N N 139 
GLY C   O    doub N N 140 
GLY C   OXT  sing N N 141 
GLY OXT HXT  sing N N 142 
HIS N   CA   sing N N 143 
HIS N   H    sing N N 144 
HIS N   H2   sing N N 145 
HIS CA  C    sing N N 146 
HIS CA  CB   sing N N 147 
HIS CA  HA   sing N N 148 
HIS C   O    doub N N 149 
HIS C   OXT  sing N N 150 
HIS CB  CG   sing N N 151 
HIS CB  HB2  sing N N 152 
HIS CB  HB3  sing N N 153 
HIS CG  ND1  sing Y N 154 
HIS CG  CD2  doub Y N 155 
HIS ND1 CE1  doub Y N 156 
HIS ND1 HD1  sing N N 157 
HIS CD2 NE2  sing Y N 158 
HIS CD2 HD2  sing N N 159 
HIS CE1 NE2  sing Y N 160 
HIS CE1 HE1  sing N N 161 
HIS NE2 HE2  sing N N 162 
HIS OXT HXT  sing N N 163 
HOH O   H1   sing N N 164 
HOH O   H2   sing N N 165 
ILE N   CA   sing N N 166 
ILE N   H    sing N N 167 
ILE N   H2   sing N N 168 
ILE CA  C    sing N N 169 
ILE CA  CB   sing N N 170 
ILE CA  HA   sing N N 171 
ILE C   O    doub N N 172 
ILE C   OXT  sing N N 173 
ILE CB  CG1  sing N N 174 
ILE CB  CG2  sing N N 175 
ILE CB  HB   sing N N 176 
ILE CG1 CD1  sing N N 177 
ILE CG1 HG12 sing N N 178 
ILE CG1 HG13 sing N N 179 
ILE CG2 HG21 sing N N 180 
ILE CG2 HG22 sing N N 181 
ILE CG2 HG23 sing N N 182 
ILE CD1 HD11 sing N N 183 
ILE CD1 HD12 sing N N 184 
ILE CD1 HD13 sing N N 185 
ILE OXT HXT  sing N N 186 
LEU N   CA   sing N N 187 
LEU N   H    sing N N 188 
LEU N   H2   sing N N 189 
LEU CA  C    sing N N 190 
LEU CA  CB   sing N N 191 
LEU CA  HA   sing N N 192 
LEU C   O    doub N N 193 
LEU C   OXT  sing N N 194 
LEU CB  CG   sing N N 195 
LEU CB  HB2  sing N N 196 
LEU CB  HB3  sing N N 197 
LEU CG  CD1  sing N N 198 
LEU CG  CD2  sing N N 199 
LEU CG  HG   sing N N 200 
LEU CD1 HD11 sing N N 201 
LEU CD1 HD12 sing N N 202 
LEU CD1 HD13 sing N N 203 
LEU CD2 HD21 sing N N 204 
LEU CD2 HD22 sing N N 205 
LEU CD2 HD23 sing N N 206 
LEU OXT HXT  sing N N 207 
LYS N   CA   sing N N 208 
LYS N   H    sing N N 209 
LYS N   H2   sing N N 210 
LYS CA  C    sing N N 211 
LYS CA  CB   sing N N 212 
LYS CA  HA   sing N N 213 
LYS C   O    doub N N 214 
LYS C   OXT  sing N N 215 
LYS CB  CG   sing N N 216 
LYS CB  HB2  sing N N 217 
LYS CB  HB3  sing N N 218 
LYS CG  CD   sing N N 219 
LYS CG  HG2  sing N N 220 
LYS CG  HG3  sing N N 221 
LYS CD  CE   sing N N 222 
LYS CD  HD2  sing N N 223 
LYS CD  HD3  sing N N 224 
LYS CE  NZ   sing N N 225 
LYS CE  HE2  sing N N 226 
LYS CE  HE3  sing N N 227 
LYS NZ  HZ1  sing N N 228 
LYS NZ  HZ2  sing N N 229 
LYS NZ  HZ3  sing N N 230 
LYS OXT HXT  sing N N 231 
MET N   CA   sing N N 232 
MET N   H    sing N N 233 
MET N   H2   sing N N 234 
MET CA  C    sing N N 235 
MET CA  CB   sing N N 236 
MET CA  HA   sing N N 237 
MET C   O    doub N N 238 
MET C   OXT  sing N N 239 
MET CB  CG   sing N N 240 
MET CB  HB2  sing N N 241 
MET CB  HB3  sing N N 242 
MET CG  SD   sing N N 243 
MET CG  HG2  sing N N 244 
MET CG  HG3  sing N N 245 
MET SD  CE   sing N N 246 
MET CE  HE1  sing N N 247 
MET CE  HE2  sing N N 248 
MET CE  HE3  sing N N 249 
MET OXT HXT  sing N N 250 
PHE N   CA   sing N N 251 
PHE N   H    sing N N 252 
PHE N   H2   sing N N 253 
PHE CA  C    sing N N 254 
PHE CA  CB   sing N N 255 
PHE CA  HA   sing N N 256 
PHE C   O    doub N N 257 
PHE C   OXT  sing N N 258 
PHE CB  CG   sing N N 259 
PHE CB  HB2  sing N N 260 
PHE CB  HB3  sing N N 261 
PHE CG  CD1  doub Y N 262 
PHE CG  CD2  sing Y N 263 
PHE CD1 CE1  sing Y N 264 
PHE CD1 HD1  sing N N 265 
PHE CD2 CE2  doub Y N 266 
PHE CD2 HD2  sing N N 267 
PHE CE1 CZ   doub Y N 268 
PHE CE1 HE1  sing N N 269 
PHE CE2 CZ   sing Y N 270 
PHE CE2 HE2  sing N N 271 
PHE CZ  HZ   sing N N 272 
PHE OXT HXT  sing N N 273 
PRO N   CA   sing N N 274 
PRO N   CD   sing N N 275 
PRO N   H    sing N N 276 
PRO CA  C    sing N N 277 
PRO CA  CB   sing N N 278 
PRO CA  HA   sing N N 279 
PRO C   O    doub N N 280 
PRO C   OXT  sing N N 281 
PRO CB  CG   sing N N 282 
PRO CB  HB2  sing N N 283 
PRO CB  HB3  sing N N 284 
PRO CG  CD   sing N N 285 
PRO CG  HG2  sing N N 286 
PRO CG  HG3  sing N N 287 
PRO CD  HD2  sing N N 288 
PRO CD  HD3  sing N N 289 
PRO OXT HXT  sing N N 290 
SER N   CA   sing N N 291 
SER N   H    sing N N 292 
SER N   H2   sing N N 293 
SER CA  C    sing N N 294 
SER CA  CB   sing N N 295 
SER CA  HA   sing N N 296 
SER C   O    doub N N 297 
SER C   OXT  sing N N 298 
SER CB  OG   sing N N 299 
SER CB  HB2  sing N N 300 
SER CB  HB3  sing N N 301 
SER OG  HG   sing N N 302 
SER OXT HXT  sing N N 303 
THR N   CA   sing N N 304 
THR N   H    sing N N 305 
THR N   H2   sing N N 306 
THR CA  C    sing N N 307 
THR CA  CB   sing N N 308 
THR CA  HA   sing N N 309 
THR C   O    doub N N 310 
THR C   OXT  sing N N 311 
THR CB  OG1  sing N N 312 
THR CB  CG2  sing N N 313 
THR CB  HB   sing N N 314 
THR OG1 HG1  sing N N 315 
THR CG2 HG21 sing N N 316 
THR CG2 HG22 sing N N 317 
THR CG2 HG23 sing N N 318 
THR OXT HXT  sing N N 319 
TRP N   CA   sing N N 320 
TRP N   H    sing N N 321 
TRP N   H2   sing N N 322 
TRP CA  C    sing N N 323 
TRP CA  CB   sing N N 324 
TRP CA  HA   sing N N 325 
TRP C   O    doub N N 326 
TRP C   OXT  sing N N 327 
TRP CB  CG   sing N N 328 
TRP CB  HB2  sing N N 329 
TRP CB  HB3  sing N N 330 
TRP CG  CD1  doub Y N 331 
TRP CG  CD2  sing Y N 332 
TRP CD1 NE1  sing Y N 333 
TRP CD1 HD1  sing N N 334 
TRP CD2 CE2  doub Y N 335 
TRP CD2 CE3  sing Y N 336 
TRP NE1 CE2  sing Y N 337 
TRP NE1 HE1  sing N N 338 
TRP CE2 CZ2  sing Y N 339 
TRP CE3 CZ3  doub Y N 340 
TRP CE3 HE3  sing N N 341 
TRP CZ2 CH2  doub Y N 342 
TRP CZ2 HZ2  sing N N 343 
TRP CZ3 CH2  sing Y N 344 
TRP CZ3 HZ3  sing N N 345 
TRP CH2 HH2  sing N N 346 
TRP OXT HXT  sing N N 347 
TYR N   CA   sing N N 348 
TYR N   H    sing N N 349 
TYR N   H2   sing N N 350 
TYR CA  C    sing N N 351 
TYR CA  CB   sing N N 352 
TYR CA  HA   sing N N 353 
TYR C   O    doub N N 354 
TYR C   OXT  sing N N 355 
TYR CB  CG   sing N N 356 
TYR CB  HB2  sing N N 357 
TYR CB  HB3  sing N N 358 
TYR CG  CD1  doub Y N 359 
TYR CG  CD2  sing Y N 360 
TYR CD1 CE1  sing Y N 361 
TYR CD1 HD1  sing N N 362 
TYR CD2 CE2  doub Y N 363 
TYR CD2 HD2  sing N N 364 
TYR CE1 CZ   doub Y N 365 
TYR CE1 HE1  sing N N 366 
TYR CE2 CZ   sing Y N 367 
TYR CE2 HE2  sing N N 368 
TYR CZ  OH   sing N N 369 
TYR OH  HH   sing N N 370 
TYR OXT HXT  sing N N 371 
VAL N   CA   sing N N 372 
VAL N   H    sing N N 373 
VAL N   H2   sing N N 374 
VAL CA  C    sing N N 375 
VAL CA  CB   sing N N 376 
VAL CA  HA   sing N N 377 
VAL C   O    doub N N 378 
VAL C   OXT  sing N N 379 
VAL CB  CG1  sing N N 380 
VAL CB  CG2  sing N N 381 
VAL CB  HB   sing N N 382 
VAL CG1 HG11 sing N N 383 
VAL CG1 HG12 sing N N 384 
VAL CG1 HG13 sing N N 385 
VAL CG2 HG21 sing N N 386 
VAL CG2 HG22 sing N N 387 
VAL CG2 HG23 sing N N 388 
VAL OXT HXT  sing N N 389 
# 
_atom_sites.entry_id                    3CS1 
_atom_sites.fract_transf_matrix[1][1]   -0.00856258 
_atom_sites.fract_transf_matrix[1][2]   -0.02760969 
_atom_sites.fract_transf_matrix[1][3]   0.00936464 
_atom_sites.fract_transf_matrix[2][1]   -0.02492928 
_atom_sites.fract_transf_matrix[2][2]   0.00518564 
_atom_sites.fract_transf_matrix[2][3]   -0.00750535 
_atom_sites.fract_transf_matrix[3][1]   0.00139181 
_atom_sites.fract_transf_matrix[3][2]   -0.00261169 
_atom_sites.fract_transf_matrix[3][3]   -0.00642742 
_atom_sites.fract_transf_vector[1]      0.398193 
_atom_sites.fract_transf_vector[2]      -0.039859 
_atom_sites.fract_transf_vector[3]      -0.115349 
# 
loop_
_atom_type.symbol 
C 
N 
O 
S 
# 
loop_
_atom_site.group_PDB 
_atom_site.id 
_atom_site.type_symbol 
_atom_site.label_atom_id 
_atom_site.label_alt_id 
_atom_site.label_comp_id 
_atom_site.label_asym_id 
_atom_site.label_entity_id 
_atom_site.label_seq_id 
_atom_site.pdbx_PDB_ins_code 
_atom_site.Cartn_x 
_atom_site.Cartn_y 
_atom_site.Cartn_z 
_atom_site.occupancy 
_atom_site.B_iso_or_equiv 
_atom_site.pdbx_formal_charge 
_atom_site.auth_seq_id 
_atom_site.auth_comp_id 
_atom_site.auth_asym_id 
_atom_site.auth_atom_id 
_atom_site.pdbx_PDB_model_num 
ATOM   1    N N   . SER A 1 17  ? 4.183   -21.883 0.880   1.00 38.62 ? 17  SER A N   1 
ATOM   2    C CA  . SER A 1 17  ? 3.692   -21.640 2.267   1.00 39.02 ? 17  SER A CA  1 
ATOM   3    C C   . SER A 1 17  ? 3.666   -20.140 2.628   1.00 39.07 ? 17  SER A C   1 
ATOM   4    O O   . SER A 1 17  ? 3.260   -19.782 3.750   1.00 39.63 ? 17  SER A O   1 
ATOM   5    C CB  . SER A 1 17  ? 4.465   -22.481 3.318   1.00 38.87 ? 17  SER A CB  1 
ATOM   6    O OG  . SER A 1 17  ? 4.049   -23.853 3.362   1.00 37.67 ? 17  SER A OG  1 
ATOM   7    N N   . ASP A 1 18  ? 4.109   -19.285 1.688   1.00 39.16 ? 18  ASP A N   1 
ATOM   8    C CA  A ASP A 1 18  ? 4.014   -17.825 1.811   0.50 38.43 ? 18  ASP A CA  1 
ATOM   9    C CA  B ASP A 1 18  ? 3.950   -17.818 1.820   0.50 38.46 ? 18  ASP A CA  1 
ATOM   10   C C   . ASP A 1 18  ? 3.096   -17.257 0.707   1.00 37.70 ? 18  ASP A C   1 
ATOM   11   O O   . ASP A 1 18  ? 3.085   -16.050 0.435   1.00 37.83 ? 18  ASP A O   1 
ATOM   12   C CB  A ASP A 1 18  ? 5.422   -17.186 1.780   0.50 38.66 ? 18  ASP A CB  1 
ATOM   13   C CB  B ASP A 1 18  ? 5.282   -17.064 1.853   0.50 38.78 ? 18  ASP A CB  1 
ATOM   14   C CG  A ASP A 1 18  ? 6.373   -17.724 2.897   0.50 39.38 ? 18  ASP A CG  1 
ATOM   15   C CG  B ASP A 1 18  ? 5.116   -15.631 2.345   0.50 39.56 ? 18  ASP A CG  1 
ATOM   16   O OD1 A ASP A 1 18  ? 6.092   -18.767 3.534   0.50 38.37 ? 18  ASP A OD1 1 
ATOM   17   O OD1 B ASP A 1 18  ? 4.563   -15.464 3.457   0.50 41.25 ? 18  ASP A OD1 1 
ATOM   18   O OD2 A ASP A 1 18  ? 7.431   -17.095 3.133   0.50 40.77 ? 18  ASP A OD2 1 
ATOM   19   O OD2 B ASP A 1 18  ? 5.506   -14.679 1.619   0.50 39.96 ? 18  ASP A OD2 1 
ATOM   20   N N   . LYS A 1 19  ? 2.350   -18.132 0.060   1.00 36.78 ? 19  LYS A N   1 
ATOM   21   C CA  . LYS A 1 19  ? 1.352   -17.717 -0.907  1.00 36.48 ? 19  LYS A CA  1 
ATOM   22   C C   . LYS A 1 19  ? 0.187   -17.060 -0.151  1.00 35.42 ? 19  LYS A C   1 
ATOM   23   O O   . LYS A 1 19  ? -0.087  -17.437 0.988   1.00 35.45 ? 19  LYS A O   1 
ATOM   24   C CB  . LYS A 1 19  ? 0.871   -18.924 -1.700  1.00 36.58 ? 19  LYS A CB  1 
ATOM   25   C CG  . LYS A 1 19  ? 2.017   -19.727 -2.320  1.00 39.49 ? 19  LYS A CG  1 
ATOM   26   C CD  . LYS A 1 19  ? 1.524   -20.717 -3.368  1.00 40.45 ? 19  LYS A CD  1 
ATOM   27   C CE  . LYS A 1 19  ? 1.554   -20.088 -4.755  1.00 39.19 ? 19  LYS A CE  1 
ATOM   28   N NZ  . LYS A 1 19  ? 2.940   -19.927 -5.150  1.00 35.75 ? 19  LYS A NZ  1 
ATOM   29   N N   . ASP A 1 20  ? -0.448  -16.054 -0.756  1.00 34.01 ? 20  ASP A N   1 
ATOM   30   C CA  . ASP A 1 20  ? -1.567  -15.354 -0.139  1.00 33.26 ? 20  ASP A CA  1 
ATOM   31   C C   . ASP A 1 20  ? -2.793  -16.224 -0.345  1.00 32.52 ? 20  ASP A C   1 
ATOM   32   O O   . ASP A 1 20  ? -3.001  -16.745 -1.435  1.00 31.23 ? 20  ASP A O   1 
ATOM   33   C CB  . ASP A 1 20  ? -1.755  -13.959 -0.779  1.00 33.99 ? 20  ASP A CB  1 
ATOM   34   C CG  . ASP A 1 20  ? -2.743  -13.019 0.023   1.00 34.48 ? 20  ASP A CG  1 
ATOM   35   O OD1 . ASP A 1 20  ? -3.738  -13.484 0.676   1.00 30.81 ? 20  ASP A OD1 1 
ATOM   36   O OD2 . ASP A 1 20  ? -2.497  -11.794 -0.040  1.00 30.29 ? 20  ASP A OD2 1 
ATOM   37   N N   . GLY A 1 21  ? -3.587  -16.402 0.711   1.00 31.41 ? 21  GLY A N   1 
ATOM   38   C CA  . GLY A 1 21  ? -4.714  -17.303 0.645   1.00 30.57 ? 21  GLY A CA  1 
ATOM   39   C C   . GLY A 1 21  ? -6.004  -16.630 0.215   1.00 30.34 ? 21  GLY A C   1 
ATOM   40   O O   . GLY A 1 21  ? -6.987  -17.315 -0.088  1.00 29.98 ? 21  GLY A O   1 
ATOM   41   N N   . LYS A 1 22  ? -6.012  -15.298 0.193   1.00 29.15 ? 22  LYS A N   1 
ATOM   42   C CA  . LYS A 1 22  ? -7.205  -14.572 -0.258  1.00 28.71 ? 22  LYS A CA  1 
ATOM   43   C C   . LYS A 1 22  ? -7.263  -14.556 -1.762  1.00 28.37 ? 22  LYS A C   1 
ATOM   44   O O   . LYS A 1 22  ? -6.230  -14.353 -2.436  1.00 30.20 ? 22  LYS A O   1 
ATOM   45   C CB  . LYS A 1 22  ? -7.240  -13.137 0.295   1.00 28.22 ? 22  LYS A CB  1 
ATOM   46   C CG  . LYS A 1 22  ? -7.122  -13.042 1.846   1.00 28.11 ? 22  LYS A CG  1 
ATOM   47   C CD  . LYS A 1 22  ? -8.397  -13.504 2.572   1.00 30.41 ? 22  LYS A CD  1 
ATOM   48   C CE  . LYS A 1 22  ? -8.211  -13.483 4.087   1.00 28.82 ? 22  LYS A CE  1 
ATOM   49   N NZ  . LYS A 1 22  ? -9.518  -13.835 4.737   1.00 27.74 ? 22  LYS A NZ  1 
ATOM   50   N N   . LYS A 1 23  ? -8.472  -14.732 -2.288  1.00 27.83 ? 23  LYS A N   1 
ATOM   51   C CA  . LYS A 1 23  ? -8.765  -14.616 -3.721  1.00 26.06 ? 23  LYS A CA  1 
ATOM   52   C C   . LYS A 1 23  ? -9.388  -13.264 -4.013  1.00 25.30 ? 23  LYS A C   1 
ATOM   53   O O   . LYS A 1 23  ? -9.566  -12.490 -3.092  1.00 24.36 ? 23  LYS A O   1 
ATOM   54   C CB  . LYS A 1 23  ? -9.720  -15.679 -4.080  1.00 25.82 ? 23  LYS A CB  1 
ATOM   55   C CG  . LYS A 1 23  ? -11.031 -15.595 -3.296  1.00 26.01 ? 23  LYS A CG  1 
ATOM   56   C CD  . LYS A 1 23  ? -11.616 -16.987 -3.348  1.00 33.38 ? 23  LYS A CD  1 
ATOM   57   C CE  . LYS A 1 23  ? -11.897 -17.457 -4.790  1.00 36.63 ? 23  LYS A CE  1 
ATOM   58   N NZ  . LYS A 1 23  ? -11.807 -18.957 -5.021  1.00 39.58 ? 23  LYS A NZ  1 
ATOM   59   N N   . ALA A 1 24  ? -9.735  -12.986 -5.267  1.00 25.05 ? 24  ALA A N   1 
ATOM   60   C CA  . ALA A 1 24  ? -10.266 -11.658 -5.696  1.00 25.20 ? 24  ALA A CA  1 
ATOM   61   C C   . ALA A 1 24  ? -11.524 -11.244 -4.993  1.00 26.01 ? 24  ALA A C   1 
ATOM   62   O O   . ALA A 1 24  ? -11.669 -10.092 -4.646  1.00 27.86 ? 24  ALA A O   1 
ATOM   63   C CB  . ALA A 1 24  ? -10.488 -11.596 -7.188  1.00 24.28 ? 24  ALA A CB  1 
ATOM   64   N N   . LYS A 1 25  ? -12.461 -12.179 -4.874  1.00 27.08 ? 25  LYS A N   1 
ATOM   65   C CA  . LYS A 1 25  ? -13.689 -12.064 -4.061  1.00 27.32 ? 25  LYS A CA  1 
ATOM   66   C C   . LYS A 1 25  ? -13.449 -11.602 -2.587  1.00 27.31 ? 25  LYS A C   1 
ATOM   67   O O   . LYS A 1 25  ? -14.097 -10.692 -2.086  1.00 26.76 ? 25  LYS A O   1 
ATOM   68   C CB  . LYS A 1 25  ? -14.362 -13.426 -4.049  1.00 26.96 ? 25  LYS A CB  1 
ATOM   69   C CG  . LYS A 1 25  ? -15.740 -13.420 -3.378  1.00 31.24 ? 25  LYS A CG  1 
ATOM   70   C CD  . LYS A 1 25  ? -16.743 -12.577 -4.200  1.00 37.53 ? 25  LYS A CD  1 
ATOM   71   C CE  . LYS A 1 25  ? -17.869 -13.441 -4.863  1.00 38.15 ? 25  LYS A CE  1 
ATOM   72   N NZ  . LYS A 1 25  ? -18.123 -13.071 -6.306  1.00 35.67 ? 25  LYS A NZ  1 
ATOM   73   N N   . ASP A 1 26  ? -12.567 -12.296 -1.888  1.00 27.68 ? 26  ASP A N   1 
ATOM   74   C CA  . ASP A 1 26  ? -12.165 -11.910 -0.545  1.00 29.03 ? 26  ASP A CA  1 
ATOM   75   C C   . ASP A 1 26  ? -11.662 -10.460 -0.498  1.00 29.48 ? 26  ASP A C   1 
ATOM   76   O O   . ASP A 1 26  ? -12.087 -9.673  0.370   1.00 30.02 ? 26  ASP A O   1 
ATOM   77   C CB  . ASP A 1 26  ? -11.067 -12.826 -0.032  1.00 28.16 ? 26  ASP A CB  1 
ATOM   78   C CG  . ASP A 1 26  ? -11.520 -14.278 0.114   1.00 27.32 ? 26  ASP A CG  1 
ATOM   79   O OD1 . ASP A 1 26  ? -12.697 -14.564 0.380   1.00 29.69 ? 26  ASP A OD1 1 
ATOM   80   O OD2 . ASP A 1 26  ? -10.682 -15.152 -0.053  1.00 23.04 ? 26  ASP A OD2 1 
ATOM   81   N N   . ARG A 1 27  ? -10.767 -10.122 -1.423  1.00 29.14 ? 27  ARG A N   1 
ATOM   82   C CA  . ARG A 1 27  ? -10.221 -8.759  -1.510  1.00 29.61 ? 27  ARG A CA  1 
ATOM   83   C C   . ARG A 1 27  ? -11.299 -7.737  -1.836  1.00 30.22 ? 27  ARG A C   1 
ATOM   84   O O   . ARG A 1 27  ? -11.339 -6.673  -1.214  1.00 30.84 ? 27  ARG A O   1 
ATOM   85   C CB  . ARG A 1 27  ? -9.035  -8.680  -2.498  1.00 29.04 ? 27  ARG A CB  1 
ATOM   86   C CG  . ARG A 1 27  ? -7.840  -9.348  -1.927  1.00 29.47 ? 27  ARG A CG  1 
ATOM   87   C CD  . ARG A 1 27  ? -6.575  -9.109  -2.742  1.00 31.01 ? 27  ARG A CD  1 
ATOM   88   N NE  . ARG A 1 27  ? -6.621  -9.916  -3.947  1.00 27.08 ? 27  ARG A NE  1 
ATOM   89   C CZ  . ARG A 1 27  ? -6.298  -11.190 -4.003  1.00 27.30 ? 27  ARG A CZ  1 
ATOM   90   N NH1 . ARG A 1 27  ? -5.854  -11.827 -2.912  1.00 30.83 ? 27  ARG A NH1 1 
ATOM   91   N NH2 . ARG A 1 27  ? -6.416  -11.823 -5.166  1.00 28.27 ? 27  ARG A NH2 1 
ATOM   92   N N   . LYS A 1 28  ? -12.205 -8.066  -2.753  1.00 30.25 ? 28  LYS A N   1 
ATOM   93   C CA  . LYS A 1 28  ? -13.208 -7.102  -3.158  1.00 31.58 ? 28  LYS A CA  1 
ATOM   94   C C   . LYS A 1 28  ? -14.155 -6.743  -1.996  1.00 32.05 ? 28  LYS A C   1 
ATOM   95   O O   . LYS A 1 28  ? -14.475 -5.555  -1.779  1.00 32.22 ? 28  LYS A O   1 
ATOM   96   C CB  . LYS A 1 28  ? -13.968 -7.587  -4.390  1.00 31.88 ? 28  LYS A CB  1 
ATOM   97   C CG  . LYS A 1 28  ? -14.985 -6.606  -4.978  1.00 31.49 ? 28  LYS A CG  1 
ATOM   98   C CD  . LYS A 1 28  ? -15.227 -6.920  -6.450  1.00 35.70 ? 28  LYS A CD  1 
ATOM   99   C CE  . LYS A 1 28  ? -16.637 -6.535  -6.908  1.00 38.29 ? 28  LYS A CE  1 
ATOM   100  N NZ  . LYS A 1 28  ? -17.048 -5.196  -6.364  1.00 41.58 ? 28  LYS A NZ  1 
ATOM   101  N N   . GLU A 1 29  ? -14.583 -7.777  -1.267  1.00 32.04 ? 29  GLU A N   1 
ATOM   102  C CA  . GLU A 1 29  ? -15.395 -7.620  -0.053  1.00 31.83 ? 29  GLU A CA  1 
ATOM   103  C C   . GLU A 1 29  ? -14.666 -6.875  1.099   1.00 30.94 ? 29  GLU A C   1 
ATOM   104  O O   . GLU A 1 29  ? -15.250 -5.986  1.681   1.00 29.37 ? 29  GLU A O   1 
ATOM   105  C CB  . GLU A 1 29  ? -16.006 -8.973  0.384   1.00 32.54 ? 29  GLU A CB  1 
ATOM   106  C CG  . GLU A 1 29  ? -16.698 -9.803  -0.788  1.00 33.04 ? 29  GLU A CG  1 
ATOM   107  C CD  . GLU A 1 29  ? -17.505 -11.045 -0.316  1.00 33.75 ? 29  GLU A CD  1 
ATOM   108  O OE1 . GLU A 1 29  ? -17.432 -11.360 0.895   1.00 35.15 ? 29  GLU A OE1 1 
ATOM   109  O OE2 . GLU A 1 29  ? -18.220 -11.696 -1.155  1.00 34.61 ? 29  GLU A OE2 1 
ATOM   110  N N   . ALA A 1 30  ? -13.393 -7.202  1.392   1.00 30.78 ? 30  ALA A N   1 
ATOM   111  C CA  . ALA A 1 30  ? -12.630 -6.505  2.439   1.00 30.70 ? 30  ALA A CA  1 
ATOM   112  C C   . ALA A 1 30  ? -12.375 -5.038  2.094   1.00 31.34 ? 30  ALA A C   1 
ATOM   113  O O   . ALA A 1 30  ? -12.344 -4.175  2.977   1.00 31.95 ? 30  ALA A O   1 
ATOM   114  C CB  . ALA A 1 30  ? -11.297 -7.236  2.723   1.00 29.99 ? 30  ALA A CB  1 
ATOM   115  N N   . TRP A 1 31  ? -12.165 -4.767  0.809   1.00 30.84 ? 31  TRP A N   1 
ATOM   116  C CA  . TRP A 1 31  ? -11.936 -3.432  0.307   1.00 29.85 ? 31  TRP A CA  1 
ATOM   117  C C   . TRP A 1 31  ? -13.174 -2.529  0.541   1.00 29.91 ? 31  TRP A C   1 
ATOM   118  O O   . TRP A 1 31  ? -13.012 -1.341  0.827   1.00 30.25 ? 31  TRP A O   1 
ATOM   119  C CB  . TRP A 1 31  ? -11.538 -3.495  -1.173  1.00 28.41 ? 31  TRP A CB  1 
ATOM   120  C CG  . TRP A 1 31  ? -11.155 -2.195  -1.762  1.00 29.54 ? 31  TRP A CG  1 
ATOM   121  C CD1 . TRP A 1 31  ? -11.762 -1.552  -2.834  1.00 29.21 ? 31  TRP A CD1 1 
ATOM   122  C CD2 . TRP A 1 31  ? -10.113 -1.314  -1.302  1.00 26.21 ? 31  TRP A CD2 1 
ATOM   123  N NE1 . TRP A 1 31  ? -11.135 -0.346  -3.066  1.00 28.61 ? 31  TRP A NE1 1 
ATOM   124  C CE2 . TRP A 1 31  ? -10.120 -0.176  -2.155  1.00 26.69 ? 31  TRP A CE2 1 
ATOM   125  C CE3 . TRP A 1 31  ? -9.166  -1.380  -0.261  1.00 26.29 ? 31  TRP A CE3 1 
ATOM   126  C CZ2 . TRP A 1 31  ? -9.226  0.903   -1.990  1.00 25.31 ? 31  TRP A CZ2 1 
ATOM   127  C CZ3 . TRP A 1 31  ? -8.259  -0.282  -0.087  1.00 27.19 ? 31  TRP A CZ3 1 
ATOM   128  C CH2 . TRP A 1 31  ? -8.306  0.835   -0.949  1.00 28.49 ? 31  TRP A CH2 1 
ATOM   129  N N   . GLU A 1 32  ? -14.401 -3.050  0.406   1.00 30.31 ? 32  GLU A N   1 
ATOM   130  C CA  A GLU A 1 32  ? -15.623 -2.316  0.798   0.50 30.14 ? 32  GLU A CA  1 
ATOM   131  C CA  B GLU A 1 32  ? -15.534 -2.188  0.739   0.50 29.88 ? 32  GLU A CA  1 
ATOM   132  C C   . GLU A 1 32  ? -15.451 -1.615  2.162   1.00 30.21 ? 32  GLU A C   1 
ATOM   133  O O   . GLU A 1 32  ? -15.893 -0.498  2.371   1.00 30.34 ? 32  GLU A O   1 
ATOM   134  C CB  A GLU A 1 32  ? -16.869 -3.246  0.834   0.50 30.73 ? 32  GLU A CB  1 
ATOM   135  C CB  B GLU A 1 32  ? -16.897 -2.824  0.425   0.50 30.41 ? 32  GLU A CB  1 
ATOM   136  C CG  A GLU A 1 32  ? -17.320 -3.811  -0.548  0.50 29.34 ? 32  GLU A CG  1 
ATOM   137  C CG  B GLU A 1 32  ? -17.156 -2.945  -1.064  0.50 27.40 ? 32  GLU A CG  1 
ATOM   138  C CD  A GLU A 1 32  ? -18.660 -4.626  -0.532  0.50 30.07 ? 32  GLU A CD  1 
ATOM   139  C CD  B GLU A 1 32  ? -17.312 -1.598  -1.777  0.50 26.95 ? 32  GLU A CD  1 
ATOM   140  O OE1 A GLU A 1 32  ? -19.335 -4.742  0.520   0.50 28.08 ? 32  GLU A OE1 1 
ATOM   141  O OE1 B GLU A 1 32  ? -18.423 -0.994  -1.743  0.50 22.57 ? 32  GLU A OE1 1 
ATOM   142  O OE2 A GLU A 1 32  ? -19.028 -5.166  -1.600  0.50 26.71 ? 32  GLU A OE2 1 
ATOM   143  O OE2 B GLU A 1 32  ? -16.333 -1.175  -2.426  0.50 23.02 ? 32  GLU A OE2 1 
ATOM   144  N N   . ARG A 1 33  ? -14.827 -2.316  3.110   1.00 30.29 ? 33  ARG A N   1 
ATOM   145  C CA  . ARG A 1 33  ? -14.686 -1.779  4.451   1.00 30.94 ? 33  ARG A CA  1 
ATOM   146  C C   . ARG A 1 33  ? -13.412 -0.937  4.581   1.00 30.43 ? 33  ARG A C   1 
ATOM   147  O O   . ARG A 1 33  ? -13.437 0.227   5.020   1.00 30.33 ? 33  ARG A O   1 
ATOM   148  C CB  . ARG A 1 33  ? -14.704 -2.917  5.493   1.00 31.31 ? 33  ARG A CB  1 
ATOM   149  C CG  . ARG A 1 33  ? -14.432 -2.408  6.953   1.00 33.00 ? 33  ARG A CG  1 
ATOM   150  C CD  . ARG A 1 33  ? -14.237 -3.504  7.985   1.00 31.70 ? 33  ARG A CD  1 
ATOM   151  N NE  . ARG A 1 33  ? -13.214 -4.476  7.606   1.00 31.45 ? 33  ARG A NE  1 
ATOM   152  C CZ  . ARG A 1 33  ? -11.919 -4.397  7.893   1.00 34.14 ? 33  ARG A CZ  1 
ATOM   153  N NH1 . ARG A 1 33  ? -11.410 -3.374  8.597   1.00 28.00 ? 33  ARG A NH1 1 
ATOM   154  N NH2 . ARG A 1 33  ? -11.127 -5.391  7.481   1.00 35.31 ? 33  ARG A NH2 1 
ATOM   155  N N   . ILE A 1 34  ? -12.305 -1.551  4.191   1.00 29.57 ? 34  ILE A N   1 
ATOM   156  C CA  . ILE A 1 34  ? -11.000 -0.970  4.266   1.00 30.53 ? 34  ILE A CA  1 
ATOM   157  C C   . ILE A 1 34  ? -10.890 0.396   3.589   1.00 31.19 ? 34  ILE A C   1 
ATOM   158  O O   . ILE A 1 34  ? -10.315 1.322   4.190   1.00 30.82 ? 34  ILE A O   1 
ATOM   159  C CB  . ILE A 1 34  ? -9.906  -1.987  3.782   1.00 29.91 ? 34  ILE A CB  1 
ATOM   160  C CG1 . ILE A 1 34  ? -9.864  -3.160  4.755   1.00 29.71 ? 34  ILE A CG1 1 
ATOM   161  C CG2 . ILE A 1 34  ? -8.543  -1.324  3.746   1.00 31.48 ? 34  ILE A CG2 1 
ATOM   162  C CD1 . ILE A 1 34  ? -9.168  -4.433  4.227   1.00 31.04 ? 34  ILE A CD1 1 
ATOM   163  N N   . ARG A 1 35  ? -11.437 0.539   2.382   1.00 31.51 ? 35  ARG A N   1 
ATOM   164  C CA  A ARG A 1 35  ? -11.398 1.818   1.667   0.50 32.86 ? 35  ARG A CA  1 
ATOM   165  C CA  B ARG A 1 35  ? -11.376 1.827   1.680   0.50 32.90 ? 35  ARG A CA  1 
ATOM   166  C C   . ARG A 1 35  ? -12.150 2.951   2.390   1.00 33.60 ? 35  ARG A C   1 
ATOM   167  O O   . ARG A 1 35  ? -12.043 4.132   2.011   1.00 34.21 ? 35  ARG A O   1 
ATOM   168  C CB  A ARG A 1 35  ? -11.931 1.660   0.233   0.50 32.52 ? 35  ARG A CB  1 
ATOM   169  C CB  B ARG A 1 35  ? -11.823 1.699   0.209   0.50 32.46 ? 35  ARG A CB  1 
ATOM   170  C CG  A ARG A 1 35  ? -13.475 1.713   0.091   0.50 33.43 ? 35  ARG A CG  1 
ATOM   171  C CG  B ARG A 1 35  ? -13.336 1.899   -0.066  0.50 33.80 ? 35  ARG A CG  1 
ATOM   172  C CD  A ARG A 1 35  ? -13.932 1.507   -1.367  0.50 32.90 ? 35  ARG A CD  1 
ATOM   173  C CD  B ARG A 1 35  ? -13.623 2.063   -1.578  0.50 33.00 ? 35  ARG A CD  1 
ATOM   174  N NE  A ARG A 1 35  ? -14.324 0.125   -1.643  0.50 33.59 ? 35  ARG A NE  1 
ATOM   175  N NE  B ARG A 1 35  ? -14.927 2.696   -1.835  0.50 35.49 ? 35  ARG A NE  1 
ATOM   176  C CZ  A ARG A 1 35  ? -14.916 -0.296  -2.767  0.50 34.31 ? 35  ARG A CZ  1 
ATOM   177  C CZ  B ARG A 1 35  ? -15.122 4.011   -1.929  0.50 34.73 ? 35  ARG A CZ  1 
ATOM   178  N NH1 A ARG A 1 35  ? -15.207 0.559   -3.745  0.50 34.11 ? 35  ARG A NH1 1 
ATOM   179  N NH1 B ARG A 1 35  ? -14.101 4.854   -1.774  0.50 35.09 ? 35  ARG A NH1 1 
ATOM   180  N NH2 A ARG A 1 35  ? -15.221 -1.588  -2.920  0.50 33.36 ? 35  ARG A NH2 1 
ATOM   181  N NH2 B ARG A 1 35  ? -16.341 4.487   -2.177  0.50 36.02 ? 35  ARG A NH2 1 
ATOM   182  N N   . GLN A 1 36  ? -12.948 2.594   3.393   1.00 34.33 ? 36  GLN A N   1 
ATOM   183  C CA  A GLN A 1 36  ? -13.738 3.560   4.164   0.50 34.48 ? 36  GLN A CA  1 
ATOM   184  C CA  B GLN A 1 36  ? -13.704 3.589   4.145   0.50 34.06 ? 36  GLN A CA  1 
ATOM   185  C C   . GLN A 1 36  ? -13.030 3.737   5.501   1.00 33.80 ? 36  GLN A C   1 
ATOM   186  O O   . GLN A 1 36  ? -12.940 4.846   6.038   1.00 34.93 ? 36  GLN A O   1 
ATOM   187  C CB  A GLN A 1 36  ? -15.180 3.055   4.381   0.50 34.39 ? 36  GLN A CB  1 
ATOM   188  C CB  B GLN A 1 36  ? -15.179 3.181   4.277   0.50 34.10 ? 36  GLN A CB  1 
ATOM   189  C CG  A GLN A 1 36  ? -16.093 3.078   3.131   0.50 35.12 ? 36  GLN A CG  1 
ATOM   190  C CG  B GLN A 1 36  ? -15.966 3.204   2.947   0.50 34.13 ? 36  GLN A CG  1 
ATOM   191  C CD  A GLN A 1 36  ? -17.458 2.409   3.366   0.50 35.77 ? 36  GLN A CD  1 
ATOM   192  C CD  B GLN A 1 36  ? -16.463 4.588   2.552   0.50 35.04 ? 36  GLN A CD  1 
ATOM   193  O OE1 A GLN A 1 36  ? -17.563 1.397   4.075   0.50 37.77 ? 36  GLN A OE1 1 
ATOM   194  O OE1 B GLN A 1 36  ? -16.489 5.516   3.376   0.50 34.76 ? 36  GLN A OE1 1 
ATOM   195  N NE2 A GLN A 1 36  ? -18.513 2.978   2.763   0.50 37.14 ? 36  GLN A NE2 1 
ATOM   196  N NE2 B GLN A 1 36  ? -16.902 4.727   1.284   0.50 34.48 ? 36  GLN A NE2 1 
ATOM   197  N N   . ALA A 1 37  ? -12.510 2.631   6.013   1.00 32.74 ? 37  ALA A N   1 
ATOM   198  C CA  . ALA A 1 37  ? -11.771 2.597   7.272   1.00 32.64 ? 37  ALA A CA  1 
ATOM   199  C C   . ALA A 1 37  ? -10.466 3.392   7.314   1.00 32.58 ? 37  ALA A C   1 
ATOM   200  O O   . ALA A 1 37  ? -10.163 4.019   8.345   1.00 31.86 ? 37  ALA A O   1 
ATOM   201  C CB  . ALA A 1 37  ? -11.523 1.147   7.739   1.00 30.88 ? 37  ALA A CB  1 
ATOM   202  N N   . ILE A 1 38  ? -9.678  3.346   6.241   1.00 32.80 ? 38  ILE A N   1 
ATOM   203  C CA  . ILE A 1 38  ? -8.406  4.049   6.241   1.00 32.71 ? 38  ILE A CA  1 
ATOM   204  C C   . ILE A 1 38  ? -8.656  5.452   5.754   1.00 33.24 ? 38  ILE A C   1 
ATOM   205  O O   . ILE A 1 38  ? -9.197  5.625   4.683   1.00 32.52 ? 38  ILE A O   1 
ATOM   206  C CB  . ILE A 1 38  ? -7.359  3.391   5.342   1.00 32.83 ? 38  ILE A CB  1 
ATOM   207  C CG1 . ILE A 1 38  ? -7.027  1.985   5.840   1.00 30.74 ? 38  ILE A CG1 1 
ATOM   208  C CG2 . ILE A 1 38  ? -6.123  4.276   5.288   1.00 33.10 ? 38  ILE A CG2 1 
ATOM   209  C CD1 . ILE A 1 38  ? -6.149  1.216   4.831   1.00 28.97 ? 38  ILE A CD1 1 
ATOM   210  N N   . PRO A 1 39  ? -8.357  6.461   6.595   1.00 34.63 ? 39  PRO A N   1 
ATOM   211  C CA  . PRO A 1 39  ? -8.544  7.882   6.262   1.00 35.05 ? 39  PRO A CA  1 
ATOM   212  C C   . PRO A 1 39  ? -7.308  8.442   5.519   1.00 36.28 ? 39  PRO A C   1 
ATOM   213  O O   . PRO A 1 39  ? -6.316  8.874   6.145   1.00 37.08 ? 39  PRO A O   1 
ATOM   214  C CB  . PRO A 1 39  ? -8.725  8.545   7.628   1.00 34.68 ? 39  PRO A CB  1 
ATOM   215  C CG  . PRO A 1 39  ? -8.258  7.629   8.597   1.00 33.40 ? 39  PRO A CG  1 
ATOM   216  C CD  . PRO A 1 39  ? -7.820  6.318   7.949   1.00 34.94 ? 39  PRO A CD  1 
ATOM   217  N N   . ARG A 1 40  ? -7.396  8.390   4.190   1.00 36.09 ? 40  ARG A N   1 
ATOM   218  C CA  . ARG A 1 40  ? -6.306  8.626   3.274   1.00 37.59 ? 40  ARG A CA  1 
ATOM   219  C C   . ARG A 1 40  ? -6.413  10.022  2.615   1.00 37.44 ? 40  ARG A C   1 
ATOM   220  O O   . ARG A 1 40  ? -5.442  10.532  2.066   1.00 37.17 ? 40  ARG A O   1 
ATOM   221  C CB  . ARG A 1 40  ? -6.351  7.492   2.222   1.00 38.43 ? 40  ARG A CB  1 
ATOM   222  C CG  . ARG A 1 40  ? -6.416  7.884   0.726   1.00 42.97 ? 40  ARG A CG  1 
ATOM   223  C CD  . ARG A 1 40  ? -7.857  8.109   0.209   1.00 49.97 ? 40  ARG A CD  1 
ATOM   224  N NE  . ARG A 1 40  ? -7.967  8.044   -1.256  1.00 55.95 ? 40  ARG A NE  1 
ATOM   225  C CZ  . ARG A 1 40  ? -8.009  9.096   -2.084  1.00 60.79 ? 40  ARG A CZ  1 
ATOM   226  N NH1 . ARG A 1 40  ? -7.940  10.350  -1.618  1.00 62.27 ? 40  ARG A NH1 1 
ATOM   227  N NH2 . ARG A 1 40  ? -8.123  8.900   -3.403  1.00 61.66 ? 40  ARG A NH2 1 
ATOM   228  N N   . GLU A 1 41  ? -7.603  10.613  2.701   1.00 37.68 ? 41  GLU A N   1 
ATOM   229  C CA  A GLU A 1 41  ? -7.956  11.861  2.017   0.50 38.02 ? 41  GLU A CA  1 
ATOM   230  C CA  B GLU A 1 41  ? -7.895  11.845  1.969   0.50 38.36 ? 41  GLU A CA  1 
ATOM   231  C C   . GLU A 1 41  ? -7.277  13.088  2.624   1.00 38.41 ? 41  GLU A C   1 
ATOM   232  O O   . GLU A 1 41  ? -6.924  13.093  3.808   1.00 38.20 ? 41  GLU A O   1 
ATOM   233  C CB  A GLU A 1 41  ? -9.481  12.058  2.029   0.50 37.63 ? 41  GLU A CB  1 
ATOM   234  C CB  B GLU A 1 41  ? -9.412  12.001  1.724   0.50 38.14 ? 41  GLU A CB  1 
ATOM   235  C CG  A GLU A 1 41  ? -10.287 10.943  1.361   0.50 36.79 ? 41  GLU A CG  1 
ATOM   236  C CG  B GLU A 1 41  ? -9.831  13.267  0.938   0.50 39.14 ? 41  GLU A CG  1 
ATOM   237  C CD  A GLU A 1 41  ? -10.381 9.666   2.211   0.50 37.34 ? 41  GLU A CD  1 
ATOM   238  C CD  B GLU A 1 41  ? -9.736  13.140  -0.587  0.50 39.53 ? 41  GLU A CD  1 
ATOM   239  O OE1 A GLU A 1 41  ? -10.052 9.698   3.428   0.50 33.91 ? 41  GLU A OE1 1 
ATOM   240  O OE1 B GLU A 1 41  ? -10.713 13.549  -1.253  0.50 37.58 ? 41  GLU A OE1 1 
ATOM   241  O OE2 A GLU A 1 41  ? -10.776 8.623   1.642   0.50 38.01 ? 41  GLU A OE2 1 
ATOM   242  O OE2 B GLU A 1 41  ? -8.705  12.648  -1.114  0.50 39.13 ? 41  GLU A OE2 1 
ATOM   243  N N   . LYS A 1 42  ? -7.109  14.118  1.801   1.00 39.22 ? 42  LYS A N   1 
ATOM   244  C CA  . LYS A 1 42  ? -6.571  15.385  2.196   1.00 39.44 ? 42  LYS A CA  1 
ATOM   245  C C   . LYS A 1 42  ? -7.791  16.259  2.511   1.00 39.26 ? 42  LYS A C   1 
ATOM   246  O O   . LYS A 1 42  ? -8.222  17.093  1.699   1.00 38.32 ? 42  LYS A O   1 
ATOM   247  C CB  . LYS A 1 42  ? -5.748  15.951  1.043   1.00 40.29 ? 42  LYS A CB  1 
ATOM   248  C CG  . LYS A 1 42  ? -4.631  16.922  1.468   1.00 42.57 ? 42  LYS A CG  1 
ATOM   249  C CD  . LYS A 1 42  ? -4.381  18.017  0.416   1.00 43.68 ? 42  LYS A CD  1 
ATOM   250  C CE  . LYS A 1 42  ? -3.776  17.484  -0.908  1.00 44.69 ? 42  LYS A CE  1 
ATOM   251  N NZ  . LYS A 1 42  ? -3.774  18.519  -2.043  1.00 44.54 ? 42  LYS A NZ  1 
ATOM   252  N N   . THR A 1 43  ? -8.391  15.999  3.671   1.00 38.86 ? 43  THR A N   1 
ATOM   253  C CA  . THR A 1 43  ? -9.491  16.798  4.184   1.00 38.85 ? 43  THR A CA  1 
ATOM   254  C C   . THR A 1 43  ? -9.235  16.995  5.678   1.00 38.82 ? 43  THR A C   1 
ATOM   255  O O   . THR A 1 43  ? -8.422  16.254  6.286   1.00 38.71 ? 43  THR A O   1 
ATOM   256  C CB  . THR A 1 43  ? -10.878 16.143  3.929   1.00 38.94 ? 43  THR A CB  1 
ATOM   257  O OG1 . THR A 1 43  ? -10.928 14.837  4.526   1.00 39.76 ? 43  THR A OG1 1 
ATOM   258  C CG2 . THR A 1 43  ? -11.181 16.039  2.431   1.00 38.46 ? 43  THR A CG2 1 
ATOM   259  N N   . ALA A 1 44  ? -9.890  17.995  6.266   1.00 37.73 ? 44  ALA A N   1 
ATOM   260  C CA  . ALA A 1 44  ? -9.861  18.171  7.715   1.00 37.21 ? 44  ALA A CA  1 
ATOM   261  C C   . ALA A 1 44  ? -10.544 16.982  8.393   1.00 37.09 ? 44  ALA A C   1 
ATOM   262  O O   . ALA A 1 44  ? -10.116 16.535  9.442   1.00 36.57 ? 44  ALA A O   1 
ATOM   263  C CB  . ALA A 1 44  ? -10.539 19.479  8.113   1.00 37.73 ? 44  ALA A CB  1 
ATOM   264  N N   . GLU A 1 45  ? -11.619 16.496  7.781   1.00 37.07 ? 45  GLU A N   1 
ATOM   265  C CA  . GLU A 1 45  ? -12.394 15.348  8.266   1.00 37.07 ? 45  GLU A CA  1 
ATOM   266  C C   . GLU A 1 45  ? -11.509 14.089  8.482   1.00 36.25 ? 45  GLU A C   1 
ATOM   267  O O   . GLU A 1 45  ? -11.526 13.461  9.575   1.00 36.63 ? 45  GLU A O   1 
ATOM   268  C CB  . GLU A 1 45  ? -13.557 15.129  7.278   1.00 37.51 ? 45  GLU A CB  1 
ATOM   269  C CG  . GLU A 1 45  ? -14.169 13.746  7.180   1.00 40.67 ? 45  GLU A CG  1 
ATOM   270  C CD  . GLU A 1 45  ? -14.774 13.269  8.466   1.00 42.96 ? 45  GLU A CD  1 
ATOM   271  O OE1 . GLU A 1 45  ? -14.189 12.338  9.036   1.00 46.50 ? 45  GLU A OE1 1 
ATOM   272  O OE2 . GLU A 1 45  ? -15.809 13.806  8.913   1.00 44.53 ? 45  GLU A OE2 1 
ATOM   273  N N   . ALA A 1 46  ? -10.691 13.783  7.472   1.00 34.70 ? 46  ALA A N   1 
ATOM   274  C CA  . ALA A 1 46  ? -9.731  12.674  7.505   1.00 33.80 ? 46  ALA A CA  1 
ATOM   275  C C   . ALA A 1 46  ? -8.542  12.951  8.422   1.00 33.33 ? 46  ALA A C   1 
ATOM   276  O O   . ALA A 1 46  ? -7.941  12.034  8.996   1.00 31.21 ? 46  ALA A O   1 
ATOM   277  C CB  . ALA A 1 46  ? -9.221  12.391  6.073   1.00 33.82 ? 46  ALA A CB  1 
ATOM   278  N N   . LYS A 1 47  ? -8.165  14.224  8.496   1.00 32.68 ? 47  LYS A N   1 
ATOM   279  C CA  . LYS A 1 47  ? -7.051  14.635  9.324   1.00 32.87 ? 47  LYS A CA  1 
ATOM   280  C C   . LYS A 1 47  ? -7.330  14.279  10.785  1.00 33.02 ? 47  LYS A C   1 
ATOM   281  O O   . LYS A 1 47  ? -6.453  13.761  11.484  1.00 32.95 ? 47  LYS A O   1 
ATOM   282  C CB  . LYS A 1 47  ? -6.766  16.145  9.111   1.00 33.24 ? 47  LYS A CB  1 
ATOM   283  C CG  . LYS A 1 47  ? -5.863  16.778  10.148  1.00 33.00 ? 47  LYS A CG  1 
ATOM   284  C CD  . LYS A 1 47  ? -5.741  18.272  9.967   1.00 33.54 ? 47  LYS A CD  1 
ATOM   285  C CE  . LYS A 1 47  ? -4.737  18.652  8.886   1.00 33.86 ? 47  LYS A CE  1 
ATOM   286  N NZ  . LYS A 1 47  ? -4.656  20.165  8.708   1.00 33.29 ? 47  LYS A NZ  1 
ATOM   287  N N   . GLN A 1 48  ? -8.557  14.502  11.239  1.00 32.83 ? 48  GLN A N   1 
ATOM   288  C CA  . GLN A 1 48  ? -8.895  14.119  12.592  1.00 34.30 ? 48  GLN A CA  1 
ATOM   289  C C   . GLN A 1 48  ? -8.985  12.601  12.779  1.00 33.11 ? 48  GLN A C   1 
ATOM   290  O O   . GLN A 1 48  ? -8.584  12.044  13.821  1.00 32.72 ? 48  GLN A O   1 
ATOM   291  C CB  . GLN A 1 48  ? -10.202 14.778  13.047  1.00 35.44 ? 48  GLN A CB  1 
ATOM   292  C CG  . GLN A 1 48  ? -10.575 14.435  14.504  1.00 40.77 ? 48  GLN A CG  1 
ATOM   293  C CD  . GLN A 1 48  ? -9.526  14.925  15.510  1.00 46.11 ? 48  GLN A CD  1 
ATOM   294  O OE1 . GLN A 1 48  ? -8.884  15.983  15.306  1.00 48.95 ? 48  GLN A OE1 1 
ATOM   295  N NE2 . GLN A 1 48  ? -9.348  14.167  16.600  1.00 47.10 ? 48  GLN A NE2 1 
ATOM   296  N N   . ARG A 1 49  ? -9.529  11.920  11.788  1.00 32.18 ? 49  ARG A N   1 
ATOM   297  C CA  . ARG A 1 49  ? -9.639  10.465  11.880  1.00 31.81 ? 49  ARG A CA  1 
ATOM   298  C C   . ARG A 1 49  ? -8.255  9.844   12.029  1.00 30.98 ? 49  ARG A C   1 
ATOM   299  O O   . ARG A 1 49  ? -8.068  8.812   12.678  1.00 31.79 ? 49  ARG A O   1 
ATOM   300  C CB  . ARG A 1 49  ? -10.377 9.912   10.670  1.00 31.57 ? 49  ARG A CB  1 
ATOM   301  C CG  . ARG A 1 49  ? -11.866 10.268  10.661  1.00 32.58 ? 49  ARG A CG  1 
ATOM   302  C CD  . ARG A 1 49  ? -12.568 9.680   9.474   1.00 31.39 ? 49  ARG A CD  1 
ATOM   303  N NE  . ARG A 1 49  ? -12.170 8.303   9.270   1.00 38.16 ? 49  ARG A NE  1 
ATOM   304  C CZ  . ARG A 1 49  ? -12.444 7.614   8.166   1.00 41.32 ? 49  ARG A CZ  1 
ATOM   305  N NH1 . ARG A 1 49  ? -13.145 8.205   7.186   1.00 37.04 ? 49  ARG A NH1 1 
ATOM   306  N NH2 . ARG A 1 49  ? -12.034 6.345   8.052   1.00 39.43 ? 49  ARG A NH2 1 
ATOM   307  N N   . ARG A 1 50  ? -7.277  10.509  11.465  1.00 30.13 ? 50  ARG A N   1 
ATOM   308  C CA  . ARG A 1 50  ? -5.913  10.024  11.542  1.00 30.49 ? 50  ARG A CA  1 
ATOM   309  C C   . ARG A 1 50  ? -5.315  10.117  12.927  1.00 29.85 ? 50  ARG A C   1 
ATOM   310  O O   . ARG A 1 50  ? -4.591  9.237   13.336  1.00 30.17 ? 50  ARG A O   1 
ATOM   311  C CB  . ARG A 1 50  ? -5.023  10.733  10.503  1.00 29.71 ? 50  ARG A CB  1 
ATOM   312  C CG  . ARG A 1 50  ? -5.175  10.149  9.130   1.00 28.79 ? 50  ARG A CG  1 
ATOM   313  C CD  . ARG A 1 50  ? -4.074  10.624  8.157   1.00 28.62 ? 50  ARG A CD  1 
ATOM   314  N NE  . ARG A 1 50  ? -4.265  12.017  7.768   1.00 25.28 ? 50  ARG A NE  1 
ATOM   315  C CZ  . ARG A 1 50  ? -4.994  12.451  6.738   1.00 27.53 ? 50  ARG A CZ  1 
ATOM   316  N NH1 . ARG A 1 50  ? -5.636  11.607  5.935   1.00 29.70 ? 50  ARG A NH1 1 
ATOM   317  N NH2 . ARG A 1 50  ? -5.068  13.758  6.504   1.00 26.17 ? 50  ARG A NH2 1 
ATOM   318  N N   . ILE A 1 51  ? -5.575  11.218  13.617  1.00 30.67 ? 51  ILE A N   1 
ATOM   319  C CA  . ILE A 1 51  ? -5.226  11.361  15.039  1.00 30.62 ? 51  ILE A CA  1 
ATOM   320  C C   . ILE A 1 51  ? -5.859  10.205  15.856  1.00 30.34 ? 51  ILE A C   1 
ATOM   321  O O   . ILE A 1 51  ? -5.150  9.479   16.552  1.00 29.41 ? 51  ILE A O   1 
ATOM   322  C CB  . ILE A 1 51  ? -5.700  12.718  15.570  1.00 30.38 ? 51  ILE A CB  1 
ATOM   323  C CG1 . ILE A 1 51  ? -4.893  13.827  14.952  1.00 32.13 ? 51  ILE A CG1 1 
ATOM   324  C CG2 . ILE A 1 51  ? -5.534  12.808  17.068  1.00 31.76 ? 51  ILE A CG2 1 
ATOM   325  C CD1 . ILE A 1 51  ? -5.573  15.222  15.018  1.00 35.76 ? 51  ILE A CD1 1 
ATOM   326  N N   . GLU A 1 52  ? -7.186  10.041  15.744  1.00 30.19 ? 52  GLU A N   1 
ATOM   327  C CA  . GLU A 1 52  ? -7.945  9.015   16.447  1.00 31.11 ? 52  GLU A CA  1 
ATOM   328  C C   . GLU A 1 52  ? -7.330  7.652   16.231  1.00 30.59 ? 52  GLU A C   1 
ATOM   329  O O   . GLU A 1 52  ? -6.990  6.958   17.186  1.00 31.14 ? 52  GLU A O   1 
ATOM   330  C CB  . GLU A 1 52  ? -9.427  9.045   16.003  1.00 32.26 ? 52  GLU A CB  1 
ATOM   331  C CG  . GLU A 1 52  ? -10.135 10.374  16.381  1.00 34.44 ? 52  GLU A CG  1 
ATOM   332  C CD  . GLU A 1 52  ? -11.492 10.637  15.674  1.00 35.07 ? 52  GLU A CD  1 
ATOM   333  O OE1 . GLU A 1 52  ? -11.866 9.902   14.709  1.00 37.55 ? 52  GLU A OE1 1 
ATOM   334  O OE2 . GLU A 1 52  ? -12.185 11.609  16.105  1.00 42.05 ? 52  GLU A OE2 1 
ATOM   335  N N   . LEU A 1 53  ? -7.118  7.308   14.963  1.00 30.13 ? 53  LEU A N   1 
ATOM   336  C CA  . LEU A 1 53  ? -6.355  6.129   14.537  1.00 29.60 ? 53  LEU A CA  1 
ATOM   337  C C   . LEU A 1 53  ? -4.933  6.019   15.101  1.00 29.17 ? 53  LEU A C   1 
ATOM   338  O O   . LEU A 1 53  ? -4.567  4.971   15.624  1.00 29.04 ? 53  LEU A O   1 
ATOM   339  C CB  . LEU A 1 53  ? -6.343  6.112   13.017  1.00 29.62 ? 53  LEU A CB  1 
ATOM   340  C CG  . LEU A 1 53  ? -6.745  4.803   12.384  1.00 31.93 ? 53  LEU A CG  1 
ATOM   341  C CD1 . LEU A 1 53  ? -8.007  4.144   13.010  1.00 31.25 ? 53  LEU A CD1 1 
ATOM   342  C CD2 . LEU A 1 53  ? -6.859  4.967   10.898  1.00 27.46 ? 53  LEU A CD2 1 
ATOM   343  N N   . PHE A 1 54  ? -4.136  7.091   15.036  1.00 28.95 ? 54  PHE A N   1 
ATOM   344  C CA  . PHE A 1 54  ? -2.783  7.074   15.684  1.00 28.77 ? 54  PHE A CA  1 
ATOM   345  C C   . PHE A 1 54  ? -2.785  6.798   17.184  1.00 28.74 ? 54  PHE A C   1 
ATOM   346  O O   . PHE A 1 54  ? -1.936  6.076   17.694  1.00 27.89 ? 54  PHE A O   1 
ATOM   347  C CB  . PHE A 1 54  ? -2.034  8.353   15.390  1.00 29.13 ? 54  PHE A CB  1 
ATOM   348  C CG  . PHE A 1 54  ? -0.577  8.358   15.861  1.00 29.54 ? 54  PHE A CG  1 
ATOM   349  C CD1 . PHE A 1 54  ? 0.401   7.602   15.205  1.00 29.09 ? 54  PHE A CD1 1 
ATOM   350  C CD2 . PHE A 1 54  ? -0.179  9.194   16.887  1.00 30.26 ? 54  PHE A CD2 1 
ATOM   351  C CE1 . PHE A 1 54  ? 1.723   7.641   15.588  1.00 30.41 ? 54  PHE A CE1 1 
ATOM   352  C CE2 . PHE A 1 54  ? 1.171   9.249   17.274  1.00 29.63 ? 54  PHE A CE2 1 
ATOM   353  C CZ  . PHE A 1 54  ? 2.117   8.456   16.619  1.00 28.61 ? 54  PHE A CZ  1 
ATOM   354  N N   . LYS A 1 55  ? -3.774  7.331   17.895  1.00 29.38 ? 55  LYS A N   1 
ATOM   355  C CA  . LYS A 1 55  ? -3.884  7.039   19.339  1.00 29.10 ? 55  LYS A CA  1 
ATOM   356  C C   . LYS A 1 55  ? -4.195  5.574   19.637  1.00 29.20 ? 55  LYS A C   1 
ATOM   357  O O   . LYS A 1 55  ? -3.728  5.024   20.631  1.00 27.90 ? 55  LYS A O   1 
ATOM   358  C CB  . LYS A 1 55  ? -4.894  7.976   19.990  1.00 29.93 ? 55  LYS A CB  1 
ATOM   359  C CG  . LYS A 1 55  ? -4.489  9.467   19.846  1.00 28.09 ? 55  LYS A CG  1 
ATOM   360  C CD  . LYS A 1 55  ? -5.355  10.365  20.693  1.00 36.65 ? 55  LYS A CD  1 
ATOM   361  C CE  . LYS A 1 55  ? -6.794  10.412  20.202  1.00 39.48 ? 55  LYS A CE  1 
ATOM   362  N NZ  . LYS A 1 55  ? -7.496  11.598  20.817  1.00 44.59 ? 55  LYS A NZ  1 
ATOM   363  N N   . LYS A 1 56  ? -4.951  4.923   18.758  1.00 29.07 ? 56  LYS A N   1 
ATOM   364  C CA  . LYS A 1 56  ? -5.229  3.483   18.921  1.00 29.85 ? 56  LYS A CA  1 
ATOM   365  C C   . LYS A 1 56  ? -3.995  2.582   18.736  1.00 29.99 ? 56  LYS A C   1 
ATOM   366  O O   . LYS A 1 56  ? -3.941  1.483   19.285  1.00 30.41 ? 56  LYS A O   1 
ATOM   367  C CB  . LYS A 1 56  ? -6.304  3.040   17.932  1.00 29.12 ? 56  LYS A CB  1 
ATOM   368  C CG  . LYS A 1 56  ? -7.605  3.700   18.203  1.00 29.36 ? 56  LYS A CG  1 
ATOM   369  C CD  . LYS A 1 56  ? -8.665  3.223   17.313  1.00 30.63 ? 56  LYS A CD  1 
ATOM   370  C CE  . LYS A 1 56  ? -9.988  3.680   17.874  1.00 32.85 ? 56  LYS A CE  1 
ATOM   371  N NZ  . LYS A 1 56  ? -10.065 5.120   17.553  1.00 37.22 ? 56  LYS A NZ  1 
ATOM   372  N N   . PHE A 1 57  ? -3.058  3.033   17.903  1.00 30.46 ? 57  PHE A N   1 
ATOM   373  C CA  . PHE A 1 57  ? -1.791  2.344   17.615  1.00 30.04 ? 57  PHE A CA  1 
ATOM   374  C C   . PHE A 1 57  ? -0.752  2.615   18.715  1.00 29.67 ? 57  PHE A C   1 
ATOM   375  O O   . PHE A 1 57  ? -0.064  1.685   19.174  1.00 29.01 ? 57  PHE A O   1 
ATOM   376  C CB  . PHE A 1 57  ? -1.200  2.849   16.280  1.00 29.98 ? 57  PHE A CB  1 
ATOM   377  C CG  . PHE A 1 57  ? -1.651  2.083   15.065  1.00 30.60 ? 57  PHE A CG  1 
ATOM   378  C CD1 . PHE A 1 57  ? -2.960  2.224   14.553  1.00 29.98 ? 57  PHE A CD1 1 
ATOM   379  C CD2 . PHE A 1 57  ? -0.739  1.260   14.378  1.00 30.00 ? 57  PHE A CD2 1 
ATOM   380  C CE1 . PHE A 1 57  ? -3.373  1.530   13.403  1.00 26.85 ? 57  PHE A CE1 1 
ATOM   381  C CE2 . PHE A 1 57  ? -1.159  0.563   13.216  1.00 30.82 ? 57  PHE A CE2 1 
ATOM   382  C CZ  . PHE A 1 57  ? -2.488  0.694   12.754  1.00 29.45 ? 57  PHE A CZ  1 
ATOM   383  N N   . ASP A 1 58  ? -0.632  3.891   19.107  1.00 29.00 ? 58  ASP A N   1 
ATOM   384  C CA  . ASP A 1 58  ? 0.346   4.340   20.106  1.00 28.49 ? 58  ASP A CA  1 
ATOM   385  C C   . ASP A 1 58  ? -0.094  4.104   21.556  1.00 27.67 ? 58  ASP A C   1 
ATOM   386  O O   . ASP A 1 58  ? -0.335  5.042   22.311  1.00 27.07 ? 58  ASP A O   1 
ATOM   387  C CB  . ASP A 1 58  ? 0.670   5.810   19.879  1.00 29.12 ? 58  ASP A CB  1 
ATOM   388  C CG  . ASP A 1 58  ? 1.919   6.255   20.622  1.00 29.76 ? 58  ASP A CG  1 
ATOM   389  O OD1 . ASP A 1 58  ? 2.671   5.403   21.163  1.00 30.36 ? 58  ASP A OD1 1 
ATOM   390  O OD2 . ASP A 1 58  ? 2.134   7.481   20.669  1.00 31.08 ? 58  ASP A OD2 1 
ATOM   391  N N   . LYS A 1 59  ? -0.236  2.834   21.910  1.00 27.01 ? 59  LYS A N   1 
ATOM   392  C CA  . LYS A 1 59  ? -0.639  2.412   23.242  1.00 27.11 ? 59  LYS A CA  1 
ATOM   393  C C   . LYS A 1 59  ? 0.349   2.857   24.316  1.00 27.25 ? 59  LYS A C   1 
ATOM   394  O O   . LYS A 1 59  ? -0.035  3.210   25.435  1.00 27.37 ? 59  LYS A O   1 
ATOM   395  C CB  . LYS A 1 59  ? -0.799  0.893   23.252  1.00 28.11 ? 59  LYS A CB  1 
ATOM   396  C CG  . LYS A 1 59  ? -1.948  0.438   22.327  1.00 30.75 ? 59  LYS A CG  1 
ATOM   397  C CD  . LYS A 1 59  ? -2.028  -1.045  22.187  1.00 34.17 ? 59  LYS A CD  1 
ATOM   398  C CE  . LYS A 1 59  ? -3.346  -1.373  21.490  1.00 36.56 ? 59  LYS A CE  1 
ATOM   399  N NZ  . LYS A 1 59  ? -3.290  -2.646  20.675  1.00 42.19 ? 59  LYS A NZ  1 
ATOM   400  N N   . ASN A 1 60  ? 1.636   2.871   23.971  1.00 26.59 ? 60  ASN A N   1 
ATOM   401  C CA  . ASN A 1 60  ? 2.609   3.316   24.943  1.00 26.13 ? 60  ASN A CA  1 
ATOM   402  C C   . ASN A 1 60  ? 2.737   4.846   25.004  1.00 25.74 ? 60  ASN A C   1 
ATOM   403  O O   . ASN A 1 60  ? 3.458   5.370   25.825  1.00 25.08 ? 60  ASN A O   1 
ATOM   404  C CB  . ASN A 1 60  ? 3.933   2.589   24.727  1.00 25.69 ? 60  ASN A CB  1 
ATOM   405  C CG  . ASN A 1 60  ? 3.949   1.196   25.375  1.00 24.04 ? 60  ASN A CG  1 
ATOM   406  O OD1 . ASN A 1 60  ? 3.436   1.003   26.482  1.00 22.99 ? 60  ASN A OD1 1 
ATOM   407  N ND2 . ASN A 1 60  ? 4.537   0.226   24.678  1.00 24.01 ? 60  ASN A ND2 1 
ATOM   408  N N   . GLU A 1 61  ? 2.021   5.549   24.137  1.00 25.43 ? 61  GLU A N   1 
ATOM   409  C CA  . GLU A 1 61  ? 2.034   7.013   24.130  1.00 26.27 ? 61  GLU A CA  1 
ATOM   410  C C   . GLU A 1 61  ? 3.410   7.636   24.044  1.00 26.34 ? 61  GLU A C   1 
ATOM   411  O O   . GLU A 1 61  ? 3.661   8.674   24.676  1.00 26.47 ? 61  GLU A O   1 
ATOM   412  C CB  . GLU A 1 61  ? 1.311   7.535   25.368  1.00 27.16 ? 61  GLU A CB  1 
ATOM   413  C CG  . GLU A 1 61  ? 0.156   6.658   25.722  1.00 29.52 ? 61  GLU A CG  1 
ATOM   414  C CD  . GLU A 1 61  ? -1.068  7.431   25.925  1.00 33.71 ? 61  GLU A CD  1 
ATOM   415  O OE1 . GLU A 1 61  ? -1.888  7.410   24.996  1.00 38.33 ? 61  GLU A OE1 1 
ATOM   416  O OE2 . GLU A 1 61  ? -1.205  8.079   26.982  1.00 34.88 ? 61  GLU A OE2 1 
ATOM   417  N N   . THR A 1 62  ? 4.300   6.995   23.285  1.00 26.62 ? 62  THR A N   1 
ATOM   418  C CA  . THR A 1 62  ? 5.629   7.504   23.040  1.00 27.72 ? 62  THR A CA  1 
ATOM   419  C C   . THR A 1 62  ? 5.635   8.347   21.773  1.00 28.03 ? 62  THR A C   1 
ATOM   420  O O   . THR A 1 62  ? 6.571   9.110   21.517  1.00 28.35 ? 62  THR A O   1 
ATOM   421  C CB  . THR A 1 62  ? 6.691   6.372   22.869  1.00 28.10 ? 62  THR A CB  1 
ATOM   422  O OG1 . THR A 1 62  ? 6.549   5.758   21.567  1.00 30.25 ? 62  THR A OG1 1 
ATOM   423  C CG2 . THR A 1 62  ? 6.607   5.335   23.987  1.00 24.86 ? 62  THR A CG2 1 
ATOM   424  N N   . GLY A 1 63  ? 4.593   8.212   20.971  1.00 28.53 ? 63  GLY A N   1 
ATOM   425  C CA  . GLY A 1 63  ? 4.591   8.851   19.663  1.00 30.04 ? 63  GLY A CA  1 
ATOM   426  C C   . GLY A 1 63  ? 5.642   8.315   18.702  1.00 30.13 ? 63  GLY A C   1 
ATOM   427  O O   . GLY A 1 63  ? 5.868   8.913   17.661  1.00 29.91 ? 63  GLY A O   1 
ATOM   428  N N   . LYS A 1 64  ? 6.270   7.198   19.065  1.00 30.78 ? 64  LYS A N   1 
ATOM   429  C CA  . LYS A 1 64  ? 7.224   6.490   18.200  1.00 32.89 ? 64  LYS A CA  1 
ATOM   430  C C   . LYS A 1 64  ? 6.752   5.057   18.100  1.00 33.28 ? 64  LYS A C   1 
ATOM   431  O O   . LYS A 1 64  ? 6.513   4.404   19.143  1.00 34.42 ? 64  LYS A O   1 
ATOM   432  C CB  . LYS A 1 64  ? 8.632   6.500   18.800  1.00 33.25 ? 64  LYS A CB  1 
ATOM   433  C CG  . LYS A 1 64  ? 9.387   7.818   18.656  1.00 35.14 ? 64  LYS A CG  1 
ATOM   434  C CD  . LYS A 1 64  ? 9.653   8.480   20.017  1.00 40.78 ? 64  LYS A CD  1 
ATOM   435  C CE  . LYS A 1 64  ? 10.187  9.899   19.858  1.00 41.23 ? 64  LYS A CE  1 
ATOM   436  N NZ  . LYS A 1 64  ? 9.391   10.660  18.838  1.00 43.19 ? 64  LYS A NZ  1 
ATOM   437  N N   . LEU A 1 65  ? 6.584   4.558   16.876  1.00 32.65 ? 65  LEU A N   1 
ATOM   438  C CA  . LEU A 1 65  ? 6.154   3.184   16.731  1.00 32.47 ? 65  LEU A CA  1 
ATOM   439  C C   . LEU A 1 65  ? 7.176   2.313   16.012  1.00 32.21 ? 65  LEU A C   1 
ATOM   440  O O   . LEU A 1 65  ? 7.593   2.578   14.858  1.00 31.34 ? 65  LEU A O   1 
ATOM   441  C CB  . LEU A 1 65  ? 4.788   3.083   16.022  1.00 32.86 ? 65  LEU A CB  1 
ATOM   442  C CG  . LEU A 1 65  ? 3.574   3.943   16.393  1.00 34.89 ? 65  LEU A CG  1 
ATOM   443  C CD1 . LEU A 1 65  ? 3.948   5.375   16.149  1.00 36.70 ? 65  LEU A CD1 1 
ATOM   444  C CD2 . LEU A 1 65  ? 2.385   3.624   15.545  1.00 32.64 ? 65  LEU A CD2 1 
HETATM 445  N N   . CSX A 1 66  ? 7.546   1.240   16.693  1.00 32.65 ? 66  CSX A N   1 
HETATM 446  C CA  . CSX A 1 66  ? 8.381   0.226   16.095  1.00 32.91 ? 66  CSX A CA  1 
HETATM 447  C CB  . CSX A 1 66  ? 9.269   -0.456  17.138  1.00 33.15 ? 66  CSX A CB  1 
HETATM 448  S SG  . CSX A 1 66  ? 10.441  0.819   17.993  1.00 32.63 ? 66  CSX A SG  1 
HETATM 449  C C   . CSX A 1 66  ? 7.477   -0.697  15.314  1.00 33.87 ? 66  CSX A C   1 
HETATM 450  O O   . CSX A 1 66  ? 6.225   -0.641  15.441  1.00 34.41 ? 66  CSX A O   1 
HETATM 451  O OD  . CSX A 1 66  ? 11.593  1.427   16.727  1.00 29.06 ? 66  CSX A OD  1 
ATOM   452  N N   . TYR A 1 67  ? 8.094   -1.527  14.477  1.00 33.61 ? 67  TYR A N   1 
ATOM   453  C CA  . TYR A 1 67  ? 7.386   -2.407  13.571  1.00 32.53 ? 67  TYR A CA  1 
ATOM   454  C C   . TYR A 1 67  ? 6.287   -3.265  14.239  1.00 33.00 ? 67  TYR A C   1 
ATOM   455  O O   . TYR A 1 67  ? 5.171   -3.382  13.685  1.00 31.72 ? 67  TYR A O   1 
ATOM   456  C CB  . TYR A 1 67  ? 8.385   -3.275  12.791  1.00 32.35 ? 67  TYR A CB  1 
ATOM   457  C CG  . TYR A 1 67  ? 7.665   -4.265  11.930  1.00 33.03 ? 67  TYR A CG  1 
ATOM   458  C CD1 . TYR A 1 67  ? 7.034   -3.842  10.752  1.00 30.57 ? 67  TYR A CD1 1 
ATOM   459  C CD2 . TYR A 1 67  ? 7.556   -5.614  12.313  1.00 33.18 ? 67  TYR A CD2 1 
ATOM   460  C CE1 . TYR A 1 67  ? 6.317   -4.707  9.993   1.00 33.07 ? 67  TYR A CE1 1 
ATOM   461  C CE2 . TYR A 1 67  ? 6.844   -6.509  11.533  1.00 33.53 ? 67  TYR A CE2 1 
ATOM   462  C CZ  . TYR A 1 67  ? 6.223   -6.033  10.370  1.00 33.35 ? 67  TYR A CZ  1 
ATOM   463  O OH  . TYR A 1 67  ? 5.497   -6.863  9.564   1.00 34.78 ? 67  TYR A OH  1 
ATOM   464  N N   . ASP A 1 68  ? 6.578   -3.871  15.400  1.00 33.56 ? 68  ASP A N   1 
ATOM   465  C CA  . ASP A 1 68  ? 5.572   -4.719  16.073  1.00 34.86 ? 68  ASP A CA  1 
ATOM   466  C C   . ASP A 1 68  ? 4.315   -3.960  16.448  1.00 34.46 ? 68  ASP A C   1 
ATOM   467  O O   . ASP A 1 68  ? 3.199   -4.489  16.325  1.00 34.39 ? 68  ASP A O   1 
ATOM   468  C CB  . ASP A 1 68  ? 6.124   -5.430  17.320  1.00 36.29 ? 68  ASP A CB  1 
ATOM   469  C CG  . ASP A 1 68  ? 5.009   -6.155  18.137  1.00 40.05 ? 68  ASP A CG  1 
ATOM   470  O OD1 . ASP A 1 68  ? 5.058   -6.125  19.417  1.00 42.44 ? 68  ASP A OD1 1 
ATOM   471  O OD2 . ASP A 1 68  ? 4.084   -6.740  17.485  1.00 42.38 ? 68  ASP A OD2 1 
ATOM   472  N N   . GLU A 1 69  ? 4.502   -2.723  16.898  1.00 33.97 ? 69  GLU A N   1 
ATOM   473  C CA  . GLU A 1 69  ? 3.367   -1.836  17.148  1.00 34.31 ? 69  GLU A CA  1 
ATOM   474  C C   . GLU A 1 69  ? 2.498   -1.534  15.922  1.00 33.98 ? 69  GLU A C   1 
ATOM   475  O O   . GLU A 1 69  ? 1.268   -1.677  15.975  1.00 33.52 ? 69  GLU A O   1 
ATOM   476  C CB  . GLU A 1 69  ? 3.854   -0.552  17.799  1.00 34.72 ? 69  GLU A CB  1 
ATOM   477  C CG  . GLU A 1 69  ? 4.266   -0.762  19.235  1.00 33.98 ? 69  GLU A CG  1 
ATOM   478  C CD  . GLU A 1 69  ? 4.833   0.478   19.852  1.00 37.05 ? 69  GLU A CD  1 
ATOM   479  O OE1 . GLU A 1 69  ? 5.909   0.921   19.363  1.00 36.99 ? 69  GLU A OE1 1 
ATOM   480  O OE2 . GLU A 1 69  ? 4.199   1.007   20.822  1.00 40.41 ? 69  GLU A OE2 1 
ATOM   481  N N   . VAL A 1 70  ? 3.136   -1.124  14.827  1.00 33.50 ? 70  VAL A N   1 
ATOM   482  C CA  . VAL A 1 70  ? 2.432   -0.892  13.545  1.00 33.13 ? 70  VAL A CA  1 
ATOM   483  C C   . VAL A 1 70  ? 1.738   -2.163  13.051  1.00 33.42 ? 70  VAL A C   1 
ATOM   484  O O   . VAL A 1 70  ? 0.571   -2.152  12.600  1.00 33.07 ? 70  VAL A O   1 
ATOM   485  C CB  . VAL A 1 70  ? 3.419   -0.412  12.468  1.00 33.20 ? 70  VAL A CB  1 
ATOM   486  C CG1 . VAL A 1 70  ? 2.826   -0.582  11.103  1.00 34.73 ? 70  VAL A CG1 1 
ATOM   487  C CG2 . VAL A 1 70  ? 3.830   1.030   12.719  1.00 30.79 ? 70  VAL A CG2 1 
ATOM   488  N N   . TYR A 1 71  ? 2.466   -3.263  13.114  1.00 32.46 ? 71  TYR A N   1 
ATOM   489  C CA  . TYR A 1 71  ? 1.919   -4.564  12.790  1.00 33.02 ? 71  TYR A CA  1 
ATOM   490  C C   . TYR A 1 71  ? 0.691   -4.949  13.642  1.00 33.70 ? 71  TYR A C   1 
ATOM   491  O O   . TYR A 1 71  ? -0.297  -5.487  13.117  1.00 34.49 ? 71  TYR A O   1 
ATOM   492  C CB  . TYR A 1 71  ? 3.025   -5.621  12.934  1.00 32.90 ? 71  TYR A CB  1 
ATOM   493  C CG  . TYR A 1 71  ? 2.525   -7.006  12.713  1.00 32.46 ? 71  TYR A CG  1 
ATOM   494  C CD1 . TYR A 1 71  ? 1.918   -7.341  11.513  1.00 31.81 ? 71  TYR A CD1 1 
ATOM   495  C CD2 . TYR A 1 71  ? 2.633   -7.984  13.703  1.00 31.94 ? 71  TYR A CD2 1 
ATOM   496  C CE1 . TYR A 1 71  ? 1.428   -8.581  11.288  1.00 31.95 ? 71  TYR A CE1 1 
ATOM   497  C CE2 . TYR A 1 71  ? 2.134   -9.250  13.486  1.00 34.14 ? 71  TYR A CE2 1 
ATOM   498  C CZ  . TYR A 1 71  ? 1.537   -9.533  12.259  1.00 34.43 ? 71  TYR A CZ  1 
ATOM   499  O OH  . TYR A 1 71  ? 1.040   -10.778 11.963  1.00 37.21 ? 71  TYR A OH  1 
ATOM   500  N N   . SER A 1 72  ? 0.761   -4.700  14.953  1.00 34.30 ? 72  SER A N   1 
ATOM   501  C CA  . SER A 1 72  ? -0.341  -5.030  15.866  1.00 34.16 ? 72  SER A CA  1 
ATOM   502  C C   . SER A 1 72  ? -1.596  -4.249  15.546  1.00 33.04 ? 72  SER A C   1 
ATOM   503  O O   . SER A 1 72  ? -2.685  -4.814  15.501  1.00 32.55 ? 72  SER A O   1 
ATOM   504  C CB  . SER A 1 72  ? 0.044   -4.768  17.310  1.00 34.35 ? 72  SER A CB  1 
ATOM   505  O OG  . SER A 1 72  ? 0.731   -5.897  17.793  1.00 38.11 ? 72  SER A OG  1 
ATOM   506  N N   . GLY A 1 73  ? -1.423  -2.951  15.313  1.00 32.48 ? 73  GLY A N   1 
ATOM   507  C CA  . GLY A 1 73  ? -2.529  -2.078  14.974  1.00 31.49 ? 73  GLY A CA  1 
ATOM   508  C C   . GLY A 1 73  ? -3.041  -2.412  13.590  1.00 31.23 ? 73  GLY A C   1 
ATOM   509  O O   . GLY A 1 73  ? -4.258  -2.378  13.368  1.00 30.93 ? 73  GLY A O   1 
ATOM   510  N N   . CYS A 1 74  ? -2.135  -2.729  12.653  1.00 29.68 ? 74  CYS A N   1 
ATOM   511  C CA  . CYS A 1 74  ? -2.586  -3.123  11.304  1.00 30.02 ? 74  CYS A CA  1 
ATOM   512  C C   . CYS A 1 74  ? -3.496  -4.346  11.378  1.00 30.01 ? 74  CYS A C   1 
ATOM   513  O O   . CYS A 1 74  ? -4.581  -4.409  10.779  1.00 29.92 ? 74  CYS A O   1 
ATOM   514  C CB  . CYS A 1 74  ? -1.395  -3.386  10.387  1.00 31.07 ? 74  CYS A CB  1 
ATOM   515  S SG  . CYS A 1 74  ? -0.750  -1.888  9.667   1.00 30.35 ? 74  CYS A SG  1 
ATOM   516  N N   . LEU A 1 75  ? -3.054  -5.301  12.178  1.00 29.77 ? 75  LEU A N   1 
ATOM   517  C CA  . LEU A 1 75  ? -3.842  -6.485  12.480  1.00 30.39 ? 75  LEU A CA  1 
ATOM   518  C C   . LEU A 1 75  ? -5.147  -6.228  13.224  1.00 30.39 ? 75  LEU A C   1 
ATOM   519  O O   . LEU A 1 75  ? -6.199  -6.635  12.762  1.00 31.12 ? 75  LEU A O   1 
ATOM   520  C CB  . LEU A 1 75  ? -2.953  -7.463  13.274  1.00 30.61 ? 75  LEU A CB  1 
ATOM   521  C CG  . LEU A 1 75  ? -3.348  -8.940  13.194  1.00 31.06 ? 75  LEU A CG  1 
ATOM   522  C CD1 . LEU A 1 75  ? -3.269  -9.414  11.784  1.00 21.47 ? 75  LEU A CD1 1 
ATOM   523  C CD2 . LEU A 1 75  ? -2.467  -9.799  14.195  1.00 30.36 ? 75  LEU A CD2 1 
ATOM   524  N N   . GLU A 1 76  ? -5.071  -5.549  14.369  1.00 30.45 ? 76  GLU A N   1 
ATOM   525  C CA  . GLU A 1 76  ? -6.171  -5.464  15.332  1.00 31.20 ? 76  GLU A CA  1 
ATOM   526  C C   . GLU A 1 76  ? -7.066  -4.216  15.210  1.00 30.44 ? 76  GLU A C   1 
ATOM   527  O O   . GLU A 1 76  ? -8.209  -4.245  15.652  1.00 30.56 ? 76  GLU A O   1 
ATOM   528  C CB  . GLU A 1 76  ? -5.615  -5.467  16.764  1.00 31.09 ? 76  GLU A CB  1 
ATOM   529  C CG  . GLU A 1 76  ? -4.753  -6.655  17.068  1.00 32.98 ? 76  GLU A CG  1 
ATOM   530  C CD  . GLU A 1 76  ? -4.036  -6.562  18.411  1.00 34.38 ? 76  GLU A CD  1 
ATOM   531  O OE1 . GLU A 1 76  ? -3.950  -5.451  19.018  1.00 39.86 ? 76  GLU A OE1 1 
ATOM   532  O OE2 . GLU A 1 76  ? -3.555  -7.622  18.860  1.00 37.50 ? 76  GLU A OE2 1 
ATOM   533  N N   . VAL A 1 77  ? -6.506  -3.112  14.712  1.00 29.72 ? 77  VAL A N   1 
ATOM   534  C CA  . VAL A 1 77  ? -7.296  -1.902  14.532  1.00 29.99 ? 77  VAL A CA  1 
ATOM   535  C C   . VAL A 1 77  ? -7.821  -1.855  13.106  1.00 29.36 ? 77  VAL A C   1 
ATOM   536  O O   . VAL A 1 77  ? -9.023  -1.769  12.891  1.00 30.89 ? 77  VAL A O   1 
ATOM   537  C CB  . VAL A 1 77  ? -6.520  -0.625  14.888  1.00 29.96 ? 77  VAL A CB  1 
ATOM   538  C CG1 . VAL A 1 77  ? -7.387  0.612   14.593  1.00 28.60 ? 77  VAL A CG1 1 
ATOM   539  C CG2 . VAL A 1 77  ? -6.104  -0.662  16.332  1.00 30.35 ? 77  VAL A CG2 1 
ATOM   540  N N   . LEU A 1 78  ? -6.923  -1.929  12.138  1.00 28.41 ? 78  LEU A N   1 
ATOM   541  C CA  . LEU A 1 78  ? -7.307  -1.933  10.730  1.00 29.12 ? 78  LEU A CA  1 
ATOM   542  C C   . LEU A 1 78  ? -7.870  -3.280  10.212  1.00 30.33 ? 78  LEU A C   1 
ATOM   543  O O   . LEU A 1 78  ? -8.668  -3.292  9.248   1.00 30.41 ? 78  LEU A O   1 
ATOM   544  C CB  . LEU A 1 78  ? -6.099  -1.524  9.919   1.00 29.20 ? 78  LEU A CB  1 
ATOM   545  C CG  . LEU A 1 78  ? -5.479  -0.147  10.194  1.00 28.43 ? 78  LEU A CG  1 
ATOM   546  C CD1 . LEU A 1 78  ? -4.546  0.123   9.080   1.00 28.69 ? 78  LEU A CD1 1 
ATOM   547  C CD2 . LEU A 1 78  ? -6.520  0.941   10.206  1.00 30.74 ? 78  LEU A CD2 1 
ATOM   548  N N   . LYS A 1 79  ? -7.494  -4.404  10.853  1.00 29.63 ? 79  LYS A N   1 
ATOM   549  C CA  . LYS A 1 79  ? -8.032  -5.714  10.455  1.00 30.42 ? 79  LYS A CA  1 
ATOM   550  C C   . LYS A 1 79  ? -7.646  -5.990  8.996   1.00 29.83 ? 79  LYS A C   1 
ATOM   551  O O   . LYS A 1 79  ? -8.493  -6.404  8.185   1.00 29.29 ? 79  LYS A O   1 
ATOM   552  C CB  . LYS A 1 79  ? -9.555  -5.732  10.578  1.00 30.21 ? 79  LYS A CB  1 
ATOM   553  C CG  . LYS A 1 79  ? -10.084 -6.388  11.778  1.00 34.13 ? 79  LYS A CG  1 
ATOM   554  C CD  . LYS A 1 79  ? -9.990  -5.535  12.963  1.00 34.59 ? 79  LYS A CD  1 
ATOM   555  C CE  . LYS A 1 79  ? -10.390 -6.330  14.187  1.00 35.24 ? 79  LYS A CE  1 
ATOM   556  N NZ  . LYS A 1 79  ? -10.985 -5.390  15.132  1.00 33.00 ? 79  LYS A NZ  1 
ATOM   557  N N   . LEU A 1 80  ? -6.383  -5.711  8.672   1.00 29.00 ? 80  LEU A N   1 
ATOM   558  C CA  . LEU A 1 80  ? -5.853  -5.963  7.315   1.00 29.03 ? 80  LEU A CA  1 
ATOM   559  C C   . LEU A 1 80  ? -5.887  -7.433  6.875   1.00 29.47 ? 80  LEU A C   1 
ATOM   560  O O   . LEU A 1 80  ? -5.852  -7.717  5.690   1.00 28.75 ? 80  LEU A O   1 
ATOM   561  C CB  . LEU A 1 80  ? -4.442  -5.400  7.172   1.00 27.40 ? 80  LEU A CB  1 
ATOM   562  C CG  . LEU A 1 80  ? -4.340  -3.881  7.383   1.00 27.08 ? 80  LEU A CG  1 
ATOM   563  C CD1 . LEU A 1 80  ? -2.978  -3.437  6.911   1.00 28.22 ? 80  LEU A CD1 1 
ATOM   564  C CD2 . LEU A 1 80  ? -5.380  -3.099  6.649   1.00 26.62 ? 80  LEU A CD2 1 
ATOM   565  N N   . ASP A 1 81  ? -5.987  -8.339  7.859   1.00 30.23 ? 81  ASP A N   1 
ATOM   566  C CA  . ASP A 1 81  ? -6.043  -9.776  7.628   1.00 30.40 ? 81  ASP A CA  1 
ATOM   567  C C   . ASP A 1 81  ? -7.290  -10.222 6.878   1.00 30.27 ? 81  ASP A C   1 
ATOM   568  O O   . ASP A 1 81  ? -7.311  -11.295 6.290   1.00 30.08 ? 81  ASP A O   1 
ATOM   569  C CB  . ASP A 1 81  ? -5.851  -10.543 8.930   1.00 29.99 ? 81  ASP A CB  1 
ATOM   570  C CG  . ASP A 1 81  ? -6.926  -10.237 9.991   1.00 31.84 ? 81  ASP A CG  1 
ATOM   571  O OD1 . ASP A 1 81  ? -7.607  -9.176  9.998   1.00 28.85 ? 81  ASP A OD1 1 
ATOM   572  O OD2 . ASP A 1 81  ? -7.080  -11.105 10.860  1.00 29.68 ? 81  ASP A OD2 1 
ATOM   573  N N   . GLU A 1 82  ? -8.306  -9.361  6.847   1.00 29.50 ? 82  GLU A N   1 
ATOM   574  C CA  . GLU A 1 82  ? -9.463  -9.643  6.036   1.00 29.50 ? 82  GLU A CA  1 
ATOM   575  C C   . GLU A 1 82  ? -9.084  -9.640  4.560   1.00 28.76 ? 82  GLU A C   1 
ATOM   576  O O   . GLU A 1 82  ? -9.707  -10.346 3.763   1.00 28.54 ? 82  GLU A O   1 
ATOM   577  C CB  . GLU A 1 82  ? -10.537 -8.618  6.283   1.00 30.64 ? 82  GLU A CB  1 
ATOM   578  C CG  . GLU A 1 82  ? -11.925 -9.113  5.963   1.00 33.63 ? 82  GLU A CG  1 
ATOM   579  C CD  . GLU A 1 82  ? -12.921 -7.982  5.964   1.00 38.42 ? 82  GLU A CD  1 
ATOM   580  O OE1 . GLU A 1 82  ? -12.525 -6.876  6.388   1.00 40.67 ? 82  GLU A OE1 1 
ATOM   581  O OE2 . GLU A 1 82  ? -14.074 -8.192  5.509   1.00 38.59 ? 82  GLU A OE2 1 
ATOM   582  N N   . PHE A 1 83  ? -8.043  -8.869  4.216   1.00 27.04 ? 83  PHE A N   1 
ATOM   583  C CA  . PHE A 1 83  ? -7.732  -8.515  2.810   1.00 24.90 ? 83  PHE A CA  1 
ATOM   584  C C   . PHE A 1 83  ? -6.685  -9.413  2.297   1.00 24.51 ? 83  PHE A C   1 
ATOM   585  O O   . PHE A 1 83  ? -6.733  -9.815  1.150   1.00 24.58 ? 83  PHE A O   1 
ATOM   586  C CB  . PHE A 1 83  ? -7.243  -7.086  2.689   1.00 23.55 ? 83  PHE A CB  1 
ATOM   587  C CG  . PHE A 1 83  ? -7.027  -6.614  1.240   1.00 21.66 ? 83  PHE A CG  1 
ATOM   588  C CD1 . PHE A 1 83  ? -8.080  -6.080  0.517   1.00 21.24 ? 83  PHE A CD1 1 
ATOM   589  C CD2 . PHE A 1 83  ? -5.790  -6.795  0.602   1.00 19.28 ? 83  PHE A CD2 1 
ATOM   590  C CE1 . PHE A 1 83  ? -7.894  -5.642  -0.820  1.00 22.59 ? 83  PHE A CE1 1 
ATOM   591  C CE2 . PHE A 1 83  ? -5.594  -6.350  -0.729  1.00 22.03 ? 83  PHE A CE2 1 
ATOM   592  C CZ  . PHE A 1 83  ? -6.658  -5.791  -1.438  1.00 21.20 ? 83  PHE A CZ  1 
ATOM   593  N N   . THR A 1 84  ? -5.727  -9.689  3.165   1.00 25.05 ? 84  THR A N   1 
ATOM   594  C CA  . THR A 1 84  ? -4.583  -10.463 2.867   1.00 25.42 ? 84  THR A CA  1 
ATOM   595  C C   . THR A 1 84  ? -4.134  -11.213 4.088   1.00 27.91 ? 84  THR A C   1 
ATOM   596  O O   . THR A 1 84  ? -4.240  -10.711 5.267   1.00 27.32 ? 84  THR A O   1 
ATOM   597  C CB  . THR A 1 84  ? -3.393  -9.605  2.442   1.00 26.00 ? 84  THR A CB  1 
ATOM   598  O OG1 . THR A 1 84  ? -2.251  -10.462 2.309   1.00 27.00 ? 84  THR A OG1 1 
ATOM   599  C CG2 . THR A 1 84  ? -3.123  -8.528  3.500   1.00 22.73 ? 84  THR A CG2 1 
ATOM   600  N N   . SER A 1 85  ? -3.591  -12.409 3.806   1.00 29.22 ? 85  SER A N   1 
ATOM   601  C CA  . SER A 1 85  ? -3.116  -13.294 4.844   1.00 29.77 ? 85  SER A CA  1 
ATOM   602  C C   . SER A 1 85  ? -1.646  -13.076 5.061   1.00 29.42 ? 85  SER A C   1 
ATOM   603  O O   . SER A 1 85  ? -1.050  -13.768 5.882   1.00 29.27 ? 85  SER A O   1 
ATOM   604  C CB  . SER A 1 85  ? -3.415  -14.779 4.501   1.00 30.74 ? 85  SER A CB  1 
ATOM   605  O OG  . SER A 1 85  ? -2.645  -15.238 3.401   1.00 29.82 ? 85  SER A OG  1 
ATOM   606  N N   . ARG A 1 86  ? -1.085  -12.135 4.292   1.00 29.18 ? 86  ARG A N   1 
ATOM   607  C CA  . ARG A 1 86  ? 0.301   -11.652 4.423   1.00 28.88 ? 86  ARG A CA  1 
ATOM   608  C C   . ARG A 1 86  ? 0.423   -10.208 4.992   1.00 27.97 ? 86  ARG A C   1 
ATOM   609  O O   . ARG A 1 86  ? 1.049   -9.321  4.399   1.00 24.98 ? 86  ARG A O   1 
ATOM   610  C CB  . ARG A 1 86  ? 1.058   -11.779 3.097   1.00 28.65 ? 86  ARG A CB  1 
ATOM   611  C CG  . ARG A 1 86  ? 1.039   -13.169 2.500   1.00 27.73 ? 86  ARG A CG  1 
ATOM   612  C CD  . ARG A 1 86  ? 1.577   -13.149 1.056   1.00 27.98 ? 86  ARG A CD  1 
ATOM   613  N NE  . ARG A 1 86  ? 3.005   -12.828 0.984   1.00 27.41 ? 86  ARG A NE  1 
ATOM   614  C CZ  . ARG A 1 86  ? 3.461   -11.771 0.309   1.00 31.58 ? 86  ARG A CZ  1 
ATOM   615  N NH1 . ARG A 1 86  ? 2.610   -10.956 -0.358  1.00 30.51 ? 86  ARG A NH1 1 
ATOM   616  N NH2 . ARG A 1 86  ? 4.756   -11.516 0.265   1.00 30.00 ? 86  ARG A NH2 1 
ATOM   617  N N   . VAL A 1 87  ? -0.143  -10.016 6.184   1.00 27.61 ? 87  VAL A N   1 
ATOM   618  C CA  . VAL A 1 87  ? -0.140  -8.721  6.881   1.00 28.29 ? 87  VAL A CA  1 
ATOM   619  C C   . VAL A 1 87  ? 1.277   -8.290  7.240   1.00 28.75 ? 87  VAL A C   1 
ATOM   620  O O   . VAL A 1 87  ? 1.666   -7.123  7.158   1.00 28.64 ? 87  VAL A O   1 
ATOM   621  C CB  . VAL A 1 87  ? -1.120  -8.750  8.138   1.00 27.46 ? 87  VAL A CB  1 
ATOM   622  C CG1 . VAL A 1 87  ? -1.196  -7.393  8.850   1.00 27.64 ? 87  VAL A CG1 1 
ATOM   623  C CG2 . VAL A 1 87  ? -2.490  -9.053  7.661   1.00 28.70 ? 87  VAL A CG2 1 
ATOM   624  N N   . ARG A 1 88  ? 2.064   -9.250  7.652   1.00 29.27 ? 88  ARG A N   1 
ATOM   625  C CA  A ARG A 1 88  ? 3.482   -9.062  7.935   0.50 29.50 ? 88  ARG A CA  1 
ATOM   626  C CA  B ARG A 1 88  ? 3.427   -8.912  8.008   0.50 29.72 ? 88  ARG A CA  1 
ATOM   627  C C   . ARG A 1 88  ? 4.162   -8.228  6.842   1.00 29.65 ? 88  ARG A C   1 
ATOM   628  O O   . ARG A 1 88  ? 4.779   -7.163  7.056   1.00 29.04 ? 88  ARG A O   1 
ATOM   629  C CB  A ARG A 1 88  ? 4.174   -10.452 7.955   0.50 29.60 ? 88  ARG A CB  1 
ATOM   630  C CB  B ARG A 1 88  ? 4.173   -10.139 8.560   0.50 30.23 ? 88  ARG A CB  1 
ATOM   631  C CG  A ARG A 1 88  ? 3.261   -11.719 7.961   0.50 28.89 ? 88  ARG A CG  1 
ATOM   632  C CG  B ARG A 1 88  ? 3.738   -10.504 9.962   0.50 31.01 ? 88  ARG A CG  1 
ATOM   633  C CD  A ARG A 1 88  ? 2.878   -12.317 6.556   0.50 28.13 ? 88  ARG A CD  1 
ATOM   634  C CD  B ARG A 1 88  ? 3.913   -12.002 10.265  0.50 33.67 ? 88  ARG A CD  1 
ATOM   635  N NE  A ARG A 1 88  ? 3.892   -12.265 5.495   0.50 27.56 ? 88  ARG A NE  1 
ATOM   636  N NE  B ARG A 1 88  ? 5.225   -12.321 10.816  0.50 33.97 ? 88  ARG A NE  1 
ATOM   637  C CZ  A ARG A 1 88  ? 4.396   -13.339 4.860   0.50 28.18 ? 88  ARG A CZ  1 
ATOM   638  C CZ  B ARG A 1 88  ? 5.908   -13.427 10.533  0.50 35.02 ? 88  ARG A CZ  1 
ATOM   639  N NH1 A ARG A 1 88  ? 3.983   -14.571 5.162   0.50 26.73 ? 88  ARG A NH1 1 
ATOM   640  N NH1 B ARG A 1 88  ? 5.429   -14.325 9.677   0.50 34.68 ? 88  ARG A NH1 1 
ATOM   641  N NH2 A ARG A 1 88  ? 5.315   -13.194 3.903   0.50 24.39 ? 88  ARG A NH2 1 
ATOM   642  N NH2 B ARG A 1 88  ? 7.100   -13.625 11.083  0.50 36.62 ? 88  ARG A NH2 1 
ATOM   643  N N   . ASP A 1 89  ? 4.066   -8.797  5.646   1.00 30.43 ? 89  ASP A N   1 
ATOM   644  C CA  . ASP A 1 89  ? 4.742   -8.344  4.439   1.00 30.86 ? 89  ASP A CA  1 
ATOM   645  C C   . ASP A 1 89  ? 4.317   -6.949  3.998   1.00 29.97 ? 89  ASP A C   1 
ATOM   646  O O   . ASP A 1 89  ? 5.159   -6.077  3.759   1.00 30.03 ? 89  ASP A O   1 
ATOM   647  C CB  . ASP A 1 89  ? 4.462   -9.366  3.326   1.00 32.93 ? 89  ASP A CB  1 
ATOM   648  C CG  . ASP A 1 89  ? 5.133   -9.004  1.995   1.00 35.57 ? 89  ASP A CG  1 
ATOM   649  O OD1 . ASP A 1 89  ? 4.464   -8.387  1.125   1.00 40.66 ? 89  ASP A OD1 1 
ATOM   650  O OD2 . ASP A 1 89  ? 6.323   -9.338  1.829   1.00 42.81 ? 89  ASP A OD2 1 
ATOM   651  N N   . ILE A 1 90  ? 3.007   -6.735  3.866   1.00 29.12 ? 90  ILE A N   1 
ATOM   652  C CA  . ILE A 1 90  ? 2.512   -5.430  3.522   1.00 28.72 ? 90  ILE A CA  1 
ATOM   653  C C   . ILE A 1 90  ? 2.890   -4.390  4.603   1.00 28.86 ? 90  ILE A C   1 
ATOM   654  O O   . ILE A 1 90  ? 3.343   -3.276  4.275   1.00 26.33 ? 90  ILE A O   1 
ATOM   655  C CB  . ILE A 1 90  ? 1.003   -5.485  3.219   1.00 29.23 ? 90  ILE A CB  1 
ATOM   656  C CG1 . ILE A 1 90  ? 0.488   -4.132  2.818   1.00 30.02 ? 90  ILE A CG1 1 
ATOM   657  C CG2 . ILE A 1 90  ? 0.216   -6.123  4.430   1.00 30.51 ? 90  ILE A CG2 1 
ATOM   658  C CD1 . ILE A 1 90  ? 1.167   -3.562  1.571   1.00 34.93 ? 90  ILE A CD1 1 
ATOM   659  N N   . THR A 1 91  ? 2.759   -4.772  5.882   1.00 29.26 ? 91  THR A N   1 
ATOM   660  C CA  . THR A 1 91  ? 3.082   -3.856  6.980   1.00 30.86 ? 91  THR A CA  1 
ATOM   661  C C   . THR A 1 91  ? 4.526   -3.406  6.886   1.00 30.05 ? 91  THR A C   1 
ATOM   662  O O   . THR A 1 91  ? 4.788   -2.217  7.048   1.00 29.38 ? 91  THR A O   1 
ATOM   663  C CB  . THR A 1 91  ? 2.768   -4.452  8.374   1.00 31.30 ? 91  THR A CB  1 
ATOM   664  O OG1 . THR A 1 91  ? 1.351   -4.608  8.499   1.00 34.87 ? 91  THR A OG1 1 
ATOM   665  C CG2 . THR A 1 91  ? 3.185   -3.509  9.477   1.00 32.53 ? 91  THR A CG2 1 
ATOM   666  N N   . LYS A 1 92  ? 5.433   -4.353  6.588   1.00 29.93 ? 92  LYS A N   1 
ATOM   667  C CA  A LYS A 1 92  ? 6.882   -4.076  6.530   0.50 30.08 ? 92  LYS A CA  1 
ATOM   668  C CA  B LYS A 1 92  ? 6.889   -4.099  6.499   0.50 29.87 ? 92  LYS A CA  1 
ATOM   669  C C   . LYS A 1 92  ? 7.202   -3.116  5.397   1.00 30.26 ? 92  LYS A C   1 
ATOM   670  O O   . LYS A 1 92  ? 7.947   -2.167  5.582   1.00 30.77 ? 92  LYS A O   1 
ATOM   671  C CB  A LYS A 1 92  ? 7.665   -5.369  6.332   0.50 30.09 ? 92  LYS A CB  1 
ATOM   672  C CB  B LYS A 1 92  ? 7.625   -5.388  6.165   0.50 29.67 ? 92  LYS A CB  1 
ATOM   673  C CG  A LYS A 1 92  ? 9.177   -5.229  6.423   0.50 29.78 ? 92  LYS A CG  1 
ATOM   674  C CG  B LYS A 1 92  ? 8.053   -6.221  7.341   0.50 28.45 ? 92  LYS A CG  1 
ATOM   675  C CD  A LYS A 1 92  ? 9.871   -6.108  5.378   0.50 30.02 ? 92  LYS A CD  1 
ATOM   676  C CD  B LYS A 1 92  ? 8.782   -7.448  6.863   0.50 26.01 ? 92  LYS A CD  1 
ATOM   677  C CE  A LYS A 1 92  ? 11.218  -6.636  5.884   0.50 25.47 ? 92  LYS A CE  1 
ATOM   678  C CE  B LYS A 1 92  ? 8.113   -8.764  7.254   0.50 24.89 ? 92  LYS A CE  1 
ATOM   679  N NZ  A LYS A 1 92  ? 11.453  -8.000  5.371   0.50 24.78 ? 92  LYS A NZ  1 
ATOM   680  N NZ  B LYS A 1 92  ? 8.491   -9.241  8.616   0.50 21.24 ? 92  LYS A NZ  1 
ATOM   681  N N   . ARG A 1 93  ? 6.632   -3.388  4.230   1.00 30.36 ? 93  ARG A N   1 
ATOM   682  C CA  A ARG A 1 93  ? 6.771   -2.545  3.058   0.50 30.63 ? 93  ARG A CA  1 
ATOM   683  C CA  B ARG A 1 93  ? 6.792   -2.530  3.066   0.50 30.84 ? 93  ARG A CA  1 
ATOM   684  C C   . ARG A 1 93  ? 6.338   -1.095  3.358   1.00 30.77 ? 93  ARG A C   1 
ATOM   685  O O   . ARG A 1 93  ? 7.095   -0.136  3.138   1.00 31.24 ? 93  ARG A O   1 
ATOM   686  C CB  A ARG A 1 93  ? 5.929   -3.162  1.930   0.50 30.16 ? 93  ARG A CB  1 
ATOM   687  C CB  B ARG A 1 93  ? 6.023   -3.109  1.867   0.50 30.26 ? 93  ARG A CB  1 
ATOM   688  C CG  A ARG A 1 93  ? 6.375   -2.857  0.517   0.50 31.08 ? 93  ARG A CG  1 
ATOM   689  C CG  B ARG A 1 93  ? 6.719   -4.240  1.124   0.50 30.57 ? 93  ARG A CG  1 
ATOM   690  C CD  A ARG A 1 93  ? 5.451   -3.549  -0.496  0.50 30.32 ? 93  ARG A CD  1 
ATOM   691  C CD  B ARG A 1 93  ? 5.828   -4.712  -0.029  0.50 31.88 ? 93  ARG A CD  1 
ATOM   692  N NE  A ARG A 1 93  ? 5.807   -4.957  -0.603  0.50 31.63 ? 93  ARG A NE  1 
ATOM   693  N NE  B ARG A 1 93  ? 6.484   -5.584  -1.019  0.50 34.22 ? 93  ARG A NE  1 
ATOM   694  C CZ  A ARG A 1 93  ? 5.081   -5.973  -0.159  0.50 29.51 ? 93  ARG A CZ  1 
ATOM   695  C CZ  B ARG A 1 93  ? 7.435   -5.210  -1.874  0.50 34.12 ? 93  ARG A CZ  1 
ATOM   696  N NH1 A ARG A 1 93  ? 3.890   -5.773  0.411   0.50 32.92 ? 93  ARG A NH1 1 
ATOM   697  N NH1 B ARG A 1 93  ? 7.936   -3.977  -1.855  0.50 35.18 ? 93  ARG A NH1 1 
ATOM   698  N NH2 A ARG A 1 93  ? 5.551   -7.206  -0.309  0.50 28.87 ? 93  ARG A NH2 1 
ATOM   699  N NH2 B ARG A 1 93  ? 7.915   -6.084  -2.740  0.50 36.97 ? 93  ARG A NH2 1 
ATOM   700  N N   . ALA A 1 94  ? 5.125   -0.945  3.871   1.00 29.51 ? 94  ALA A N   1 
ATOM   701  C CA  . ALA A 1 94  ? 4.580   0.362   4.263   1.00 30.01 ? 94  ALA A CA  1 
ATOM   702  C C   . ALA A 1 94  ? 5.434   1.072   5.328   1.00 31.07 ? 94  ALA A C   1 
ATOM   703  O O   . ALA A 1 94  ? 5.673   2.304   5.242   1.00 31.27 ? 94  ALA A O   1 
ATOM   704  C CB  . ALA A 1 94  ? 3.119   0.208   4.730   1.00 29.35 ? 94  ALA A CB  1 
ATOM   705  N N   . PHE A 1 95  ? 5.918   0.287   6.304   1.00 31.04 ? 95  PHE A N   1 
ATOM   706  C CA  . PHE A 1 95  ? 6.730   0.771   7.384   1.00 31.21 ? 95  PHE A CA  1 
ATOM   707  C C   . PHE A 1 95  ? 8.012   1.357   6.771   1.00 31.54 ? 95  PHE A C   1 
ATOM   708  O O   . PHE A 1 95  ? 8.336   2.516   7.012   1.00 32.08 ? 95  PHE A O   1 
ATOM   709  C CB  . PHE A 1 95  ? 7.005   -0.384  8.389   1.00 31.04 ? 95  PHE A CB  1 
ATOM   710  C CG  . PHE A 1 95  ? 7.847   0.007   9.602   1.00 33.02 ? 95  PHE A CG  1 
ATOM   711  C CD1 . PHE A 1 95  ? 7.272   0.638   10.693  1.00 34.16 ? 95  PHE A CD1 1 
ATOM   712  C CD2 . PHE A 1 95  ? 9.240   -0.296  9.662   1.00 29.09 ? 95  PHE A CD2 1 
ATOM   713  C CE1 . PHE A 1 95  ? 8.042   0.999   11.803  1.00 29.91 ? 95  PHE A CE1 1 
ATOM   714  C CE2 . PHE A 1 95  ? 9.992   0.050   10.760  1.00 32.07 ? 95  PHE A CE2 1 
ATOM   715  C CZ  . PHE A 1 95  ? 9.397   0.694   11.838  1.00 31.80 ? 95  PHE A CZ  1 
ATOM   716  N N   . ASP A 1 96  ? 8.707   0.578   5.949   1.00 30.93 ? 96  ASP A N   1 
ATOM   717  C CA  . ASP A 1 96  ? 9.972   1.015   5.347   1.00 31.80 ? 96  ASP A CA  1 
ATOM   718  C C   . ASP A 1 96  ? 9.875   2.248   4.488   1.00 32.18 ? 96  ASP A C   1 
ATOM   719  O O   . ASP A 1 96  ? 10.600  3.235   4.696   1.00 32.93 ? 96  ASP A O   1 
ATOM   720  C CB  . ASP A 1 96  ? 10.595  -0.106  4.531   1.00 32.09 ? 96  ASP A CB  1 
ATOM   721  C CG  . ASP A 1 96  ? 11.117  -1.218  5.388   1.00 32.22 ? 96  ASP A CG  1 
ATOM   722  O OD1 . ASP A 1 96  ? 11.229  -1.078  6.644   1.00 32.20 ? 96  ASP A OD1 1 
ATOM   723  O OD2 . ASP A 1 96  ? 11.418  -2.255  4.784   1.00 34.63 ? 96  ASP A OD2 1 
ATOM   724  N N   . LYS A 1 97  ? 8.959   2.182   3.531   1.00 33.08 ? 97  LYS A N   1 
ATOM   725  C CA  . LYS A 1 97  ? 8.677   3.260   2.595   1.00 33.13 ? 97  LYS A CA  1 
ATOM   726  C C   . LYS A 1 97  ? 8.283   4.580   3.274   1.00 32.45 ? 97  LYS A C   1 
ATOM   727  O O   . LYS A 1 97  ? 8.840   5.628   2.945   1.00 31.51 ? 97  LYS A O   1 
ATOM   728  C CB  . LYS A 1 97  ? 7.586   2.778   1.605   1.00 32.90 ? 97  LYS A CB  1 
ATOM   729  C CG  . LYS A 1 97  ? 7.386   3.642   0.380   1.00 36.22 ? 97  LYS A CG  1 
ATOM   730  C CD  . LYS A 1 97  ? 8.554   3.564   -0.603  1.00 40.12 ? 97  LYS A CD  1 
ATOM   731  C CE  . LYS A 1 97  ? 8.796   4.947   -1.226  1.00 42.56 ? 97  LYS A CE  1 
ATOM   732  N NZ  . LYS A 1 97  ? 10.245  5.233   -1.401  1.00 42.40 ? 97  LYS A NZ  1 
ATOM   733  N N   . SER A 1 98  ? 7.333   4.521   4.215   1.00 31.81 ? 98  SER A N   1 
ATOM   734  C CA  . SER A 1 98  ? 6.847   5.717   4.904   1.00 31.98 ? 98  SER A CA  1 
ATOM   735  C C   . SER A 1 98  ? 7.966   6.388   5.705   1.00 32.13 ? 98  SER A C   1 
ATOM   736  O O   . SER A 1 98  ? 8.005   7.610   5.859   1.00 31.79 ? 98  SER A O   1 
ATOM   737  C CB  . SER A 1 98  ? 5.702   5.341   5.832   1.00 31.94 ? 98  SER A CB  1 
ATOM   738  O OG  . SER A 1 98  ? 6.165   4.524   6.891   1.00 32.43 ? 98  SER A OG  1 
ATOM   739  N N   . ARG A 1 99  ? 8.865   5.570   6.227   1.00 32.32 ? 99  ARG A N   1 
ATOM   740  C CA  . ARG A 1 99  ? 10.065  6.061   6.877   1.00 33.76 ? 99  ARG A CA  1 
ATOM   741  C C   . ARG A 1 99  ? 10.998  6.795   5.883   1.00 34.64 ? 99  ARG A C   1 
ATOM   742  O O   . ARG A 1 99  ? 11.672  7.774   6.242   1.00 34.58 ? 99  ARG A O   1 
ATOM   743  C CB  . ARG A 1 99  ? 10.801  4.897   7.518   1.00 34.03 ? 99  ARG A CB  1 
ATOM   744  C CG  . ARG A 1 99  ? 10.307  4.487   8.915   1.00 34.65 ? 99  ARG A CG  1 
ATOM   745  C CD  . ARG A 1 99  ? 11.397  3.618   9.572   1.00 36.92 ? 99  ARG A CD  1 
ATOM   746  N NE  . ARG A 1 99  ? 11.620  2.452   8.738   1.00 39.30 ? 99  ARG A NE  1 
ATOM   747  C CZ  . ARG A 1 99  ? 12.470  1.463   8.958   1.00 39.33 ? 99  ARG A CZ  1 
ATOM   748  N NH1 . ARG A 1 99  ? 13.276  1.448   10.018  1.00 39.47 ? 99  ARG A NH1 1 
ATOM   749  N NH2 . ARG A 1 99  ? 12.505  0.474   8.082   1.00 42.01 ? 99  ARG A NH2 1 
ATOM   750  N N   . THR A 1 100 ? 11.023  6.319   4.637   1.00 35.42 ? 100 THR A N   1 
ATOM   751  C CA  . THR A 1 100 ? 11.884  6.898   3.622   1.00 36.22 ? 100 THR A CA  1 
ATOM   752  C C   . THR A 1 100 ? 11.259  8.196   3.091   1.00 36.17 ? 100 THR A C   1 
ATOM   753  O O   . THR A 1 100 ? 11.967  9.192   2.908   1.00 37.08 ? 100 THR A O   1 
ATOM   754  C CB  . THR A 1 100 ? 12.265  5.886   2.468   1.00 36.65 ? 100 THR A CB  1 
ATOM   755  O OG1 . THR A 1 100 ? 12.742  4.651   3.025   1.00 36.37 ? 100 THR A OG1 1 
ATOM   756  C CG2 . THR A 1 100 ? 13.403  6.461   1.627   1.00 36.92 ? 100 THR A CG2 1 
ATOM   757  N N   . LEU A 1 101 ? 9.949   8.218   2.867   1.00 35.68 ? 101 LEU A N   1 
ATOM   758  C CA  . LEU A 1 101 ? 9.329   9.470   2.419   1.00 34.88 ? 101 LEU A CA  1 
ATOM   759  C C   . LEU A 1 101 ? 9.302   10.552  3.517   1.00 35.16 ? 101 LEU A C   1 
ATOM   760  O O   . LEU A 1 101 ? 9.485   11.749  3.223   1.00 34.75 ? 101 LEU A O   1 
ATOM   761  C CB  . LEU A 1 101 ? 7.958   9.226   1.810   1.00 34.93 ? 101 LEU A CB  1 
ATOM   762  C CG  . LEU A 1 101 ? 7.210   10.395  1.173   1.00 34.57 ? 101 LEU A CG  1 
ATOM   763  C CD1 . LEU A 1 101 ? 7.981   11.007  0.003   1.00 34.21 ? 101 LEU A CD1 1 
ATOM   764  C CD2 . LEU A 1 101 ? 5.832   9.907   0.731   1.00 33.95 ? 101 LEU A CD2 1 
ATOM   765  N N   . GLY A 1 102 ? 9.068   10.128  4.766   1.00 35.18 ? 102 GLY A N   1 
ATOM   766  C CA  . GLY A 1 102 ? 9.202   11.003  5.931   1.00 34.44 ? 102 GLY A CA  1 
ATOM   767  C C   . GLY A 1 102 ? 10.496  11.809  5.994   1.00 34.93 ? 102 GLY A C   1 
ATOM   768  O O   . GLY A 1 102 ? 10.458  13.026  6.201   1.00 33.70 ? 102 GLY A O   1 
ATOM   769  N N   . SER A 1 103 ? 11.628  11.130  5.819   1.00 35.01 ? 103 SER A N   1 
ATOM   770  C CA  . SER A 1 103 ? 12.922  11.804  5.681   1.00 36.89 ? 103 SER A CA  1 
ATOM   771  C C   . SER A 1 103 ? 12.867  13.014  4.725   1.00 37.15 ? 103 SER A C   1 
ATOM   772  O O   . SER A 1 103 ? 13.353  14.117  5.057   1.00 37.12 ? 103 SER A O   1 
ATOM   773  C CB  . SER A 1 103 ? 14.010  10.831  5.205   1.00 36.81 ? 103 SER A CB  1 
ATOM   774  O OG  . SER A 1 103 ? 14.009  10.713  3.785   1.00 38.06 ? 103 SER A OG  1 
ATOM   775  N N   . LYS A 1 104 ? 12.230  12.782  3.576   1.00 36.74 ? 104 LYS A N   1 
ATOM   776  C CA  . LYS A 1 104 ? 12.181  13.711  2.455   1.00 37.69 ? 104 LYS A CA  1 
ATOM   777  C C   . LYS A 1 104 ? 11.410  15.005  2.793   1.00 37.54 ? 104 LYS A C   1 
ATOM   778  O O   . LYS A 1 104 ? 11.987  16.107  2.757   1.00 38.21 ? 104 LYS A O   1 
ATOM   779  C CB  . LYS A 1 104 ? 11.614  12.969  1.207   1.00 37.13 ? 104 LYS A CB  1 
ATOM   780  C CG  . LYS A 1 104 ? 11.588  13.717  -0.125  1.00 37.38 ? 104 LYS A CG  1 
ATOM   781  C CD  . LYS A 1 104 ? 11.715  12.740  -1.323  1.00 38.61 ? 104 LYS A CD  1 
ATOM   782  C CE  . LYS A 1 104 ? 13.203  12.410  -1.692  1.00 39.87 ? 104 LYS A CE  1 
ATOM   783  N NZ  . LYS A 1 104 ? 13.344  11.538  -2.929  1.00 39.83 ? 104 LYS A NZ  1 
ATOM   784  N N   . LEU A 1 105 ? 10.135  14.857  3.148   1.00 37.67 ? 105 LEU A N   1 
ATOM   785  C CA  . LEU A 1 105 ? 9.223   15.977  3.427   1.00 37.85 ? 105 LEU A CA  1 
ATOM   786  C C   . LEU A 1 105 ? 9.659   16.852  4.576   1.00 38.74 ? 105 LEU A C   1 
ATOM   787  O O   . LEU A 1 105 ? 9.372   18.052  4.601   1.00 38.98 ? 105 LEU A O   1 
ATOM   788  C CB  . LEU A 1 105 ? 7.817   15.462  3.708   1.00 37.39 ? 105 LEU A CB  1 
ATOM   789  C CG  . LEU A 1 105 ? 7.222   14.643  2.569   1.00 35.91 ? 105 LEU A CG  1 
ATOM   790  C CD1 . LEU A 1 105 ? 6.063   13.801  3.075   1.00 33.13 ? 105 LEU A CD1 1 
ATOM   791  C CD2 . LEU A 1 105 ? 6.810   15.562  1.414   1.00 32.76 ? 105 LEU A CD2 1 
ATOM   792  N N   . GLU A 1 106 ? 10.349  16.248  5.533   1.00 39.70 ? 106 GLU A N   1 
ATOM   793  C CA  . GLU A 1 106 ? 10.864  16.992  6.673   1.00 40.51 ? 106 GLU A CA  1 
ATOM   794  C C   . GLU A 1 106 ? 12.237  17.548  6.367   1.00 40.77 ? 106 GLU A C   1 
ATOM   795  O O   . GLU A 1 106 ? 12.696  18.462  7.059   1.00 40.89 ? 106 GLU A O   1 
ATOM   796  C CB  . GLU A 1 106 ? 10.940  16.099  7.899   1.00 40.65 ? 106 GLU A CB  1 
ATOM   797  C CG  . GLU A 1 106 ? 9.605   15.700  8.443   1.00 41.71 ? 106 GLU A CG  1 
ATOM   798  C CD  . GLU A 1 106 ? 9.757   14.887  9.694   1.00 44.85 ? 106 GLU A CD  1 
ATOM   799  O OE1 . GLU A 1 106 ? 10.273  13.741  9.613   1.00 45.45 ? 106 GLU A OE1 1 
ATOM   800  O OE2 . GLU A 1 106 ? 9.382   15.411  10.761  1.00 45.65 ? 106 GLU A OE2 1 
ATOM   801  N N   . ASN A 1 107 ? 12.878  16.986  5.334   1.00 41.09 ? 107 ASN A N   1 
ATOM   802  C CA  . ASN A 1 107 ? 14.226  17.376  4.938   1.00 41.90 ? 107 ASN A CA  1 
ATOM   803  C C   . ASN A 1 107 ? 15.201  17.071  6.082   1.00 42.52 ? 107 ASN A C   1 
ATOM   804  O O   . ASN A 1 107 ? 16.056  17.879  6.415   1.00 42.16 ? 107 ASN A O   1 
ATOM   805  C CB  . ASN A 1 107 ? 14.263  18.867  4.557   1.00 41.46 ? 107 ASN A CB  1 
ATOM   806  C CG  . ASN A 1 107 ? 15.459  19.229  3.688   1.00 40.75 ? 107 ASN A CG  1 
ATOM   807  O OD1 . ASN A 1 107 ? 15.611  18.710  2.578   1.00 39.37 ? 107 ASN A OD1 1 
ATOM   808  N ND2 . ASN A 1 107 ? 16.303  20.144  4.184   1.00 37.58 ? 107 ASN A ND2 1 
ATOM   809  N N   . LYS A 1 108 ? 15.018  15.904  6.698   1.00 43.41 ? 108 LYS A N   1 
ATOM   810  C CA  . LYS A 1 108 ? 15.880  15.407  7.772   1.00 43.93 ? 108 LYS A CA  1 
ATOM   811  C C   . LYS A 1 108 ? 16.327  14.002  7.376   1.00 44.02 ? 108 LYS A C   1 
ATOM   812  O O   . LYS A 1 108 ? 15.822  13.454  6.406   1.00 44.25 ? 108 LYS A O   1 
ATOM   813  C CB  . LYS A 1 108 ? 15.113  15.359  9.098   1.00 43.97 ? 108 LYS A CB  1 
ATOM   814  C CG  . LYS A 1 108 ? 14.980  16.700  9.802   1.00 45.22 ? 108 LYS A CG  1 
ATOM   815  C CD  . LYS A 1 108 ? 14.663  16.509  11.287  1.00 46.97 ? 108 LYS A CD  1 
ATOM   816  C CE  . LYS A 1 108 ? 15.117  17.705  12.122  1.00 47.99 ? 108 LYS A CE  1 
ATOM   817  N NZ  . LYS A 1 108 ? 16.600  17.952  12.156  1.00 48.90 ? 108 LYS A NZ  1 
ATOM   818  N N   . GLY A 1 109 ? 17.263  13.420  8.118   1.00 44.42 ? 109 GLY A N   1 
ATOM   819  C CA  . GLY A 1 109 ? 17.681  12.037  7.863   1.00 44.39 ? 109 GLY A CA  1 
ATOM   820  C C   . GLY A 1 109 ? 16.657  11.081  8.429   1.00 44.57 ? 109 GLY A C   1 
ATOM   821  O O   . GLY A 1 109 ? 15.827  11.479  9.276   1.00 44.49 ? 109 GLY A O   1 
ATOM   822  N N   . SER A 1 110 ? 16.712  9.826   7.972   1.00 44.34 ? 110 SER A N   1 
ATOM   823  C CA  . SER A 1 110 ? 15.734  8.802   8.373   1.00 44.32 ? 110 SER A CA  1 
ATOM   824  C C   . SER A 1 110 ? 15.925  8.238   9.791   1.00 43.69 ? 110 SER A C   1 
ATOM   825  O O   . SER A 1 110 ? 17.032  8.196   10.325  1.00 44.00 ? 110 SER A O   1 
ATOM   826  C CB  . SER A 1 110 ? 15.676  7.667   7.340   1.00 44.69 ? 110 SER A CB  1 
ATOM   827  O OG  . SER A 1 110 ? 16.985  7.242   6.988   1.00 46.30 ? 110 SER A OG  1 
ATOM   828  N N   . GLU A 1 111 ? 14.811  7.831   10.388  1.00 42.96 ? 111 GLU A N   1 
ATOM   829  C CA  . GLU A 1 111 ? 14.768  7.221   11.717  1.00 42.30 ? 111 GLU A CA  1 
ATOM   830  C C   . GLU A 1 111 ? 14.189  5.826   11.547  1.00 41.58 ? 111 GLU A C   1 
ATOM   831  O O   . GLU A 1 111 ? 13.533  5.534   10.522  1.00 41.52 ? 111 GLU A O   1 
ATOM   832  C CB  . GLU A 1 111 ? 13.859  8.034   12.661  1.00 42.76 ? 111 GLU A CB  1 
ATOM   833  C CG  . GLU A 1 111 ? 14.323  9.479   12.952  1.00 43.50 ? 111 GLU A CG  1 
ATOM   834  C CD  . GLU A 1 111 ? 15.645  9.538   13.698  1.00 44.62 ? 111 GLU A CD  1 
ATOM   835  O OE1 . GLU A 1 111 ? 15.655  9.217   14.909  1.00 44.61 ? 111 GLU A OE1 1 
ATOM   836  O OE2 . GLU A 1 111 ? 16.669  9.906   13.075  1.00 45.13 ? 111 GLU A OE2 1 
ATOM   837  N N   . ASP A 1 112 ? 14.419  4.962   12.532  1.00 40.09 ? 112 ASP A N   1 
ATOM   838  C CA  . ASP A 1 112 ? 13.967  3.580   12.411  1.00 39.10 ? 112 ASP A CA  1 
ATOM   839  C C   . ASP A 1 112 ? 12.650  3.325   13.142  1.00 37.69 ? 112 ASP A C   1 
ATOM   840  O O   . ASP A 1 112 ? 12.246  2.161   13.337  1.00 37.50 ? 112 ASP A O   1 
ATOM   841  C CB  . ASP A 1 112 ? 15.041  2.610   12.893  1.00 39.84 ? 112 ASP A CB  1 
ATOM   842  C CG  . ASP A 1 112 ? 15.308  2.728   14.370  1.00 41.41 ? 112 ASP A CG  1 
ATOM   843  O OD1 . ASP A 1 112 ? 16.490  2.589   14.768  1.00 42.61 ? 112 ASP A OD1 1 
ATOM   844  O OD2 . ASP A 1 112 ? 14.354  2.949   15.142  1.00 42.60 ? 112 ASP A OD2 1 
ATOM   845  N N   . PHE A 1 113 ? 12.009  4.420   13.556  1.00 35.51 ? 113 PHE A N   1 
ATOM   846  C CA  . PHE A 1 113 ? 10.632  4.393   14.080  1.00 33.49 ? 113 PHE A CA  1 
ATOM   847  C C   . PHE A 1 113 ? 9.697   5.205   13.186  1.00 31.73 ? 113 PHE A C   1 
ATOM   848  O O   . PHE A 1 113 ? 10.118  6.030   12.360  1.00 30.64 ? 113 PHE A O   1 
ATOM   849  C CB  . PHE A 1 113 ? 10.595  4.930   15.545  1.00 33.68 ? 113 PHE A CB  1 
ATOM   850  C CG  . PHE A 1 113 ? 11.245  6.280   15.708  1.00 33.00 ? 113 PHE A CG  1 
ATOM   851  C CD1 . PHE A 1 113 ? 10.527  7.451   15.460  1.00 31.14 ? 113 PHE A CD1 1 
ATOM   852  C CD2 . PHE A 1 113 ? 12.595  6.383   16.097  1.00 33.82 ? 113 PHE A CD2 1 
ATOM   853  C CE1 . PHE A 1 113 ? 11.112  8.701   15.578  1.00 31.45 ? 113 PHE A CE1 1 
ATOM   854  C CE2 . PHE A 1 113 ? 13.197  7.635   16.226  1.00 33.12 ? 113 PHE A CE2 1 
ATOM   855  C CZ  . PHE A 1 113 ? 12.457  8.804   15.975  1.00 33.42 ? 113 PHE A CZ  1 
ATOM   856  N N   . VAL A 1 114 ? 8.410   4.988   13.398  1.00 29.81 ? 114 VAL A N   1 
ATOM   857  C CA  . VAL A 1 114 ? 7.410   5.734   12.712  1.00 28.58 ? 114 VAL A CA  1 
ATOM   858  C C   . VAL A 1 114 ? 6.803   6.745   13.677  1.00 27.67 ? 114 VAL A C   1 
ATOM   859  O O   . VAL A 1 114 ? 6.225   6.360   14.671  1.00 27.99 ? 114 VAL A O   1 
ATOM   860  C CB  . VAL A 1 114 ? 6.391   4.725   12.088  1.00 27.69 ? 114 VAL A CB  1 
ATOM   861  C CG1 . VAL A 1 114 ? 4.996   5.208   12.186  1.00 29.51 ? 114 VAL A CG1 1 
ATOM   862  C CG2 . VAL A 1 114 ? 6.798   4.403   10.632  1.00 25.42 ? 114 VAL A CG2 1 
ATOM   863  N N   . GLU A 1 115 ? 7.012   8.038   13.424  1.00 27.13 ? 115 GLU A N   1 
ATOM   864  C CA  . GLU A 1 115 ? 6.338   9.097   14.195  1.00 26.40 ? 115 GLU A CA  1 
ATOM   865  C C   . GLU A 1 115 ? 5.020   9.353   13.470  1.00 26.42 ? 115 GLU A C   1 
ATOM   866  O O   . GLU A 1 115 ? 4.733   8.706   12.455  1.00 24.66 ? 115 GLU A O   1 
ATOM   867  C CB  . GLU A 1 115 ? 7.135   10.416  14.260  1.00 25.13 ? 115 GLU A CB  1 
ATOM   868  C CG  . GLU A 1 115 ? 8.507   10.338  14.888  1.00 27.49 ? 115 GLU A CG  1 
ATOM   869  C CD  . GLU A 1 115 ? 9.206   11.698  14.983  1.00 26.08 ? 115 GLU A CD  1 
ATOM   870  O OE1 . GLU A 1 115 ? 9.724   12.178  13.976  1.00 30.16 ? 115 GLU A OE1 1 
ATOM   871  O OE2 . GLU A 1 115 ? 9.249   12.299  16.069  1.00 25.55 ? 115 GLU A OE2 1 
ATOM   872  N N   . PHE A 1 116 ? 4.235   10.310  13.964  1.00 27.02 ? 116 PHE A N   1 
ATOM   873  C CA  . PHE A 1 116 ? 2.912   10.569  13.382  1.00 27.98 ? 116 PHE A CA  1 
ATOM   874  C C   . PHE A 1 116 ? 2.973   10.758  11.829  1.00 29.11 ? 116 PHE A C   1 
ATOM   875  O O   . PHE A 1 116 ? 2.181   10.154  11.097  1.00 29.63 ? 116 PHE A O   1 
ATOM   876  C CB  . PHE A 1 116 ? 2.209   11.722  14.118  1.00 27.79 ? 116 PHE A CB  1 
ATOM   877  C CG  . PHE A 1 116 ? 0.764   11.904  13.738  1.00 28.24 ? 116 PHE A CG  1 
ATOM   878  C CD1 . PHE A 1 116 ? 0.143   13.127  13.892  1.00 29.99 ? 116 PHE A CD1 1 
ATOM   879  C CD2 . PHE A 1 116 ? 0.017   10.843  13.246  1.00 31.93 ? 116 PHE A CD2 1 
ATOM   880  C CE1 . PHE A 1 116 ? -1.194  13.287  13.536  1.00 29.42 ? 116 PHE A CE1 1 
ATOM   881  C CE2 . PHE A 1 116 ? -1.315  10.996  12.883  1.00 30.41 ? 116 PHE A CE2 1 
ATOM   882  C CZ  . PHE A 1 116 ? -1.914  12.206  13.039  1.00 27.98 ? 116 PHE A CZ  1 
ATOM   883  N N   . LEU A 1 117 ? 3.934   11.548  11.327  1.00 29.80 ? 117 LEU A N   1 
ATOM   884  C CA  . LEU A 1 117 ? 4.028   11.798  9.882   1.00 30.04 ? 117 LEU A CA  1 
ATOM   885  C C   . LEU A 1 117 ? 4.062   10.510  9.081   1.00 30.19 ? 117 LEU A C   1 
ATOM   886  O O   . LEU A 1 117 ? 3.242   10.296  8.182   1.00 29.99 ? 117 LEU A O   1 
ATOM   887  C CB  . LEU A 1 117 ? 5.272   12.625  9.520   1.00 30.96 ? 117 LEU A CB  1 
ATOM   888  C CG  . LEU A 1 117 ? 5.591   12.679  8.011   1.00 30.65 ? 117 LEU A CG  1 
ATOM   889  C CD1 . LEU A 1 117 ? 4.472   13.405  7.273   1.00 30.65 ? 117 LEU A CD1 1 
ATOM   890  C CD2 . LEU A 1 117 ? 6.919   13.337  7.735   1.00 30.00 ? 117 LEU A CD2 1 
ATOM   891  N N   . GLU A 1 118 ? 5.055   9.682   9.391   1.00 29.44 ? 118 GLU A N   1 
ATOM   892  C CA  . GLU A 1 118 ? 5.264   8.401   8.752   1.00 28.83 ? 118 GLU A CA  1 
ATOM   893  C C   . GLU A 1 118 ? 4.016   7.507   8.898   1.00 28.53 ? 118 GLU A C   1 
ATOM   894  O O   . GLU A 1 118 ? 3.574   6.901   7.920   1.00 27.83 ? 118 GLU A O   1 
ATOM   895  C CB  . GLU A 1 118 ? 6.493   7.718   9.347   1.00 28.33 ? 118 GLU A CB  1 
ATOM   896  C CG  . GLU A 1 118 ? 7.823   8.341   8.971   1.00 29.92 ? 118 GLU A CG  1 
ATOM   897  C CD  . GLU A 1 118 ? 8.159   9.647   9.731   1.00 32.91 ? 118 GLU A CD  1 
ATOM   898  O OE1 . GLU A 1 118 ? 9.041   10.388  9.230   1.00 33.46 ? 118 GLU A OE1 1 
ATOM   899  O OE2 . GLU A 1 118 ? 7.560   9.939   10.801  1.00 30.89 ? 118 GLU A OE2 1 
ATOM   900  N N   . PHE A 1 119 ? 3.432   7.438   10.088  1.00 28.25 ? 119 PHE A N   1 
ATOM   901  C CA  . PHE A 1 119 ? 2.150   6.689   10.261  1.00 28.56 ? 119 PHE A CA  1 
ATOM   902  C C   . PHE A 1 119 ? 1.095   7.113   9.226   1.00 29.01 ? 119 PHE A C   1 
ATOM   903  O O   . PHE A 1 119 ? 0.431   6.285   8.612   1.00 29.67 ? 119 PHE A O   1 
ATOM   904  C CB  . PHE A 1 119 ? 1.613   6.879   11.702  1.00 28.14 ? 119 PHE A CB  1 
ATOM   905  C CG  . PHE A 1 119 ? 0.196   6.379   11.907  1.00 28.78 ? 119 PHE A CG  1 
ATOM   906  C CD1 . PHE A 1 119 ? -0.070  5.013   12.056  1.00 26.94 ? 119 PHE A CD1 1 
ATOM   907  C CD2 . PHE A 1 119 ? -0.878  7.290   11.922  1.00 29.85 ? 119 PHE A CD2 1 
ATOM   908  C CE1 . PHE A 1 119 ? -1.390  4.566   12.216  1.00 31.98 ? 119 PHE A CE1 1 
ATOM   909  C CE2 . PHE A 1 119 ? -2.190  6.852   12.094  1.00 28.52 ? 119 PHE A CE2 1 
ATOM   910  C CZ  . PHE A 1 119 ? -2.449  5.483   12.237  1.00 28.33 ? 119 PHE A CZ  1 
ATOM   911  N N   . ARG A 1 120 ? 0.911   8.421   9.071   1.00 29.01 ? 120 ARG A N   1 
ATOM   912  C CA  . ARG A 1 120 ? 0.009   8.989   8.061   1.00 28.31 ? 120 ARG A CA  1 
ATOM   913  C C   . ARG A 1 120 ? 0.319   8.521   6.658   1.00 28.31 ? 120 ARG A C   1 
ATOM   914  O O   . ARG A 1 120 ? -0.597  8.196   5.891   1.00 28.98 ? 120 ARG A O   1 
ATOM   915  C CB  . ARG A 1 120 ? 0.086   10.517  8.092   1.00 27.72 ? 120 ARG A CB  1 
ATOM   916  C CG  . ARG A 1 120 ? -0.534  11.106  9.320   1.00 28.87 ? 120 ARG A CG  1 
ATOM   917  C CD  . ARG A 1 120 ? -0.933  12.541  9.100   1.00 29.24 ? 120 ARG A CD  1 
ATOM   918  N NE  . ARG A 1 120 ? 0.203   13.416  8.773   1.00 29.06 ? 120 ARG A NE  1 
ATOM   919  C CZ  . ARG A 1 120 ? 0.924   14.050  9.696   1.00 31.40 ? 120 ARG A CZ  1 
ATOM   920  N NH1 . ARG A 1 120 ? 0.622   13.876  10.960  1.00 29.30 ? 120 ARG A NH1 1 
ATOM   921  N NH2 . ARG A 1 120 ? 1.924   14.862  9.375   1.00 28.86 ? 120 ARG A NH2 1 
ATOM   922  N N   . LEU A 1 121 ? 1.599   8.508   6.323   1.00 27.93 ? 121 LEU A N   1 
ATOM   923  C CA  . LEU A 1 121 ? 2.084   8.040   5.042   1.00 27.64 ? 121 LEU A CA  1 
ATOM   924  C C   . LEU A 1 121 ? 1.934   6.512   4.874   1.00 28.44 ? 121 LEU A C   1 
ATOM   925  O O   . LEU A 1 121 ? 1.642   6.047   3.755   1.00 27.68 ? 121 LEU A O   1 
ATOM   926  C CB  . LEU A 1 121 ? 3.531   8.457   4.854   1.00 26.64 ? 121 LEU A CB  1 
ATOM   927  C CG  . LEU A 1 121 ? 3.840   9.972   4.938   1.00 27.05 ? 121 LEU A CG  1 
ATOM   928  C CD1 . LEU A 1 121 ? 5.290   10.168  4.765   1.00 25.43 ? 121 LEU A CD1 1 
ATOM   929  C CD2 . LEU A 1 121 ? 3.063   10.809  3.892   1.00 26.71 ? 121 LEU A CD2 1 
ATOM   930  N N   . MET A 1 122 ? 2.154   5.745   5.952   1.00 28.11 ? 122 MET A N   1 
ATOM   931  C CA  . MET A 1 122 ? 1.849   4.293   5.975   1.00 29.66 ? 122 MET A CA  1 
ATOM   932  C C   . MET A 1 122 ? 0.408   4.003   5.608   1.00 27.50 ? 122 MET A C   1 
ATOM   933  O O   . MET A 1 122 ? 0.123   3.104   4.821   1.00 28.06 ? 122 MET A O   1 
ATOM   934  C CB  . MET A 1 122 ? 1.976   3.773   7.392   1.00 29.34 ? 122 MET A CB  1 
ATOM   935  C CG  . MET A 1 122 ? 3.321   3.325   7.824   1.00 31.66 ? 122 MET A CG  1 
ATOM   936  S SD  . MET A 1 122 ? 3.056   2.056   9.066   1.00 38.65 ? 122 MET A SD  1 
ATOM   937  C CE  . MET A 1 122 ? 1.254   2.212   9.343   1.00 31.82 ? 122 MET A CE  1 
ATOM   938  N N   . LEU A 1 123 ? -0.500  4.729   6.240   1.00 25.86 ? 123 LEU A N   1 
ATOM   939  C CA  . LEU A 1 123 ? -1.914  4.573   5.954   1.00 26.21 ? 123 LEU A CA  1 
ATOM   940  C C   . LEU A 1 123 ? -2.201  4.765   4.467   1.00 25.38 ? 123 LEU A C   1 
ATOM   941  O O   . LEU A 1 123 ? -2.805  3.908   3.845   1.00 26.47 ? 123 LEU A O   1 
ATOM   942  C CB  . LEU A 1 123 ? -2.744  5.521   6.795   1.00 26.69 ? 123 LEU A CB  1 
ATOM   943  C CG  . LEU A 1 123 ? -2.899  5.317   8.308   1.00 28.87 ? 123 LEU A CG  1 
ATOM   944  C CD1 . LEU A 1 123 ? -3.778  6.452   8.813   1.00 32.49 ? 123 LEU A CD1 1 
ATOM   945  C CD2 . LEU A 1 123 ? -3.604  3.973   8.660   1.00 30.73 ? 123 LEU A CD2 1 
ATOM   946  N N   . CYS A 1 124 ? -1.760  5.879   3.892   1.00 26.47 ? 124 CYS A N   1 
ATOM   947  C CA  . CYS A 1 124 ? -1.851  6.095   2.442   1.00 26.21 ? 124 CYS A CA  1 
ATOM   948  C C   . CYS A 1 124 ? -1.217  4.995   1.589   1.00 25.75 ? 124 CYS A C   1 
ATOM   949  O O   . CYS A 1 124 ? -1.813  4.570   0.598   1.00 27.01 ? 124 CYS A O   1 
ATOM   950  C CB  . CYS A 1 124 ? -1.218  7.433   2.077   1.00 26.80 ? 124 CYS A CB  1 
ATOM   951  S SG  . CYS A 1 124 ? -1.973  8.806   2.955   1.00 30.71 ? 124 CYS A SG  1 
ATOM   952  N N   . TYR A 1 125 ? -0.017  4.531   1.958   1.00 24.69 ? 125 TYR A N   1 
ATOM   953  C CA  . TYR A 1 125 ? 0.674   3.471   1.204   1.00 23.99 ? 125 TYR A CA  1 
ATOM   954  C C   . TYR A 1 125 ? -0.183  2.178   1.135   1.00 24.09 ? 125 TYR A C   1 
ATOM   955  O O   . TYR A 1 125 ? -0.368  1.555   0.034   1.00 25.69 ? 125 TYR A O   1 
ATOM   956  C CB  . TYR A 1 125 ? 2.037   3.157   1.879   1.00 22.66 ? 125 TYR A CB  1 
ATOM   957  C CG  . TYR A 1 125 ? 2.829   2.139   1.065   1.00 25.64 ? 125 TYR A CG  1 
ATOM   958  C CD1 . TYR A 1 125 ? 2.568   0.765   1.159   1.00 28.79 ? 125 TYR A CD1 1 
ATOM   959  C CD2 . TYR A 1 125 ? 3.773   2.558   0.107   1.00 25.22 ? 125 TYR A CD2 1 
ATOM   960  C CE1 . TYR A 1 125 ? 3.277   -0.165  0.371   1.00 24.57 ? 125 TYR A CE1 1 
ATOM   961  C CE2 . TYR A 1 125 ? 4.492   1.650   -0.654  1.00 23.95 ? 125 TYR A CE2 1 
ATOM   962  C CZ  . TYR A 1 125 ? 4.236   0.287   -0.524  1.00 25.28 ? 125 TYR A CZ  1 
ATOM   963  O OH  . TYR A 1 125 ? 4.938   -0.604  -1.326  1.00 23.69 ? 125 TYR A OH  1 
ATOM   964  N N   . ILE A 1 126 ? -0.723  1.771   2.298   1.00 23.11 ? 126 ILE A N   1 
ATOM   965  C CA  . ILE A 1 126 ? -1.527  0.539   2.400   1.00 24.43 ? 126 ILE A CA  1 
ATOM   966  C C   . ILE A 1 126 ? -2.789  0.724   1.571   1.00 25.48 ? 126 ILE A C   1 
ATOM   967  O O   . ILE A 1 126 ? -3.213  -0.180  0.790   1.00 25.18 ? 126 ILE A O   1 
ATOM   968  C CB  . ILE A 1 126 ? -1.980  0.263   3.872   1.00 25.26 ? 126 ILE A CB  1 
ATOM   969  C CG1 . ILE A 1 126 ? -0.794  0.004   4.791   1.00 27.26 ? 126 ILE A CG1 1 
ATOM   970  C CG2 . ILE A 1 126 ? -3.109  -0.823  3.970   1.00 21.34 ? 126 ILE A CG2 1 
ATOM   971  C CD1 . ILE A 1 126 ? -1.210  0.300   6.290   1.00 25.92 ? 126 ILE A CD1 1 
ATOM   972  N N   . TYR A 1 127 ? -3.358  1.916   1.694   1.00 25.07 ? 127 TYR A N   1 
ATOM   973  C CA  . TYR A 1 127 ? -4.542  2.248   0.930   1.00 25.07 ? 127 TYR A CA  1 
ATOM   974  C C   . TYR A 1 127 ? -4.260  2.065   -0.548  1.00 26.54 ? 127 TYR A C   1 
ATOM   975  O O   . TYR A 1 127 ? -5.014  1.399   -1.230  1.00 27.85 ? 127 TYR A O   1 
ATOM   976  C CB  . TYR A 1 127 ? -5.000  3.687   1.229   1.00 25.30 ? 127 TYR A CB  1 
ATOM   977  C CG  . TYR A 1 127 ? -6.307  4.018   0.526   1.00 27.13 ? 127 TYR A CG  1 
ATOM   978  C CD1 . TYR A 1 127 ? -6.330  4.298   -0.856  1.00 27.13 ? 127 TYR A CD1 1 
ATOM   979  C CD2 . TYR A 1 127 ? -7.512  4.018   1.228   1.00 27.84 ? 127 TYR A CD2 1 
ATOM   980  C CE1 . TYR A 1 127 ? -7.522  4.595   -1.529  1.00 28.31 ? 127 TYR A CE1 1 
ATOM   981  C CE2 . TYR A 1 127 ? -8.735  4.279   0.556   1.00 28.86 ? 127 TYR A CE2 1 
ATOM   982  C CZ  . TYR A 1 127 ? -8.727  4.564   -0.822  1.00 29.46 ? 127 TYR A CZ  1 
ATOM   983  O OH  . TYR A 1 127 ? -9.923  4.892   -1.461  1.00 28.79 ? 127 TYR A OH  1 
ATOM   984  N N   . ASP A 1 128 ? -3.149  2.632   -1.030  1.00 27.10 ? 128 ASP A N   1 
ATOM   985  C CA  . ASP A 1 128 ? -2.806  2.607   -2.450  1.00 27.07 ? 128 ASP A CA  1 
ATOM   986  C C   . ASP A 1 128 ? -2.529  1.152   -2.888  1.00 26.65 ? 128 ASP A C   1 
ATOM   987  O O   . ASP A 1 128 ? -3.002  0.727   -3.927  1.00 28.51 ? 128 ASP A O   1 
ATOM   988  C CB  . ASP A 1 128 ? -1.557  3.445   -2.720  1.00 26.22 ? 128 ASP A CB  1 
ATOM   989  C CG  . ASP A 1 128 ? -1.749  4.938   -2.480  1.00 26.36 ? 128 ASP A CG  1 
ATOM   990  O OD1 . ASP A 1 128 ? -2.901  5.410   -2.466  1.00 25.87 ? 128 ASP A OD1 1 
ATOM   991  O OD2 . ASP A 1 128 ? -0.715  5.641   -2.297  1.00 23.26 ? 128 ASP A OD2 1 
ATOM   992  N N   . PHE A 1 129 ? -1.743  0.436   -2.106  1.00 25.78 ? 129 PHE A N   1 
ATOM   993  C CA  . PHE A 1 129 ? -1.308  -0.928  -2.409  1.00 26.54 ? 129 PHE A CA  1 
ATOM   994  C C   . PHE A 1 129 ? -2.500  -1.868  -2.534  1.00 27.80 ? 129 PHE A C   1 
ATOM   995  O O   . PHE A 1 129 ? -2.563  -2.652  -3.483  1.00 29.23 ? 129 PHE A O   1 
ATOM   996  C CB  . PHE A 1 129 ? -0.290  -1.403  -1.358  1.00 26.49 ? 129 PHE A CB  1 
ATOM   997  C CG  . PHE A 1 129 ? 0.487   -2.645  -1.744  1.00 26.28 ? 129 PHE A CG  1 
ATOM   998  C CD1 . PHE A 1 129 ? -0.101  -3.911  -1.627  1.00 30.12 ? 129 PHE A CD1 1 
ATOM   999  C CD2 . PHE A 1 129 ? 1.829   -2.569  -2.078  1.00 27.03 ? 129 PHE A CD2 1 
ATOM   1000 C CE1 . PHE A 1 129 ? 0.607   -5.061  -1.926  1.00 26.44 ? 129 PHE A CE1 1 
ATOM   1001 C CE2 . PHE A 1 129 ? 2.546   -3.729  -2.359  1.00 26.62 ? 129 PHE A CE2 1 
ATOM   1002 C CZ  . PHE A 1 129 ? 1.875   -4.989  -2.306  1.00 30.38 ? 129 PHE A CZ  1 
ATOM   1003 N N   . PHE A 1 130 ? -3.488  -1.720  -1.656  1.00 25.58 ? 130 PHE A N   1 
ATOM   1004 C CA  . PHE A 1 130 ? -4.724  -2.541  -1.697  1.00 24.96 ? 130 PHE A CA  1 
ATOM   1005 C C   . PHE A 1 130 ? -5.625  -2.123  -2.879  1.00 24.74 ? 130 PHE A C   1 
ATOM   1006 O O   . PHE A 1 130 ? -6.171  -2.977  -3.578  1.00 22.73 ? 130 PHE A O   1 
ATOM   1007 C CB  . PHE A 1 130 ? -5.468  -2.419  -0.360  1.00 24.63 ? 130 PHE A CB  1 
ATOM   1008 C CG  . PHE A 1 130 ? -4.853  -3.234  0.791   1.00 22.66 ? 130 PHE A CG  1 
ATOM   1009 C CD1 . PHE A 1 130 ? -3.616  -3.832  0.678   1.00 24.63 ? 130 PHE A CD1 1 
ATOM   1010 C CD2 . PHE A 1 130 ? -5.566  -3.389  2.000   1.00 24.81 ? 130 PHE A CD2 1 
ATOM   1011 C CE1 . PHE A 1 130 ? -3.069  -4.587  1.754   1.00 21.25 ? 130 PHE A CE1 1 
ATOM   1012 C CE2 . PHE A 1 130 ? -5.038  -4.152  3.086   1.00 21.14 ? 130 PHE A CE2 1 
ATOM   1013 C CZ  . PHE A 1 130 ? -3.772  -4.740  2.943   1.00 22.43 ? 130 PHE A CZ  1 
ATOM   1014 N N   . GLU A 1 131 ? -5.750  -0.813  -3.110  1.00 24.99 ? 131 GLU A N   1 
ATOM   1015 C CA  . GLU A 1 131 ? -6.523  -0.309  -4.248  1.00 25.74 ? 131 GLU A CA  1 
ATOM   1016 C C   . GLU A 1 131 ? -5.916  -0.880  -5.535  1.00 25.76 ? 131 GLU A C   1 
ATOM   1017 O O   . GLU A 1 131 ? -6.621  -1.244  -6.436  1.00 25.03 ? 131 GLU A O   1 
ATOM   1018 C CB  . GLU A 1 131 ? -6.488  1.228   -4.390  1.00 26.26 ? 131 GLU A CB  1 
ATOM   1019 C CG  . GLU A 1 131 ? -7.719  1.673   -5.166  1.00 27.68 ? 131 GLU A CG  1 
ATOM   1020 C CD  . GLU A 1 131 ? -7.916  3.130   -5.182  1.00 27.93 ? 131 GLU A CD  1 
ATOM   1021 O OE1 . GLU A 1 131 ? -6.936  3.900   -5.154  1.00 26.42 ? 131 GLU A OE1 1 
ATOM   1022 O OE2 . GLU A 1 131 ? -9.089  3.508   -5.179  1.00 33.67 ? 131 GLU A OE2 1 
ATOM   1023 N N   . LEU A 1 132 ? -4.594  -0.965  -5.605  1.00 23.90 ? 132 LEU A N   1 
ATOM   1024 C CA  . LEU A 1 132 ? -3.979  -1.487  -6.836  1.00 24.86 ? 132 LEU A CA  1 
ATOM   1025 C C   . LEU A 1 132 ? -4.205  -2.956  -6.971  1.00 23.42 ? 132 LEU A C   1 
ATOM   1026 O O   . LEU A 1 132 ? -4.261  -3.498  -8.092  1.00 25.64 ? 132 LEU A O   1 
ATOM   1027 C CB  . LEU A 1 132 ? -2.447  -1.229  -6.825  1.00 22.99 ? 132 LEU A CB  1 
ATOM   1028 C CG  . LEU A 1 132 ? -2.092  0.259   -7.109  1.00 24.96 ? 132 LEU A CG  1 
ATOM   1029 C CD1 . LEU A 1 132 ? -0.669  0.525   -6.627  1.00 26.25 ? 132 LEU A CD1 1 
ATOM   1030 C CD2 . LEU A 1 132 ? -2.415  0.719   -8.597  1.00 24.04 ? 132 LEU A CD2 1 
ATOM   1031 N N   . THR A 1 133 ? -4.239  -3.638  -5.854  1.00 23.35 ? 133 THR A N   1 
ATOM   1032 C CA  . THR A 1 133 ? -4.410  -5.094  -5.887  1.00 24.87 ? 133 THR A CA  1 
ATOM   1033 C C   . THR A 1 133 ? -5.762  -5.475  -6.466  1.00 26.51 ? 133 THR A C   1 
ATOM   1034 O O   . THR A 1 133 ? -5.870  -6.383  -7.310  1.00 26.51 ? 133 THR A O   1 
ATOM   1035 C CB  . THR A 1 133 ? -4.153  -5.738  -4.540  1.00 25.14 ? 133 THR A CB  1 
ATOM   1036 O OG1 . THR A 1 133 ? -2.773  -5.505  -4.185  1.00 24.01 ? 133 THR A OG1 1 
ATOM   1037 C CG2 . THR A 1 133 ? -4.311  -7.263  -4.591  1.00 22.70 ? 133 THR A CG2 1 
ATOM   1038 N N   . VAL A 1 134 ? -6.779  -4.745  -6.025  1.00 26.68 ? 134 VAL A N   1 
ATOM   1039 C CA  . VAL A 1 134 ? -8.148  -4.975  -6.428  1.00 28.20 ? 134 VAL A CA  1 
ATOM   1040 C C   . VAL A 1 134 ? -8.283  -4.749  -7.943  1.00 28.84 ? 134 VAL A C   1 
ATOM   1041 O O   . VAL A 1 134 ? -8.884  -5.551  -8.645  1.00 29.84 ? 134 VAL A O   1 
ATOM   1042 C CB  . VAL A 1 134 ? -9.064  -4.084  -5.587  1.00 27.46 ? 134 VAL A CB  1 
ATOM   1043 C CG1 . VAL A 1 134 ? -10.518 -3.994  -6.188  1.00 28.77 ? 134 VAL A CG1 1 
ATOM   1044 C CG2 . VAL A 1 134 ? -9.048  -4.616  -4.166  1.00 27.98 ? 134 VAL A CG2 1 
ATOM   1045 N N   . MET A 1 135 ? -7.653  -3.692  -8.431  1.00 30.84 ? 135 MET A N   1 
ATOM   1046 C CA  . MET A 1 135 ? -7.520  -3.397  -9.869  1.00 33.17 ? 135 MET A CA  1 
ATOM   1047 C C   . MET A 1 135 ? -6.847  -4.546  -10.664 1.00 31.67 ? 135 MET A C   1 
ATOM   1048 O O   . MET A 1 135 ? -7.339  -4.938  -11.748 1.00 31.66 ? 135 MET A O   1 
ATOM   1049 C CB  . MET A 1 135 ? -6.710  -2.076  -10.028 1.00 33.75 ? 135 MET A CB  1 
ATOM   1050 C CG  . MET A 1 135 ? -6.458  -1.641  -11.475 1.00 34.46 ? 135 MET A CG  1 
ATOM   1051 S SD  . MET A 1 135 ? -5.127  -0.428  -11.724 1.00 37.44 ? 135 MET A SD  1 
ATOM   1052 C CE  . MET A 1 135 ? -5.742  0.951   -10.717 1.00 35.87 ? 135 MET A CE  1 
ATOM   1053 N N   . PHE A 1 136 ? -5.735  -5.066  -10.146 1.00 30.31 ? 136 PHE A N   1 
ATOM   1054 C CA  . PHE A 1 136 ? -4.936  -6.138  -10.805 1.00 29.71 ? 136 PHE A CA  1 
ATOM   1055 C C   . PHE A 1 136 ? -5.708  -7.454  -10.820 1.00 30.73 ? 136 PHE A C   1 
ATOM   1056 O O   . PHE A 1 136 ? -5.555  -8.292  -11.744 1.00 29.97 ? 136 PHE A O   1 
ATOM   1057 C CB  . PHE A 1 136 ? -3.563  -6.351  -10.115 1.00 29.18 ? 136 PHE A CB  1 
ATOM   1058 C CG  . PHE A 1 136 ? -2.650  -5.140  -10.142 1.00 28.43 ? 136 PHE A CG  1 
ATOM   1059 C CD1 . PHE A 1 136 ? -2.718  -4.216  -11.179 1.00 26.69 ? 136 PHE A CD1 1 
ATOM   1060 C CD2 . PHE A 1 136 ? -1.721  -4.945  -9.140  1.00 21.71 ? 136 PHE A CD2 1 
ATOM   1061 C CE1 . PHE A 1 136 ? -1.920  -3.118  -11.249 1.00 25.63 ? 136 PHE A CE1 1 
ATOM   1062 C CE2 . PHE A 1 136 ? -0.924  -3.845  -9.196  1.00 28.29 ? 136 PHE A CE2 1 
ATOM   1063 C CZ  . PHE A 1 136 ? -1.015  -2.887  -10.253 1.00 24.73 ? 136 PHE A CZ  1 
ATOM   1064 N N   . ASP A 1 137 ? -6.626  -7.587  -9.848  1.00 30.80 ? 137 ASP A N   1 
ATOM   1065 C CA  . ASP A 1 137 ? -7.505  -8.757  -9.735  1.00 30.05 ? 137 ASP A CA  1 
ATOM   1066 C C   . ASP A 1 137 ? -8.391  -8.851  -10.937 1.00 31.10 ? 137 ASP A C   1 
ATOM   1067 O O   . ASP A 1 137 ? -8.766  -9.948  -11.385 1.00 30.77 ? 137 ASP A O   1 
ATOM   1068 C CB  . ASP A 1 137 ? -8.360  -8.672  -8.467  1.00 29.36 ? 137 ASP A CB  1 
ATOM   1069 C CG  . ASP A 1 137 ? -7.656  -9.263  -7.242  1.00 28.77 ? 137 ASP A CG  1 
ATOM   1070 O OD1 . ASP A 1 137 ? -6.830  -10.190 -7.433  1.00 30.56 ? 137 ASP A OD1 1 
ATOM   1071 O OD2 . ASP A 1 137 ? -7.966  -8.864  -6.087  1.00 24.66 ? 137 ASP A OD2 1 
ATOM   1072 N N   . GLU A 1 138 ? -8.722  -7.689  -11.475 1.00 31.56 ? 138 GLU A N   1 
ATOM   1073 C CA  . GLU A 1 138 ? -9.637  -7.627  -12.585 1.00 32.39 ? 138 GLU A CA  1 
ATOM   1074 C C   . GLU A 1 138 ? -8.951  -8.081  -13.851 1.00 30.77 ? 138 GLU A C   1 
ATOM   1075 O O   . GLU A 1 138 ? -9.615  -8.518  -14.752 1.00 29.37 ? 138 GLU A O   1 
ATOM   1076 C CB  . GLU A 1 138 ? -10.264 -6.227  -12.698 1.00 32.89 ? 138 GLU A CB  1 
ATOM   1077 C CG  . GLU A 1 138 ? -10.988 -5.821  -11.420 1.00 34.98 ? 138 GLU A CG  1 
ATOM   1078 C CD  . GLU A 1 138 ? -11.891 -4.588  -11.543 1.00 36.55 ? 138 GLU A CD  1 
ATOM   1079 O OE1 . GLU A 1 138 ? -12.322 -4.286  -12.675 1.00 37.29 ? 138 GLU A OE1 1 
ATOM   1080 O OE2 . GLU A 1 138 ? -12.171 -3.934  -10.490 1.00 41.17 ? 138 GLU A OE2 1 
ATOM   1081 N N   . ILE A 1 139 ? -7.617  -8.046  -13.870 1.00 30.25 ? 139 ILE A N   1 
ATOM   1082 C CA  . ILE A 1 139 ? -6.841  -8.477  -15.025 1.00 31.55 ? 139 ILE A CA  1 
ATOM   1083 C C   . ILE A 1 139 ? -6.085  -9.823  -14.916 1.00 30.52 ? 139 ILE A C   1 
ATOM   1084 O O   . ILE A 1 139 ? -5.794  -10.420 -15.941 1.00 31.87 ? 139 ILE A O   1 
ATOM   1085 C CB  . ILE A 1 139 ? -5.868  -7.373  -15.614 1.00 31.41 ? 139 ILE A CB  1 
ATOM   1086 C CG1 . ILE A 1 139 ? -5.053  -6.698  -14.525 1.00 34.06 ? 139 ILE A CG1 1 
ATOM   1087 C CG2 . ILE A 1 139 ? -6.697  -6.293  -16.376 1.00 33.29 ? 139 ILE A CG2 1 
ATOM   1088 C CD1 . ILE A 1 139 ? -3.621  -6.373  -14.901 1.00 38.09 ? 139 ILE A CD1 1 
ATOM   1089 N N   . ASP A 1 140 ? -5.817  -10.307 -13.710 1.00 29.44 ? 140 ASP A N   1 
ATOM   1090 C CA  . ASP A 1 140 ? -5.099  -11.563 -13.485 1.00 28.96 ? 140 ASP A CA  1 
ATOM   1091 C C   . ASP A 1 140 ? -5.956  -12.793 -13.858 1.00 28.08 ? 140 ASP A C   1 
ATOM   1092 O O   . ASP A 1 140 ? -6.857  -13.189 -13.138 1.00 24.76 ? 140 ASP A O   1 
ATOM   1093 C CB  . ASP A 1 140 ? -4.558  -11.549 -12.030 1.00 30.01 ? 140 ASP A CB  1 
ATOM   1094 C CG  . ASP A 1 140 ? -4.132  -12.900 -11.507 1.00 32.15 ? 140 ASP A CG  1 
ATOM   1095 O OD1 . ASP A 1 140 ? -3.640  -13.716 -12.309 1.00 38.38 ? 140 ASP A OD1 1 
ATOM   1096 O OD2 . ASP A 1 140 ? -4.288  -13.134 -10.276 1.00 29.70 ? 140 ASP A OD2 1 
ATOM   1097 N N   . ALA A 1 141 ? -5.695  -13.369 -15.030 1.00 27.67 ? 141 ALA A N   1 
ATOM   1098 C CA  . ALA A 1 141 ? -6.580  -14.466 -15.528 1.00 27.02 ? 141 ALA A CA  1 
ATOM   1099 C C   . ALA A 1 141 ? -6.441  -15.753 -14.710 1.00 28.17 ? 141 ALA A C   1 
ATOM   1100 O O   . ALA A 1 141 ? -7.459  -16.407 -14.369 1.00 28.23 ? 141 ALA A O   1 
ATOM   1101 C CB  . ALA A 1 141 ? -6.368  -14.714 -17.034 1.00 24.94 ? 141 ALA A CB  1 
ATOM   1102 N N   . SER A 1 142 ? -5.201  -16.059 -14.276 1.00 29.32 ? 142 SER A N   1 
ATOM   1103 C CA  . SER A 1 142 ? -4.932  -17.354 -13.595 1.00 30.06 ? 142 SER A CA  1 
ATOM   1104 C C   . SER A 1 142 ? -5.393  -17.365 -12.126 1.00 30.05 ? 142 SER A C   1 
ATOM   1105 O O   . SER A 1 142 ? -5.525  -18.428 -11.512 1.00 29.83 ? 142 SER A O   1 
ATOM   1106 C CB  . SER A 1 142 ? -3.447  -17.697 -13.685 1.00 30.55 ? 142 SER A CB  1 
ATOM   1107 O OG  . SER A 1 142 ? -2.658  -16.572 -13.328 1.00 33.40 ? 142 SER A OG  1 
ATOM   1108 N N   . GLY A 1 143 ? -5.655  -16.174 -11.599 1.00 28.94 ? 143 GLY A N   1 
ATOM   1109 C CA  . GLY A 1 143 ? -5.975  -15.968 -10.218 1.00 29.51 ? 143 GLY A CA  1 
ATOM   1110 C C   . GLY A 1 143 ? -4.819  -16.291 -9.293  1.00 29.42 ? 143 GLY A C   1 
ATOM   1111 O O   . GLY A 1 143 ? -5.043  -16.607 -8.118  1.00 30.87 ? 143 GLY A O   1 
ATOM   1112 N N   . ASN A 1 144 ? -3.599  -16.208 -9.824  1.00 28.38 ? 144 ASN A N   1 
ATOM   1113 C CA  A ASN A 1 144 ? -2.367  -16.495 -9.080  0.50 27.67 ? 144 ASN A CA  1 
ATOM   1114 C CA  B ASN A 1 144 ? -2.388  -16.485 -9.030  0.50 27.67 ? 144 ASN A CA  1 
ATOM   1115 C C   . ASN A 1 144 ? -1.639  -15.232 -8.564  1.00 27.42 ? 144 ASN A C   1 
ATOM   1116 O O   . ASN A 1 144 ? -0.496  -15.309 -8.133  1.00 26.57 ? 144 ASN A O   1 
ATOM   1117 C CB  A ASN A 1 144 ? -1.407  -17.360 -9.934  0.50 26.78 ? 144 ASN A CB  1 
ATOM   1118 C CB  B ASN A 1 144 ? -1.408  -17.347 -9.820  0.50 26.88 ? 144 ASN A CB  1 
ATOM   1119 C CG  A ASN A 1 144 ? -1.043  -16.716 -11.291 0.50 27.22 ? 144 ASN A CG  1 
ATOM   1120 C CG  B ASN A 1 144 ? -2.015  -18.632 -10.303 0.50 27.05 ? 144 ASN A CG  1 
ATOM   1121 O OD1 A ASN A 1 144 ? -1.289  -15.514 -11.520 0.50 25.09 ? 144 ASN A OD1 1 
ATOM   1122 O OD1 B ASN A 1 144 ? -1.730  -19.069 -11.414 0.50 27.04 ? 144 ASN A OD1 1 
ATOM   1123 N ND2 A ASN A 1 144 ? -0.470  -17.527 -12.213 0.50 23.58 ? 144 ASN A ND2 1 
ATOM   1124 N ND2 B ASN A 1 144 ? -2.859  -19.246 -9.486  0.50 23.60 ? 144 ASN A ND2 1 
ATOM   1125 N N   . MET A 1 145 ? -2.272  -14.074 -8.650  1.00 26.67 ? 145 MET A N   1 
ATOM   1126 C CA  . MET A 1 145 ? -1.621  -12.824 -8.229  1.00 26.75 ? 145 MET A CA  1 
ATOM   1127 C C   . MET A 1 145 ? -0.262  -12.548 -8.904  1.00 27.00 ? 145 MET A C   1 
ATOM   1128 O O   . MET A 1 145 ? 0.723   -12.072 -8.279  1.00 26.02 ? 145 MET A O   1 
ATOM   1129 C CB  . MET A 1 145 ? -1.547  -12.726 -6.707  1.00 26.52 ? 145 MET A CB  1 
ATOM   1130 C CG  . MET A 1 145 ? -2.834  -13.039 -5.997  1.00 26.83 ? 145 MET A CG  1 
ATOM   1131 S SD  . MET A 1 145 ? -2.713  -12.916 -4.179  1.00 28.62 ? 145 MET A SD  1 
ATOM   1132 C CE  . MET A 1 145 ? -2.416  -11.181 -3.910  1.00 24.00 ? 145 MET A CE  1 
ATOM   1133 N N   . LEU A 1 146 ? -0.243  -12.899 -10.178 1.00 27.89 ? 146 LEU A N   1 
ATOM   1134 C CA  . LEU A 1 146 ? 0.814   -12.588 -11.110 1.00 29.78 ? 146 LEU A CA  1 
ATOM   1135 C C   . LEU A 1 146 ? 0.127   -11.990 -12.328 1.00 31.10 ? 146 LEU A C   1 
ATOM   1136 O O   . LEU A 1 146 ? -1.080  -12.283 -12.582 1.00 32.62 ? 146 LEU A O   1 
ATOM   1137 C CB  . LEU A 1 146 ? 1.463   -13.902 -11.536 1.00 30.93 ? 146 LEU A CB  1 
ATOM   1138 C CG  . LEU A 1 146 ? 2.305   -14.745 -10.568 1.00 30.50 ? 146 LEU A CG  1 
ATOM   1139 C CD1 . LEU A 1 146 ? 2.700   -15.955 -11.309 1.00 28.59 ? 146 LEU A CD1 1 
ATOM   1140 C CD2 . LEU A 1 146 ? 3.541   -13.973 -10.056 1.00 32.62 ? 146 LEU A CD2 1 
ATOM   1141 N N   . VAL A 1 147 ? 0.863   -11.180 -13.085 1.00 30.67 ? 147 VAL A N   1 
ATOM   1142 C CA  . VAL A 1 147 ? 0.379   -10.687 -14.375 1.00 28.85 ? 147 VAL A CA  1 
ATOM   1143 C C   . VAL A 1 147 ? 1.418   -11.042 -15.436 1.00 30.84 ? 147 VAL A C   1 
ATOM   1144 O O   . VAL A 1 147 ? 2.641   -10.762 -15.262 1.00 27.51 ? 147 VAL A O   1 
ATOM   1145 C CB  . VAL A 1 147 ? 0.009   -9.157  -14.418 1.00 29.34 ? 147 VAL A CB  1 
ATOM   1146 C CG1 . VAL A 1 147 ? -1.138  -8.801  -13.447 1.00 29.74 ? 147 VAL A CG1 1 
ATOM   1147 C CG2 . VAL A 1 147 ? 1.151   -8.239  -14.173 1.00 28.27 ? 147 VAL A CG2 1 
ATOM   1148 N N   . ASP A 1 148 ? 0.950   -11.684 -16.511 1.00 30.33 ? 148 ASP A N   1 
ATOM   1149 C CA  . ASP A 1 148 ? 1.782   -11.844 -17.683 1.00 30.70 ? 148 ASP A CA  1 
ATOM   1150 C C   . ASP A 1 148 ? 1.916   -10.525 -18.494 1.00 30.86 ? 148 ASP A C   1 
ATOM   1151 O O   . ASP A 1 148 ? 1.293   -9.480  -18.190 1.00 28.96 ? 148 ASP A O   1 
ATOM   1152 C CB  . ASP A 1 148 ? 1.325   -13.063 -18.536 1.00 31.53 ? 148 ASP A CB  1 
ATOM   1153 C CG  . ASP A 1 148 ? -0.003  -12.838 -19.312 1.00 31.88 ? 148 ASP A CG  1 
ATOM   1154 O OD1 . ASP A 1 148 ? -0.589  -13.824 -19.809 1.00 35.51 ? 148 ASP A OD1 1 
ATOM   1155 O OD2 . ASP A 1 148 ? -0.466  -11.709 -19.485 1.00 32.28 ? 148 ASP A OD2 1 
ATOM   1156 N N   . GLU A 1 149 ? 2.757   -10.572 -19.518 1.00 31.51 ? 149 GLU A N   1 
ATOM   1157 C CA  . GLU A 1 149 ? 3.033   -9.401  -20.337 1.00 33.58 ? 149 GLU A CA  1 
ATOM   1158 C C   . GLU A 1 149 ? 1.744   -8.779  -20.848 1.00 33.09 ? 149 GLU A C   1 
ATOM   1159 O O   . GLU A 1 149 ? 1.595   -7.583  -20.738 1.00 33.05 ? 149 GLU A O   1 
ATOM   1160 C CB  . GLU A 1 149 ? 3.906   -9.814  -21.519 1.00 35.25 ? 149 GLU A CB  1 
ATOM   1161 C CG  . GLU A 1 149 ? 4.872   -8.752  -21.986 1.00 40.26 ? 149 GLU A CG  1 
ATOM   1162 C CD  . GLU A 1 149 ? 5.568   -9.162  -23.282 1.00 45.90 ? 149 GLU A CD  1 
ATOM   1163 O OE1 . GLU A 1 149 ? 5.081   -10.119 -23.982 1.00 47.41 ? 149 GLU A OE1 1 
ATOM   1164 O OE2 . GLU A 1 149 ? 6.586   -8.499  -23.587 1.00 46.96 ? 149 GLU A OE2 1 
ATOM   1165 N N   . GLU A 1 150 ? 0.833   -9.600  -21.398 1.00 31.94 ? 150 GLU A N   1 
ATOM   1166 C CA  . GLU A 1 150 ? -0.398  -9.125  -22.012 1.00 33.85 ? 150 GLU A CA  1 
ATOM   1167 C C   . GLU A 1 150 ? -1.269  -8.447  -20.971 1.00 31.46 ? 150 GLU A C   1 
ATOM   1168 O O   . GLU A 1 150 ? -1.750  -7.346  -21.187 1.00 29.57 ? 150 GLU A O   1 
ATOM   1169 C CB  . GLU A 1 150 ? -1.192  -10.269 -22.674 1.00 33.90 ? 150 GLU A CB  1 
ATOM   1170 C CG  . GLU A 1 150 ? -0.861  -10.614 -24.116 1.00 38.78 ? 150 GLU A CG  1 
ATOM   1171 C CD  . GLU A 1 150 ? -1.910  -11.623 -24.714 1.00 40.92 ? 150 GLU A CD  1 
ATOM   1172 O OE1 . GLU A 1 150 ? -1.914  -12.819 -24.278 1.00 48.93 ? 150 GLU A OE1 1 
ATOM   1173 O OE2 . GLU A 1 150 ? -2.724  -11.239 -25.618 1.00 48.84 ? 150 GLU A OE2 1 
ATOM   1174 N N   . GLU A 1 151 ? -1.450  -9.111  -19.824 1.00 30.81 ? 151 GLU A N   1 
ATOM   1175 C CA  . GLU A 1 151 ? -2.259  -8.550  -18.733 1.00 30.52 ? 151 GLU A CA  1 
ATOM   1176 C C   . GLU A 1 151 ? -1.585  -7.287  -18.161 1.00 30.29 ? 151 GLU A C   1 
ATOM   1177 O O   . GLU A 1 151 ? -2.240  -6.307  -17.913 1.00 29.55 ? 151 GLU A O   1 
ATOM   1178 C CB  . GLU A 1 151 ? -2.459  -9.577  -17.624 1.00 30.99 ? 151 GLU A CB  1 
ATOM   1179 C CG  . GLU A 1 151 ? -3.208  -10.865 -18.014 1.00 28.94 ? 151 GLU A CG  1 
ATOM   1180 C CD  . GLU A 1 151 ? -2.872  -12.045 -17.082 1.00 30.38 ? 151 GLU A CD  1 
ATOM   1181 O OE1 . GLU A 1 151 ? -3.620  -13.002 -17.057 1.00 33.57 ? 151 GLU A OE1 1 
ATOM   1182 O OE2 . GLU A 1 151 ? -1.872  -12.018 -16.355 1.00 31.41 ? 151 GLU A OE2 1 
ATOM   1183 N N   . PHE A 1 152 ? -0.275  -7.333  -17.916 1.00 29.71 ? 152 PHE A N   1 
ATOM   1184 C CA  . PHE A 1 152 ? 0.468   -6.116  -17.602 1.00 28.66 ? 152 PHE A CA  1 
ATOM   1185 C C   . PHE A 1 152 ? 0.077   -4.936  -18.474 1.00 27.36 ? 152 PHE A C   1 
ATOM   1186 O O   . PHE A 1 152 ? -0.190  -3.879  -17.935 1.00 28.09 ? 152 PHE A O   1 
ATOM   1187 C CB  . PHE A 1 152 ? 1.982   -6.367  -17.704 1.00 29.23 ? 152 PHE A CB  1 
ATOM   1188 C CG  . PHE A 1 152 ? 2.854   -5.252  -17.103 1.00 30.60 ? 152 PHE A CG  1 
ATOM   1189 C CD1 . PHE A 1 152 ? 3.219   -5.284  -15.748 1.00 31.24 ? 152 PHE A CD1 1 
ATOM   1190 C CD2 . PHE A 1 152 ? 3.375   -4.241  -17.910 1.00 27.86 ? 152 PHE A CD2 1 
ATOM   1191 C CE1 . PHE A 1 152 ? 4.027   -4.283  -15.226 1.00 33.49 ? 152 PHE A CE1 1 
ATOM   1192 C CE2 . PHE A 1 152 ? 4.152   -3.242  -17.406 1.00 27.77 ? 152 PHE A CE2 1 
ATOM   1193 C CZ  . PHE A 1 152 ? 4.501   -3.243  -16.065 1.00 29.75 ? 152 PHE A CZ  1 
ATOM   1194 N N   . LYS A 1 153 ? 0.103   -5.089  -19.793 1.00 25.75 ? 153 LYS A N   1 
ATOM   1195 C CA  . LYS A 1 153 ? -0.150  -3.985  -20.736 1.00 25.94 ? 153 LYS A CA  1 
ATOM   1196 C C   . LYS A 1 153 ? -1.590  -3.465  -20.668 1.00 25.38 ? 153 LYS A C   1 
ATOM   1197 O O   . LYS A 1 153 ? -1.806  -2.325  -20.921 1.00 22.14 ? 153 LYS A O   1 
ATOM   1198 C CB  . LYS A 1 153 ? 0.113   -4.390  -22.192 1.00 27.41 ? 153 LYS A CB  1 
ATOM   1199 C CG  . LYS A 1 153 ? 1.565   -4.830  -22.514 1.00 30.53 ? 153 LYS A CG  1 
ATOM   1200 C CD  . LYS A 1 153 ? 2.640   -3.890  -22.007 1.00 36.98 ? 153 LYS A CD  1 
ATOM   1201 C CE  . LYS A 1 153 ? 4.078   -4.565  -22.065 1.00 33.46 ? 153 LYS A CE  1 
ATOM   1202 N NZ  . LYS A 1 153 ? 4.558   -4.942  -23.456 1.00 38.26 ? 153 LYS A NZ  1 
ATOM   1203 N N   . ARG A 1 154 ? -2.545  -4.303  -20.260 1.00 25.02 ? 154 ARG A N   1 
ATOM   1204 C CA  . ARG A 1 154 ? -3.940  -3.897  -20.158 1.00 26.09 ? 154 ARG A CA  1 
ATOM   1205 C C   . ARG A 1 154 ? -4.082  -3.103  -18.876 1.00 25.98 ? 154 ARG A C   1 
ATOM   1206 O O   . ARG A 1 154 ? -4.961  -2.278  -18.751 1.00 24.30 ? 154 ARG A O   1 
ATOM   1207 C CB  . ARG A 1 154 ? -4.855  -5.135  -20.124 1.00 26.41 ? 154 ARG A CB  1 
ATOM   1208 C CG  . ARG A 1 154 ? -5.036  -5.814  -21.488 1.00 26.84 ? 154 ARG A CG  1 
ATOM   1209 C CD  . ARG A 1 154 ? -6.198  -6.818  -21.500 1.00 26.97 ? 154 ARG A CD  1 
ATOM   1210 N NE  . ARG A 1 154 ? -5.817  -8.102  -20.920 1.00 32.27 ? 154 ARG A NE  1 
ATOM   1211 C CZ  . ARG A 1 154 ? -6.429  -8.724  -19.893 1.00 38.11 ? 154 ARG A CZ  1 
ATOM   1212 N NH1 . ARG A 1 154 ? -7.529  -8.239  -19.309 1.00 35.35 ? 154 ARG A NH1 1 
ATOM   1213 N NH2 . ARG A 1 154 ? -5.928  -9.874  -19.436 1.00 38.97 ? 154 ARG A NH2 1 
ATOM   1214 N N   . ALA A 1 155 ? -3.167  -3.319  -17.925 1.00 24.82 ? 155 ALA A N   1 
ATOM   1215 C CA  . ALA A 1 155 ? -3.261  -2.541  -16.676 1.00 24.91 ? 155 ALA A CA  1 
ATOM   1216 C C   . ALA A 1 155 ? -2.744  -1.120  -16.851 1.00 24.81 ? 155 ALA A C   1 
ATOM   1217 O O   . ALA A 1 155 ? -3.152  -0.161  -16.126 1.00 24.08 ? 155 ALA A O   1 
ATOM   1218 C CB  . ALA A 1 155 ? -2.510  -3.223  -15.586 1.00 25.99 ? 155 ALA A CB  1 
ATOM   1219 N N   . VAL A 1 156 ? -1.845  -0.990  -17.825 1.00 24.56 ? 156 VAL A N   1 
ATOM   1220 C CA  . VAL A 1 156 ? -1.098  0.237   -18.019 1.00 23.60 ? 156 VAL A CA  1 
ATOM   1221 C C   . VAL A 1 156 ? -1.954  1.514   -18.160 1.00 23.52 ? 156 VAL A C   1 
ATOM   1222 O O   . VAL A 1 156 ? -1.715  2.441   -17.438 1.00 24.58 ? 156 VAL A O   1 
ATOM   1223 C CB  . VAL A 1 156 ? 0.040   0.015   -19.047 1.00 24.42 ? 156 VAL A CB  1 
ATOM   1224 C CG1 . VAL A 1 156 ? 0.516   1.363   -19.691 1.00 24.67 ? 156 VAL A CG1 1 
ATOM   1225 C CG2 . VAL A 1 156 ? 1.236   -0.790  -18.298 1.00 23.03 ? 156 VAL A CG2 1 
ATOM   1226 N N   . PRO A 1 157 ? -2.960  1.577   -19.071 1.00 22.97 ? 157 PRO A N   1 
ATOM   1227 C CA  . PRO A 1 157 ? -3.796  2.812   -19.067 1.00 22.88 ? 157 PRO A CA  1 
ATOM   1228 C C   . PRO A 1 157 ? -4.584  3.099   -17.791 1.00 23.46 ? 157 PRO A C   1 
ATOM   1229 O O   . PRO A 1 157 ? -4.866  4.266   -17.509 1.00 22.31 ? 157 PRO A O   1 
ATOM   1230 C CB  . PRO A 1 157 ? -4.756  2.611   -20.249 1.00 22.64 ? 157 PRO A CB  1 
ATOM   1231 C CG  . PRO A 1 157 ? -4.710  1.111   -20.514 1.00 22.97 ? 157 PRO A CG  1 
ATOM   1232 C CD  . PRO A 1 157 ? -3.311  0.691   -20.188 1.00 23.90 ? 157 PRO A CD  1 
ATOM   1233 N N   . LYS A 1 158 ? -4.964  2.050   -17.036 1.00 23.39 ? 158 LYS A N   1 
ATOM   1234 C CA  . LYS A 1 158 ? -5.724  2.250   -15.806 1.00 24.51 ? 158 LYS A CA  1 
ATOM   1235 C C   . LYS A 1 158 ? -4.783  2.869   -14.756 1.00 25.12 ? 158 LYS A C   1 
ATOM   1236 O O   . LYS A 1 158 ? -5.203  3.665   -13.918 1.00 26.51 ? 158 LYS A O   1 
ATOM   1237 C CB  . LYS A 1 158 ? -6.283  0.933   -15.245 1.00 24.64 ? 158 LYS A CB  1 
ATOM   1238 C CG  . LYS A 1 158 ? -7.293  0.185   -16.089 1.00 25.56 ? 158 LYS A CG  1 
ATOM   1239 C CD  . LYS A 1 158 ? -7.486  -1.248  -15.524 1.00 26.22 ? 158 LYS A CD  1 
ATOM   1240 C CE  . LYS A 1 158 ? -8.058  -2.231  -16.572 1.00 31.65 ? 158 LYS A CE  1 
ATOM   1241 N NZ  . LYS A 1 158 ? -9.208  -1.603  -17.353 1.00 31.39 ? 158 LYS A NZ  1 
ATOM   1242 N N   . LEU A 1 159 ? -3.516  2.523   -14.821 1.00 23.47 ? 159 LEU A N   1 
ATOM   1243 C CA  . LEU A 1 159 ? -2.532  3.071   -13.875 1.00 25.14 ? 159 LEU A CA  1 
ATOM   1244 C C   . LEU A 1 159 ? -2.244  4.532   -14.167 1.00 26.10 ? 159 LEU A C   1 
ATOM   1245 O O   . LEU A 1 159 ? -2.021  5.314   -13.221 1.00 26.35 ? 159 LEU A O   1 
ATOM   1246 C CB  . LEU A 1 159 ? -1.221  2.305   -13.982 1.00 23.97 ? 159 LEU A CB  1 
ATOM   1247 C CG  . LEU A 1 159 ? -0.618  1.394   -12.917 1.00 28.70 ? 159 LEU A CG  1 
ATOM   1248 C CD1 . LEU A 1 159 ? -1.511  1.223   -11.766 1.00 28.76 ? 159 LEU A CD1 1 
ATOM   1249 C CD2 . LEU A 1 159 ? -0.159  0.098   -13.487 1.00 27.01 ? 159 LEU A CD2 1 
ATOM   1250 N N   . GLU A 1 160 ? -2.234  4.898   -15.457 1.00 26.04 ? 160 GLU A N   1 
ATOM   1251 C CA  A GLU A 1 160 ? -1.960  6.265   -15.874 0.50 26.46 ? 160 GLU A CA  1 
ATOM   1252 C CA  B GLU A 1 160 ? -1.947  6.288   -15.818 0.50 26.34 ? 160 GLU A CA  1 
ATOM   1253 C C   . GLU A 1 160 ? -3.055  7.158   -15.318 1.00 26.23 ? 160 GLU A C   1 
ATOM   1254 O O   . GLU A 1 160 ? -2.798  8.243   -14.832 1.00 27.27 ? 160 GLU A O   1 
ATOM   1255 C CB  A GLU A 1 160 ? -1.846  6.345   -17.407 0.50 26.21 ? 160 GLU A CB  1 
ATOM   1256 C CB  B GLU A 1 160 ? -1.723  6.533   -17.313 0.50 26.09 ? 160 GLU A CB  1 
ATOM   1257 C CG  A GLU A 1 160 ? -0.587  5.645   -17.977 0.50 27.39 ? 160 GLU A CG  1 
ATOM   1258 C CG  B GLU A 1 160 ? -1.360  8.026   -17.575 0.50 26.83 ? 160 GLU A CG  1 
ATOM   1259 C CD  A GLU A 1 160 ? -0.586  5.424   -19.519 0.50 26.20 ? 160 GLU A CD  1 
ATOM   1260 C CD  B GLU A 1 160 ? -1.241  8.435   -19.030 0.50 25.77 ? 160 GLU A CD  1 
ATOM   1261 O OE1 A GLU A 1 160 ? -1.539  4.844   -20.074 0.50 29.24 ? 160 GLU A OE1 1 
ATOM   1262 O OE1 B GLU A 1 160 ? -1.333  7.592   -19.939 0.50 26.23 ? 160 GLU A OE1 1 
ATOM   1263 O OE2 A GLU A 1 160 ? 0.402   5.769   -20.175 0.50 22.43 ? 160 GLU A OE2 1 
ATOM   1264 O OE2 B GLU A 1 160 ? -1.055  9.640   -19.262 0.50 25.58 ? 160 GLU A OE2 1 
ATOM   1265 N N   . ALA A 1 161 ? -4.276  6.653   -15.400 1.00 26.72 ? 161 ALA A N   1 
ATOM   1266 C CA  . ALA A 1 161 ? -5.463  7.352   -14.949 1.00 26.94 ? 161 ALA A CA  1 
ATOM   1267 C C   . ALA A 1 161 ? -5.494  7.445   -13.405 1.00 27.61 ? 161 ALA A C   1 
ATOM   1268 O O   . ALA A 1 161 ? -5.903  8.441   -12.837 1.00 26.99 ? 161 ALA A O   1 
ATOM   1269 C CB  . ALA A 1 161 ? -6.671  6.622   -15.476 1.00 27.70 ? 161 ALA A CB  1 
ATOM   1270 N N   . TRP A 1 162 ? -5.041  6.386   -12.741 1.00 27.55 ? 162 TRP A N   1 
ATOM   1271 C CA  . TRP A 1 162 ? -5.085  6.271   -11.287 1.00 29.08 ? 162 TRP A CA  1 
ATOM   1272 C C   . TRP A 1 162 ? -3.992  7.143   -10.660 1.00 30.78 ? 162 TRP A C   1 
ATOM   1273 O O   . TRP A 1 162 ? -4.024  7.438   -9.463  1.00 30.17 ? 162 TRP A O   1 
ATOM   1274 C CB  . TRP A 1 162 ? -4.765  4.820   -10.928 1.00 27.41 ? 162 TRP A CB  1 
ATOM   1275 C CG  . TRP A 1 162 ? -4.617  4.528   -9.515  1.00 28.20 ? 162 TRP A CG  1 
ATOM   1276 C CD1 . TRP A 1 162 ? -5.621  4.174   -8.627  1.00 27.36 ? 162 TRP A CD1 1 
ATOM   1277 C CD2 . TRP A 1 162 ? -3.387  4.440   -8.783  1.00 26.35 ? 162 TRP A CD2 1 
ATOM   1278 N NE1 . TRP A 1 162 ? -5.074  3.896   -7.392  1.00 28.11 ? 162 TRP A NE1 1 
ATOM   1279 C CE2 . TRP A 1 162 ? -3.714  4.035   -7.457  1.00 27.30 ? 162 TRP A CE2 1 
ATOM   1280 C CE3 . TRP A 1 162 ? -2.038  4.627   -9.125  1.00 28.24 ? 162 TRP A CE3 1 
ATOM   1281 C CZ2 . TRP A 1 162 ? -2.739  3.860   -6.447  1.00 25.86 ? 162 TRP A CZ2 1 
ATOM   1282 C CZ3 . TRP A 1 162 ? -1.063  4.451   -8.117  1.00 27.17 ? 162 TRP A CZ3 1 
ATOM   1283 C CH2 . TRP A 1 162 ? -1.433  4.041   -6.799  1.00 27.39 ? 162 TRP A CH2 1 
ATOM   1284 N N   . GLY A 1 163 ? -3.019  7.527   -11.486 1.00 32.85 ? 163 GLY A N   1 
ATOM   1285 C CA  . GLY A 1 163 ? -1.929  8.406   -11.047 1.00 35.33 ? 163 GLY A CA  1 
ATOM   1286 C C   . GLY A 1 163 ? -0.504  7.844   -11.013 1.00 35.58 ? 163 GLY A C   1 
ATOM   1287 O O   . GLY A 1 163 ? 0.324   8.327   -10.250 1.00 36.13 ? 163 GLY A O   1 
ATOM   1288 N N   . ALA A 1 164 ? -0.224  6.817   -11.808 1.00 35.19 ? 164 ALA A N   1 
ATOM   1289 C CA  . ALA A 1 164 ? 1.135   6.294   -11.948 1.00 34.90 ? 164 ALA A CA  1 
ATOM   1290 C C   . ALA A 1 164 ? 1.419   5.952   -13.404 1.00 34.87 ? 164 ALA A C   1 
ATOM   1291 O O   . ALA A 1 164 ? 1.250   4.800   -13.829 1.00 35.78 ? 164 ALA A O   1 
ATOM   1292 C CB  . ALA A 1 164 ? 1.349   5.041   -11.060 1.00 33.94 ? 164 ALA A CB  1 
ATOM   1293 N N   . LYS A 1 165 ? 1.861   6.942   -14.173 1.00 34.84 ? 165 LYS A N   1 
ATOM   1294 C CA  . LYS A 1 165 ? 2.238   6.689   -15.564 1.00 33.96 ? 165 LYS A CA  1 
ATOM   1295 C C   . LYS A 1 165 ? 3.383   5.701   -15.741 1.00 33.45 ? 165 LYS A C   1 
ATOM   1296 O O   . LYS A 1 165 ? 4.425   5.753   -15.061 1.00 32.15 ? 165 LYS A O   1 
ATOM   1297 C CB  . LYS A 1 165 ? 2.583   7.978   -16.278 1.00 35.49 ? 165 LYS A CB  1 
ATOM   1298 C CG  . LYS A 1 165 ? 2.424   7.861   -17.773 1.00 35.13 ? 165 LYS A CG  1 
ATOM   1299 C CD  . LYS A 1 165 ? 2.675   9.182   -18.423 1.00 33.81 ? 165 LYS A CD  1 
ATOM   1300 C CE  . LYS A 1 165 ? 2.189   9.125   -19.859 1.00 32.63 ? 165 LYS A CE  1 
ATOM   1301 N NZ  . LYS A 1 165 ? 2.530   7.820   -20.444 1.00 31.26 ? 165 LYS A NZ  1 
ATOM   1302 N N   . VAL A 1 166 ? 3.158   4.759   -16.648 1.00 32.76 ? 166 VAL A N   1 
ATOM   1303 C CA  . VAL A 1 166 ? 4.208   3.896   -17.121 1.00 31.59 ? 166 VAL A CA  1 
ATOM   1304 C C   . VAL A 1 166 ? 4.611   4.478   -18.453 1.00 30.88 ? 166 VAL A C   1 
ATOM   1305 O O   . VAL A 1 166 ? 3.889   4.291   -19.430 1.00 31.25 ? 166 VAL A O   1 
ATOM   1306 C CB  . VAL A 1 166 ? 3.749   2.414   -17.303 1.00 32.02 ? 166 VAL A CB  1 
ATOM   1307 C CG1 . VAL A 1 166 ? 4.953   1.552   -17.609 1.00 31.34 ? 166 VAL A CG1 1 
ATOM   1308 C CG2 . VAL A 1 166 ? 2.975   1.871   -16.050 1.00 29.49 ? 166 VAL A CG2 1 
ATOM   1309 N N   . GLU A 1 167 ? 5.754   5.179   -18.502 1.00 29.01 ? 167 GLU A N   1 
ATOM   1310 C CA  . GLU A 1 167 ? 6.238   5.736   -19.742 1.00 27.68 ? 167 GLU A CA  1 
ATOM   1311 C C   . GLU A 1 167 ? 6.758   4.672   -20.722 1.00 26.71 ? 167 GLU A C   1 
ATOM   1312 O O   . GLU A 1 167 ? 6.620   4.808   -21.959 1.00 25.21 ? 167 GLU A O   1 
ATOM   1313 C CB  . GLU A 1 167 ? 7.251   6.858   -19.437 1.00 29.57 ? 167 GLU A CB  1 
ATOM   1314 C CG  . GLU A 1 167 ? 8.271   7.189   -20.518 1.00 34.54 ? 167 GLU A CG  1 
ATOM   1315 C CD  . GLU A 1 167 ? 7.668   7.765   -21.794 1.00 39.96 ? 167 GLU A CD  1 
ATOM   1316 O OE1 . GLU A 1 167 ? 6.519   8.293   -21.766 1.00 42.43 ? 167 GLU A OE1 1 
ATOM   1317 O OE2 . GLU A 1 167 ? 8.375   7.699   -22.828 1.00 43.10 ? 167 GLU A OE2 1 
ATOM   1318 N N   . ASP A 1 168 ? 7.330   3.584   -20.181 1.00 25.77 ? 168 ASP A N   1 
ATOM   1319 C CA  . ASP A 1 168 ? 7.873   2.497   -21.022 1.00 24.95 ? 168 ASP A CA  1 
ATOM   1320 C C   . ASP A 1 168 ? 7.394   1.151   -20.508 1.00 24.50 ? 168 ASP A C   1 
ATOM   1321 O O   . ASP A 1 168 ? 8.073   0.543   -19.723 1.00 24.33 ? 168 ASP A O   1 
ATOM   1322 C CB  . ASP A 1 168 ? 9.416   2.538   -21.101 1.00 25.00 ? 168 ASP A CB  1 
ATOM   1323 C CG  . ASP A 1 168 ? 10.002  1.593   -22.190 1.00 25.88 ? 168 ASP A CG  1 
ATOM   1324 O OD1 . ASP A 1 168 ? 9.394   0.553   -22.543 1.00 30.38 ? 168 ASP A OD1 1 
ATOM   1325 O OD2 . ASP A 1 168 ? 11.101  1.870   -22.710 1.00 25.37 ? 168 ASP A OD2 1 
ATOM   1326 N N   . PRO A 1 169 ? 6.184   0.716   -20.899 1.00 24.86 ? 169 PRO A N   1 
ATOM   1327 C CA  . PRO A 1 169 ? 5.631   -0.542  -20.348 1.00 25.70 ? 169 PRO A CA  1 
ATOM   1328 C C   . PRO A 1 169 ? 6.511   -1.791  -20.505 1.00 26.74 ? 169 PRO A C   1 
ATOM   1329 O O   . PRO A 1 169 ? 6.627   -2.610  -19.578 1.00 26.51 ? 169 PRO A O   1 
ATOM   1330 C CB  . PRO A 1 169 ? 4.318   -0.713  -21.128 1.00 26.41 ? 169 PRO A CB  1 
ATOM   1331 C CG  . PRO A 1 169 ? 3.913   0.666   -21.537 1.00 24.63 ? 169 PRO A CG  1 
ATOM   1332 C CD  . PRO A 1 169 ? 5.221   1.405   -21.790 1.00 24.95 ? 169 PRO A CD  1 
ATOM   1333 N N   . ALA A 1 170 ? 7.075   -1.987  -21.689 1.00 26.80 ? 170 ALA A N   1 
ATOM   1334 C CA  . ALA A 1 170 ? 7.929   -3.146  -21.890 1.00 27.39 ? 170 ALA A CA  1 
ATOM   1335 C C   . ALA A 1 170 ? 9.156   -3.145  -20.965 1.00 27.48 ? 170 ALA A C   1 
ATOM   1336 O O   . ALA A 1 170 ? 9.486   -4.175  -20.382 1.00 29.40 ? 170 ALA A O   1 
ATOM   1337 C CB  . ALA A 1 170 ? 8.344   -3.266  -23.366 1.00 27.04 ? 170 ALA A CB  1 
ATOM   1338 N N   . ALA A 1 171 ? 9.812   -1.997  -20.818 1.00 26.22 ? 171 ALA A N   1 
ATOM   1339 C CA  . ALA A 1 171 ? 10.919  -1.849  -19.892 1.00 25.81 ? 171 ALA A CA  1 
ATOM   1340 C C   . ALA A 1 171 ? 10.518  -2.091  -18.426 1.00 25.57 ? 171 ALA A C   1 
ATOM   1341 O O   . ALA A 1 171 ? 11.221  -2.760  -17.709 1.00 25.46 ? 171 ALA A O   1 
ATOM   1342 C CB  . ALA A 1 171 ? 11.636  -0.436  -20.074 1.00 24.58 ? 171 ALA A CB  1 
ATOM   1343 N N   . LEU A 1 172 ? 9.425   -1.506  -17.960 1.00 24.87 ? 172 LEU A N   1 
ATOM   1344 C CA  . LEU A 1 172 ? 8.968   -1.751  -16.591 1.00 25.67 ? 172 LEU A CA  1 
ATOM   1345 C C   . LEU A 1 172 ? 8.656   -3.239  -16.329 1.00 26.45 ? 172 LEU A C   1 
ATOM   1346 O O   . LEU A 1 172 ? 8.960   -3.774  -15.242 1.00 28.27 ? 172 LEU A O   1 
ATOM   1347 C CB  . LEU A 1 172 ? 7.697   -0.944  -16.291 1.00 24.23 ? 172 LEU A CB  1 
ATOM   1348 C CG  . LEU A 1 172 ? 7.333   -0.998  -14.796 1.00 26.34 ? 172 LEU A CG  1 
ATOM   1349 C CD1 . LEU A 1 172 ? 8.532   -0.539  -13.913 1.00 24.79 ? 172 LEU A CD1 1 
ATOM   1350 C CD2 . LEU A 1 172 ? 6.079   -0.215  -14.451 1.00 24.93 ? 172 LEU A CD2 1 
ATOM   1351 N N   . PHE A 1 173 ? 8.049   -3.883  -17.316 1.00 25.81 ? 173 PHE A N   1 
ATOM   1352 C CA  . PHE A 1 173 ? 7.692   -5.293  -17.208 1.00 26.29 ? 173 PHE A CA  1 
ATOM   1353 C C   . PHE A 1 173 ? 8.924   -6.104  -17.021 1.00 25.65 ? 173 PHE A C   1 
ATOM   1354 O O   . PHE A 1 173 ? 8.949   -7.017  -16.207 1.00 27.61 ? 173 PHE A O   1 
ATOM   1355 C CB  . PHE A 1 173 ? 6.898   -5.802  -18.422 1.00 25.87 ? 173 PHE A CB  1 
ATOM   1356 C CG  . PHE A 1 173 ? 6.514   -7.270  -18.313 1.00 27.62 ? 173 PHE A CG  1 
ATOM   1357 C CD1 . PHE A 1 173 ? 5.346   -7.666  -17.631 1.00 26.21 ? 173 PHE A CD1 1 
ATOM   1358 C CD2 . PHE A 1 173 ? 7.358   -8.265  -18.826 1.00 29.26 ? 173 PHE A CD2 1 
ATOM   1359 C CE1 . PHE A 1 173 ? 5.027   -9.063  -17.468 1.00 27.25 ? 173 PHE A CE1 1 
ATOM   1360 C CE2 . PHE A 1 173 ? 7.028   -9.644  -18.713 1.00 31.02 ? 173 PHE A CE2 1 
ATOM   1361 C CZ  . PHE A 1 173 ? 5.850   -10.039 -18.037 1.00 25.69 ? 173 PHE A CZ  1 
ATOM   1362 N N   . LYS A 1 174 ? 9.967   -5.781  -17.775 1.00 26.51 ? 174 LYS A N   1 
ATOM   1363 C CA  A LYS A 1 174 ? 11.234  -6.508  -17.674 0.50 25.31 ? 174 LYS A CA  1 
ATOM   1364 C CA  B LYS A 1 174 ? 11.229  -6.524  -17.666 0.50 25.88 ? 174 LYS A CA  1 
ATOM   1365 C C   . LYS A 1 174 ? 11.915  -6.246  -16.347 1.00 26.57 ? 174 LYS A C   1 
ATOM   1366 O O   . LYS A 1 174 ? 12.454  -7.157  -15.721 1.00 27.62 ? 174 LYS A O   1 
ATOM   1367 C CB  A LYS A 1 174 ? 12.139  -6.117  -18.835 0.50 24.48 ? 174 LYS A CB  1 
ATOM   1368 C CB  B LYS A 1 174 ? 12.160  -6.229  -18.847 0.50 25.41 ? 174 LYS A CB  1 
ATOM   1369 C CG  A LYS A 1 174 ? 13.476  -6.801  -18.865 0.50 22.52 ? 174 LYS A CG  1 
ATOM   1370 C CG  B LYS A 1 174 ? 11.604  -6.645  -20.214 0.50 26.17 ? 174 LYS A CG  1 
ATOM   1371 C CD  A LYS A 1 174 ? 14.158  -6.519  -20.161 0.50 18.36 ? 174 LYS A CD  1 
ATOM   1372 C CD  B LYS A 1 174 ? 12.682  -6.662  -21.270 0.50 25.56 ? 174 LYS A CD  1 
ATOM   1373 C CE  A LYS A 1 174 ? 15.639  -6.781  -20.006 0.50 13.67 ? 174 LYS A CE  1 
ATOM   1374 C CE  B LYS A 1 174 ? 12.079  -6.697  -22.678 0.50 25.60 ? 174 LYS A CE  1 
ATOM   1375 N NZ  A LYS A 1 174 ? 16.394  -6.061  -21.020 0.50 14.48 ? 174 LYS A NZ  1 
ATOM   1376 N NZ  B LYS A 1 174 ? 11.688  -5.367  -23.182 0.50 25.79 ? 174 LYS A NZ  1 
ATOM   1377 N N   . GLU A 1 175 ? 11.911  -4.992  -15.911 1.00 25.73 ? 175 GLU A N   1 
ATOM   1378 C CA  . GLU A 1 175 ? 12.586  -4.655  -14.711 1.00 26.37 ? 175 GLU A CA  1 
ATOM   1379 C C   . GLU A 1 175 ? 11.924  -5.317  -13.493 1.00 25.09 ? 175 GLU A C   1 
ATOM   1380 O O   . GLU A 1 175 ? 12.587  -5.781  -12.557 1.00 24.58 ? 175 GLU A O   1 
ATOM   1381 C CB  . GLU A 1 175 ? 12.612  -3.121  -14.619 1.00 27.08 ? 175 GLU A CB  1 
ATOM   1382 C CG  . GLU A 1 175 ? 13.264  -2.545  -13.462 1.00 26.47 ? 175 GLU A CG  1 
ATOM   1383 C CD  . GLU A 1 175 ? 13.712  -1.089  -13.730 1.00 27.69 ? 175 GLU A CD  1 
ATOM   1384 O OE1 . GLU A 1 175 ? 14.117  -0.438  -12.769 1.00 25.72 ? 175 GLU A OE1 1 
ATOM   1385 O OE2 . GLU A 1 175 ? 13.723  -0.621  -14.903 1.00 29.95 ? 175 GLU A OE2 1 
ATOM   1386 N N   . LEU A 1 176 ? 10.612  -5.381  -13.507 1.00 25.14 ? 176 LEU A N   1 
ATOM   1387 C CA  . LEU A 1 176 ? 9.918   -5.875  -12.305 1.00 25.36 ? 176 LEU A CA  1 
ATOM   1388 C C   . LEU A 1 176 ? 9.818   -7.405  -12.274 1.00 25.52 ? 176 LEU A C   1 
ATOM   1389 O O   . LEU A 1 176 ? 9.494   -7.999  -11.244 1.00 24.29 ? 176 LEU A O   1 
ATOM   1390 C CB  . LEU A 1 176 ? 8.516   -5.289  -12.226 1.00 25.47 ? 176 LEU A CB  1 
ATOM   1391 C CG  . LEU A 1 176 ? 8.384   -3.779  -11.929 1.00 29.41 ? 176 LEU A CG  1 
ATOM   1392 C CD1 . LEU A 1 176 ? 6.911   -3.364  -11.822 1.00 20.90 ? 176 LEU A CD1 1 
ATOM   1393 C CD2 . LEU A 1 176 ? 9.109   -3.363  -10.684 1.00 26.93 ? 176 LEU A CD2 1 
ATOM   1394 N N   . ASP A 1 177 ? 10.062  -8.034  -13.419 1.00 25.56 ? 177 ASP A N   1 
ATOM   1395 C CA  . ASP A 1 177 ? 10.014  -9.489  -13.501 1.00 25.74 ? 177 ASP A CA  1 
ATOM   1396 C C   . ASP A 1 177 ? 11.366  -9.939  -13.058 1.00 26.11 ? 177 ASP A C   1 
ATOM   1397 O O   . ASP A 1 177 ? 12.165  -10.271 -13.898 1.00 25.66 ? 177 ASP A O   1 
ATOM   1398 C CB  . ASP A 1 177 ? 9.759   -9.901  -14.958 1.00 25.06 ? 177 ASP A CB  1 
ATOM   1399 C CG  . ASP A 1 177 ? 9.857   -11.423 -15.193 1.00 25.81 ? 177 ASP A CG  1 
ATOM   1400 O OD1 . ASP A 1 177 ? 10.168  -12.234 -14.271 1.00 29.56 ? 177 ASP A OD1 1 
ATOM   1401 O OD2 . ASP A 1 177 ? 9.735   -11.784 -16.358 1.00 23.26 ? 177 ASP A OD2 1 
ATOM   1402 N N   . LYS A 1 178 ? 11.606  -9.959  -11.746 1.00 26.51 ? 178 LYS A N   1 
ATOM   1403 C CA  . LYS A 1 178 ? 12.986  -10.015 -11.209 1.00 28.24 ? 178 LYS A CA  1 
ATOM   1404 C C   . LYS A 1 178 ? 13.781  -11.233 -11.608 1.00 28.45 ? 178 LYS A C   1 
ATOM   1405 O O   . LYS A 1 178 ? 15.020  -11.136 -11.799 1.00 28.71 ? 178 LYS A O   1 
ATOM   1406 C CB  . LYS A 1 178 ? 12.977  -9.899  -9.682  1.00 28.90 ? 178 LYS A CB  1 
ATOM   1407 C CG  . LYS A 1 178 ? 12.186  -8.646  -9.192  1.00 33.69 ? 178 LYS A CG  1 
ATOM   1408 C CD  . LYS A 1 178 ? 13.050  -7.372  -9.422  1.00 41.44 ? 178 LYS A CD  1 
ATOM   1409 C CE  . LYS A 1 178 ? 12.723  -6.228  -8.466  1.00 43.19 ? 178 LYS A CE  1 
ATOM   1410 N NZ  . LYS A 1 178 ? 13.346  -6.404  -7.102  1.00 45.90 ? 178 LYS A NZ  1 
ATOM   1411 N N   . ASN A 1 179 ? 13.111  -12.374 -11.733 1.00 26.85 ? 179 ASN A N   1 
ATOM   1412 C CA  . ASN A 1 179 ? 13.870  -13.601 -11.979 1.00 27.64 ? 179 ASN A CA  1 
ATOM   1413 C C   . ASN A 1 179 ? 13.627  -14.116 -13.377 1.00 27.53 ? 179 ASN A C   1 
ATOM   1414 O O   . ASN A 1 179 ? 14.017  -15.224 -13.687 1.00 28.44 ? 179 ASN A O   1 
ATOM   1415 C CB  . ASN A 1 179 ? 13.479  -14.688 -10.966 1.00 27.22 ? 179 ASN A CB  1 
ATOM   1416 C CG  . ASN A 1 179 ? 13.773  -14.305 -9.554  1.00 25.13 ? 179 ASN A CG  1 
ATOM   1417 O OD1 . ASN A 1 179 ? 14.942  -14.127 -9.149  1.00 27.32 ? 179 ASN A OD1 1 
ATOM   1418 N ND2 . ASN A 1 179 ? 12.731  -14.262 -8.754  1.00 21.75 ? 179 ASN A ND2 1 
ATOM   1419 N N   . GLY A 1 180 ? 12.938  -13.326 -14.200 1.00 27.26 ? 180 GLY A N   1 
ATOM   1420 C CA  . GLY A 1 180 ? 12.790  -13.628 -15.626 1.00 27.43 ? 180 GLY A CA  1 
ATOM   1421 C C   . GLY A 1 180 ? 11.894  -14.849 -15.858 1.00 27.91 ? 180 GLY A C   1 
ATOM   1422 O O   . GLY A 1 180 ? 12.248  -15.758 -16.614 1.00 27.65 ? 180 GLY A O   1 
ATOM   1423 N N   . THR A 1 181 ? 10.729  -14.836 -15.210 1.00 26.90 ? 181 THR A N   1 
ATOM   1424 C CA  . THR A 1 181 ? 9.754   -15.915 -15.342 1.00 25.87 ? 181 THR A CA  1 
ATOM   1425 C C   . THR A 1 181 ? 8.637   -15.535 -16.313 1.00 26.50 ? 181 THR A C   1 
ATOM   1426 O O   . THR A 1 181 ? 7.760   -16.346 -16.600 1.00 26.94 ? 181 THR A O   1 
ATOM   1427 C CB  . THR A 1 181 ? 9.050   -16.241 -13.992 1.00 25.35 ? 181 THR A CB  1 
ATOM   1428 O OG1 . THR A 1 181 ? 8.172   -15.168 -13.637 1.00 18.27 ? 181 THR A OG1 1 
ATOM   1429 C CG2 . THR A 1 181 ? 10.025  -16.495 -12.881 1.00 24.24 ? 181 THR A CG2 1 
ATOM   1430 N N   . GLY A 1 182 ? 8.631   -14.290 -16.783 1.00 26.32 ? 182 GLY A N   1 
ATOM   1431 C CA  . GLY A 1 182 ? 7.597   -13.850 -17.682 1.00 26.54 ? 182 GLY A CA  1 
ATOM   1432 C C   . GLY A 1 182 ? 6.278   -13.459 -17.025 1.00 27.21 ? 182 GLY A C   1 
ATOM   1433 O O   . GLY A 1 182 ? 5.277   -13.319 -17.699 1.00 27.65 ? 182 GLY A O   1 
ATOM   1434 N N   . SER A 1 183 ? 6.239   -13.318 -15.706 1.00 27.54 ? 183 SER A N   1 
ATOM   1435 C CA  . SER A 1 183 ? 5.092   -12.621 -15.061 1.00 26.41 ? 183 SER A CA  1 
ATOM   1436 C C   . SER A 1 183 ? 5.648   -11.629 -14.101 1.00 25.90 ? 183 SER A C   1 
ATOM   1437 O O   . SER A 1 183 ? 6.797   -11.757 -13.681 1.00 25.75 ? 183 SER A O   1 
ATOM   1438 C CB  . SER A 1 183 ? 4.203   -13.578 -14.259 1.00 27.38 ? 183 SER A CB  1 
ATOM   1439 O OG  . SER A 1 183 ? 3.736   -14.623 -15.091 1.00 31.25 ? 183 SER A OG  1 
ATOM   1440 N N   . VAL A 1 184 ? 4.843   -10.650 -13.714 1.00 24.84 ? 184 VAL A N   1 
ATOM   1441 C CA  . VAL A 1 184 ? 5.242   -9.748  -12.630 1.00 24.74 ? 184 VAL A CA  1 
ATOM   1442 C C   . VAL A 1 184 ? 4.341   -10.025 -11.459 1.00 24.46 ? 184 VAL A C   1 
ATOM   1443 O O   . VAL A 1 184 ? 3.153   -10.203 -11.664 1.00 22.67 ? 184 VAL A O   1 
ATOM   1444 C CB  . VAL A 1 184 ? 5.165   -8.259  -13.034 1.00 24.68 ? 184 VAL A CB  1 
ATOM   1445 C CG1 . VAL A 1 184 ? 5.461   -7.278  -11.801 1.00 22.95 ? 184 VAL A CG1 1 
ATOM   1446 C CG2 . VAL A 1 184 ? 6.079   -8.013  -14.179 1.00 22.97 ? 184 VAL A CG2 1 
ATOM   1447 N N   . THR A 1 185 ? 4.907   -10.117 -10.238 1.00 24.22 ? 185 THR A N   1 
ATOM   1448 C CA  . THR A 1 185 ? 4.046   -10.357 -9.045  1.00 23.82 ? 185 THR A CA  1 
ATOM   1449 C C   . THR A 1 185 ? 3.192   -9.133  -8.722  1.00 24.08 ? 185 THR A C   1 
ATOM   1450 O O   . THR A 1 185 ? 3.581   -7.976  -8.989  1.00 23.36 ? 185 THR A O   1 
ATOM   1451 C CB  . THR A 1 185 ? 4.821   -10.746 -7.800  1.00 25.13 ? 185 THR A CB  1 
ATOM   1452 O OG1 . THR A 1 185 ? 5.621   -9.652  -7.375  1.00 24.02 ? 185 THR A OG1 1 
ATOM   1453 C CG2 . THR A 1 185 ? 5.747   -12.002 -8.028  1.00 21.79 ? 185 THR A CG2 1 
ATOM   1454 N N   . PHE A 1 186 ? 1.994   -9.359  -8.199  1.00 23.20 ? 186 PHE A N   1 
ATOM   1455 C CA  . PHE A 1 186 ? 1.224   -8.241  -7.646  1.00 23.28 ? 186 PHE A CA  1 
ATOM   1456 C C   . PHE A 1 186 ? 2.078   -7.413  -6.659  1.00 24.23 ? 186 PHE A C   1 
ATOM   1457 O O   . PHE A 1 186 ? 1.970   -6.183  -6.644  1.00 24.92 ? 186 PHE A O   1 
ATOM   1458 C CB  . PHE A 1 186 ? 0.068   -8.797  -6.861  1.00 23.06 ? 186 PHE A CB  1 
ATOM   1459 C CG  . PHE A 1 186 ? -1.111  -9.116  -7.690  1.00 23.17 ? 186 PHE A CG  1 
ATOM   1460 C CD1 . PHE A 1 186 ? -0.967  -9.389  -9.059  1.00 24.39 ? 186 PHE A CD1 1 
ATOM   1461 C CD2 . PHE A 1 186 ? -2.396  -9.167  -7.109  1.00 22.38 ? 186 PHE A CD2 1 
ATOM   1462 C CE1 . PHE A 1 186 ? -2.093  -9.714  -9.820  1.00 25.21 ? 186 PHE A CE1 1 
ATOM   1463 C CE2 . PHE A 1 186 ? -3.493  -9.506  -7.863  1.00 22.24 ? 186 PHE A CE2 1 
ATOM   1464 C CZ  . PHE A 1 186 ? -3.367  -9.747  -9.213  1.00 24.58 ? 186 PHE A CZ  1 
ATOM   1465 N N   . ASP A 1 187 ? 2.889   -8.076  -5.806  1.00 23.27 ? 187 ASP A N   1 
ATOM   1466 C CA  . ASP A 1 187 ? 3.685   -7.336  -4.860  1.00 24.81 ? 187 ASP A CA  1 
ATOM   1467 C C   . ASP A 1 187 ? 4.618   -6.405  -5.626  1.00 24.93 ? 187 ASP A C   1 
ATOM   1468 O O   . ASP A 1 187 ? 4.754   -5.245  -5.207  1.00 26.23 ? 187 ASP A O   1 
ATOM   1469 C CB  . ASP A 1 187 ? 4.597   -8.210  -3.972  1.00 25.61 ? 187 ASP A CB  1 
ATOM   1470 C CG  . ASP A 1 187 ? 3.898   -8.744  -2.696  1.00 27.57 ? 187 ASP A CG  1 
ATOM   1471 O OD1 . ASP A 1 187 ? 2.798   -8.272  -2.348  1.00 28.56 ? 187 ASP A OD1 1 
ATOM   1472 O OD2 . ASP A 1 187 ? 4.504   -9.635  -2.015  1.00 27.53 ? 187 ASP A OD2 1 
ATOM   1473 N N   . GLU A 1 188 ? 5.269   -6.853  -6.708  1.00 24.12 ? 188 GLU A N   1 
ATOM   1474 C CA  . GLU A 1 188 ? 6.252   -5.932  -7.342  1.00 26.30 ? 188 GLU A CA  1 
ATOM   1475 C C   . GLU A 1 188 ? 5.533   -4.795  -8.071  1.00 25.51 ? 188 GLU A C   1 
ATOM   1476 O O   . GLU A 1 188 ? 5.957   -3.637  -8.090  1.00 25.94 ? 188 GLU A O   1 
ATOM   1477 C CB  . GLU A 1 188 ? 7.196   -6.664  -8.312  1.00 26.22 ? 188 GLU A CB  1 
ATOM   1478 C CG  . GLU A 1 188 ? 8.209   -7.469  -7.589  1.00 28.38 ? 188 GLU A CG  1 
ATOM   1479 C CD  . GLU A 1 188 ? 9.425   -6.639  -7.121  1.00 31.88 ? 188 GLU A CD  1 
ATOM   1480 O OE1 . GLU A 1 188 ? 9.488   -5.417  -7.395  1.00 32.86 ? 188 GLU A OE1 1 
ATOM   1481 O OE2 . GLU A 1 188 ? 10.349  -7.217  -6.521  1.00 34.03 ? 188 GLU A OE2 1 
ATOM   1482 N N   . PHE A 1 189 ? 4.454   -5.160  -8.702  1.00 24.38 ? 189 PHE A N   1 
ATOM   1483 C CA  . PHE A 1 189 ? 3.721   -4.203  -9.537  1.00 25.35 ? 189 PHE A CA  1 
ATOM   1484 C C   . PHE A 1 189 ? 3.144   -3.128  -8.608  1.00 23.90 ? 189 PHE A C   1 
ATOM   1485 O O   . PHE A 1 189 ? 3.292   -1.915  -8.844  1.00 22.66 ? 189 PHE A O   1 
ATOM   1486 C CB  . PHE A 1 189 ? 2.593   -4.970  -10.296 1.00 24.70 ? 189 PHE A CB  1 
ATOM   1487 C CG  . PHE A 1 189 ? 2.140   -4.294  -11.575 1.00 27.03 ? 189 PHE A CG  1 
ATOM   1488 C CD1 . PHE A 1 189 ? 2.699   -3.083  -11.988 1.00 29.42 ? 189 PHE A CD1 1 
ATOM   1489 C CD2 . PHE A 1 189 ? 1.061   -4.827  -12.323 1.00 29.43 ? 189 PHE A CD2 1 
ATOM   1490 C CE1 . PHE A 1 189 ? 2.285   -2.435  -13.191 1.00 28.05 ? 189 PHE A CE1 1 
ATOM   1491 C CE2 . PHE A 1 189 ? 0.602   -4.168  -13.507 1.00 27.61 ? 189 PHE A CE2 1 
ATOM   1492 C CZ  . PHE A 1 189 ? 1.242   -2.978  -13.948 1.00 28.69 ? 189 PHE A CZ  1 
ATOM   1493 N N   . ALA A 1 190 ? 2.458   -3.600  -7.547  1.00 24.69 ? 190 ALA A N   1 
ATOM   1494 C CA  . ALA A 1 190 ? 1.804   -2.706  -6.557  1.00 23.39 ? 190 ALA A CA  1 
ATOM   1495 C C   . ALA A 1 190 ? 2.738   -1.855  -5.747  1.00 25.72 ? 190 ALA A C   1 
ATOM   1496 O O   . ALA A 1 190 ? 2.358   -0.726  -5.356  1.00 25.01 ? 190 ALA A O   1 
ATOM   1497 C CB  . ALA A 1 190 ? 0.896   -3.512  -5.626  1.00 27.14 ? 190 ALA A CB  1 
ATOM   1498 N N   . ALA A 1 191 ? 3.945   -2.397  -5.450  1.00 23.79 ? 191 ALA A N   1 
ATOM   1499 C CA  . ALA A 1 191 ? 5.016   -1.627  -4.786  1.00 26.48 ? 191 ALA A CA  1 
ATOM   1500 C C   . ALA A 1 191 ? 5.584   -0.503  -5.671  1.00 27.01 ? 191 ALA A C   1 
ATOM   1501 O O   . ALA A 1 191 ? 5.888   0.600   -5.187  1.00 28.30 ? 191 ALA A O   1 
ATOM   1502 C CB  . ALA A 1 191 ? 6.173   -2.545  -4.402  1.00 24.09 ? 191 ALA A CB  1 
ATOM   1503 N N   . TRP A 1 192 ? 5.808   -0.815  -6.947  1.00 26.78 ? 192 TRP A N   1 
ATOM   1504 C CA  . TRP A 1 192 ? 6.233   0.219   -7.877  1.00 27.06 ? 192 TRP A CA  1 
ATOM   1505 C C   . TRP A 1 192 ? 5.266   1.415   -7.890  1.00 26.93 ? 192 TRP A C   1 
ATOM   1506 O O   . TRP A 1 192 ? 5.700   2.560   -7.727  1.00 26.79 ? 192 TRP A O   1 
ATOM   1507 C CB  . TRP A 1 192 ? 6.353   -0.338  -9.314  1.00 28.34 ? 192 TRP A CB  1 
ATOM   1508 C CG  . TRP A 1 192 ? 6.610   0.792   -10.249 1.00 27.85 ? 192 TRP A CG  1 
ATOM   1509 C CD1 . TRP A 1 192 ? 7.774   1.478   -10.400 1.00 26.15 ? 192 TRP A CD1 1 
ATOM   1510 C CD2 . TRP A 1 192 ? 5.629   1.463   -11.069 1.00 28.36 ? 192 TRP A CD2 1 
ATOM   1511 N NE1 . TRP A 1 192 ? 7.599   2.500   -11.315 1.00 24.44 ? 192 TRP A NE1 1 
ATOM   1512 C CE2 . TRP A 1 192 ? 6.297   2.505   -11.741 1.00 25.83 ? 192 TRP A CE2 1 
ATOM   1513 C CE3 . TRP A 1 192 ? 4.269   1.242   -11.328 1.00 27.93 ? 192 TRP A CE3 1 
ATOM   1514 C CZ2 . TRP A 1 192 ? 5.648   3.355   -12.636 1.00 29.45 ? 192 TRP A CZ2 1 
ATOM   1515 C CZ3 . TRP A 1 192 ? 3.613   2.075   -12.222 1.00 28.10 ? 192 TRP A CZ3 1 
ATOM   1516 C CH2 . TRP A 1 192 ? 4.318   3.133   -12.869 1.00 28.64 ? 192 TRP A CH2 1 
ATOM   1517 N N   . ALA A 1 193 ? 3.982   1.125   -8.117  1.00 25.28 ? 193 ALA A N   1 
ATOM   1518 C CA  . ALA A 1 193 ? 2.935   2.132   -8.291  1.00 26.57 ? 193 ALA A CA  1 
ATOM   1519 C C   . ALA A 1 193 ? 2.562   2.841   -7.000  1.00 25.64 ? 193 ALA A C   1 
ATOM   1520 O O   . ALA A 1 193 ? 2.361   4.036   -7.022  1.00 27.79 ? 193 ALA A O   1 
ATOM   1521 C CB  . ALA A 1 193 ? 1.664   1.541   -8.971  1.00 24.42 ? 193 ALA A CB  1 
ATOM   1522 N N   . SER A 1 194 ? 2.464   2.131   -5.882  1.00 24.24 ? 194 SER A N   1 
ATOM   1523 C CA  . SER A 1 194 ? 2.234   2.808   -4.611  1.00 24.29 ? 194 SER A CA  1 
ATOM   1524 C C   . SER A 1 194 ? 3.372   3.762   -4.267  1.00 24.15 ? 194 SER A C   1 
ATOM   1525 O O   . SER A 1 194 ? 3.126   4.758   -3.671  1.00 24.66 ? 194 SER A O   1 
ATOM   1526 C CB  . SER A 1 194 ? 2.133   1.817   -3.465  1.00 23.75 ? 194 SER A CB  1 
ATOM   1527 O OG  . SER A 1 194 ? 1.203   0.804   -3.766  1.00 23.58 ? 194 SER A OG  1 
ATOM   1528 N N   . ALA A 1 195 ? 4.613   3.424   -4.605  1.00 24.65 ? 195 ALA A N   1 
ATOM   1529 C CA  . ALA A 1 195 ? 5.741   4.266   -4.245  1.00 25.96 ? 195 ALA A CA  1 
ATOM   1530 C C   . ALA A 1 195 ? 5.689   5.601   -5.021  1.00 26.60 ? 195 ALA A C   1 
ATOM   1531 O O   . ALA A 1 195 ? 6.007   6.675   -4.494  1.00 25.17 ? 195 ALA A O   1 
ATOM   1532 C CB  . ALA A 1 195 ? 7.030   3.536   -4.567  1.00 27.20 ? 195 ALA A CB  1 
ATOM   1533 N N   . VAL A 1 196 ? 5.286   5.496   -6.284  1.00 27.48 ? 196 VAL A N   1 
ATOM   1534 C CA  . VAL A 1 196 ? 4.968   6.647   -7.111  1.00 27.33 ? 196 VAL A CA  1 
ATOM   1535 C C   . VAL A 1 196 ? 3.799   7.460   -6.562  1.00 27.07 ? 196 VAL A C   1 
ATOM   1536 O O   . VAL A 1 196 ? 3.927   8.659   -6.399  1.00 26.15 ? 196 VAL A O   1 
ATOM   1537 C CB  . VAL A 1 196 ? 4.672   6.228   -8.565  1.00 27.46 ? 196 VAL A CB  1 
ATOM   1538 C CG1 . VAL A 1 196 ? 4.248   7.481   -9.399  1.00 27.42 ? 196 VAL A CG1 1 
ATOM   1539 C CG2 . VAL A 1 196 ? 5.924   5.578   -9.178  1.00 30.04 ? 196 VAL A CG2 1 
ATOM   1540 N N   . LYS A 1 197 ? 2.657   6.818   -6.296  1.00 27.79 ? 197 LYS A N   1 
ATOM   1541 C CA  . LYS A 1 197 ? 1.476   7.558   -5.841  1.00 28.46 ? 197 LYS A CA  1 
ATOM   1542 C C   . LYS A 1 197 ? 1.708   8.229   -4.487  1.00 29.12 ? 197 LYS A C   1 
ATOM   1543 O O   . LYS A 1 197 ? 1.385   9.390   -4.262  1.00 28.70 ? 197 LYS A O   1 
ATOM   1544 C CB  . LYS A 1 197 ? 0.272   6.640   -5.794  1.00 28.90 ? 197 LYS A CB  1 
ATOM   1545 C CG  . LYS A 1 197 ? -0.963  7.292   -5.303  1.00 32.89 ? 197 LYS A CG  1 
ATOM   1546 C CD  . LYS A 1 197 ? -1.539  8.180   -6.349  1.00 37.02 ? 197 LYS A CD  1 
ATOM   1547 C CE  . LYS A 1 197 ? -3.036  8.090   -6.390  1.00 42.27 ? 197 LYS A CE  1 
ATOM   1548 N NZ  . LYS A 1 197 ? -3.376  8.941   -7.577  1.00 45.38 ? 197 LYS A NZ  1 
ATOM   1549 N N   . LEU A 1 198 ? 2.300   7.485   -3.580  1.00 30.08 ? 198 LEU A N   1 
ATOM   1550 C CA  . LEU A 1 198 ? 2.685   8.029   -2.290  1.00 30.61 ? 198 LEU A CA  1 
ATOM   1551 C C   . LEU A 1 198 ? 3.528   9.286   -2.375  1.00 29.94 ? 198 LEU A C   1 
ATOM   1552 O O   . LEU A 1 198 ? 3.214   10.302  -1.716  1.00 30.16 ? 198 LEU A O   1 
ATOM   1553 C CB  . LEU A 1 198 ? 3.458   6.979   -1.479  1.00 30.77 ? 198 LEU A CB  1 
ATOM   1554 C CG  . LEU A 1 198 ? 3.612   7.361   0.012   1.00 31.75 ? 198 LEU A CG  1 
ATOM   1555 C CD1 . LEU A 1 198 ? 2.300   7.135   0.722   1.00 29.20 ? 198 LEU A CD1 1 
ATOM   1556 C CD2 . LEU A 1 198 ? 4.762   6.578   0.640   1.00 25.68 ? 198 LEU A CD2 1 
ATOM   1557 N N   . ASP A 1 199 ? 4.656   9.188   -3.067  1.00 29.49 ? 199 ASP A N   1 
ATOM   1558 C CA  . ASP A 1 199 ? 5.578   10.320  -3.173  1.00 30.04 ? 199 ASP A CA  1 
ATOM   1559 C C   . ASP A 1 199 ? 4.899   11.541  -3.848  1.00 29.48 ? 199 ASP A C   1 
ATOM   1560 O O   . ASP A 1 199 ? 5.116   12.657  -3.442  1.00 28.21 ? 199 ASP A O   1 
ATOM   1561 C CB  . ASP A 1 199 ? 6.912   9.889   -3.814  1.00 30.33 ? 199 ASP A CB  1 
ATOM   1562 C CG  . ASP A 1 199 ? 7.815   11.068  -4.176  1.00 34.81 ? 199 ASP A CG  1 
ATOM   1563 O OD1 . ASP A 1 199 ? 7.599   11.578  -5.310  1.00 37.75 ? 199 ASP A OD1 1 
ATOM   1564 O OD2 . ASP A 1 199 ? 8.744   11.466  -3.372  1.00 35.06 ? 199 ASP A OD2 1 
ATOM   1565 N N   . ALA A 1 200 ? 4.044   11.283  -4.835  1.00 30.02 ? 200 ALA A N   1 
ATOM   1566 C CA  . ALA A 1 200 ? 3.145   12.259  -5.461  1.00 30.72 ? 200 ALA A CA  1 
ATOM   1567 C C   . ALA A 1 200 ? 2.225   12.948  -4.447  1.00 30.75 ? 200 ALA A C   1 
ATOM   1568 O O   . ALA A 1 200 ? 2.174   14.177  -4.368  1.00 31.05 ? 200 ALA A O   1 
ATOM   1569 C CB  . ALA A 1 200 ? 2.261   11.554  -6.535  1.00 30.56 ? 200 ALA A CB  1 
ATOM   1570 N N   . ASP A 1 201 ? 1.455   12.139  -3.734  1.00 30.65 ? 201 ASP A N   1 
ATOM   1571 C CA  . ASP A 1 201 ? 0.439   12.617  -2.812  1.00 30.96 ? 201 ASP A CA  1 
ATOM   1572 C C   . ASP A 1 201 ? 1.010   13.350  -1.604  1.00 30.28 ? 201 ASP A C   1 
ATOM   1573 O O   . ASP A 1 201 ? 0.465   14.365  -1.203  1.00 29.08 ? 201 ASP A O   1 
ATOM   1574 C CB  . ASP A 1 201 ? -0.459  11.463  -2.389  1.00 31.23 ? 201 ASP A CB  1 
ATOM   1575 C CG  . ASP A 1 201 ? -1.493  11.103  -3.470  1.00 33.86 ? 201 ASP A CG  1 
ATOM   1576 O OD1 . ASP A 1 201 ? -1.743  11.917  -4.406  1.00 33.75 ? 201 ASP A OD1 1 
ATOM   1577 O OD2 . ASP A 1 201 ? -2.080  10.015  -3.368  1.00 37.98 ? 201 ASP A OD2 1 
ATOM   1578 N N   . GLY A 1 202 ? 2.092   12.818  -1.033  1.00 29.62 ? 202 GLY A N   1 
ATOM   1579 C CA  . GLY A 1 202 ? 2.800   13.474  0.064   1.00 29.80 ? 202 GLY A CA  1 
ATOM   1580 C C   . GLY A 1 202 ? 2.037   13.342  1.361   1.00 29.56 ? 202 GLY A C   1 
ATOM   1581 O O   . GLY A 1 202 ? 1.390   12.321  1.561   1.00 30.27 ? 202 GLY A O   1 
ATOM   1582 N N   . ASP A 1 203 ? 2.079   14.378  2.212   1.00 29.21 ? 203 ASP A N   1 
ATOM   1583 C CA  . ASP A 1 203 ? 1.410   14.390  3.521   1.00 28.68 ? 203 ASP A CA  1 
ATOM   1584 C C   . ASP A 1 203 ? -0.076  14.719  3.367   1.00 28.82 ? 203 ASP A C   1 
ATOM   1585 O O   . ASP A 1 203 ? -0.439  15.821  2.952   1.00 28.42 ? 203 ASP A O   1 
ATOM   1586 C CB  . ASP A 1 203 ? 2.096   15.370  4.490   1.00 28.96 ? 203 ASP A CB  1 
ATOM   1587 C CG  . ASP A 1 203 ? 1.687   15.151  5.969   1.00 29.73 ? 203 ASP A CG  1 
ATOM   1588 O OD1 . ASP A 1 203 ? 0.733   14.405  6.250   1.00 26.86 ? 203 ASP A OD1 1 
ATOM   1589 O OD2 . ASP A 1 203 ? 2.321   15.758  6.859   1.00 30.44 ? 203 ASP A OD2 1 
ATOM   1590 N N   . PRO A 1 204 ? -0.964  13.758  3.705   1.00 28.65 ? 204 PRO A N   1 
ATOM   1591 C CA  . PRO A 1 204 ? -2.344  14.151  3.467   1.00 28.57 ? 204 PRO A CA  1 
ATOM   1592 C C   . PRO A 1 204 ? -2.881  15.183  4.508   1.00 29.38 ? 204 PRO A C   1 
ATOM   1593 O O   . PRO A 1 204 ? -3.929  15.790  4.267   1.00 29.58 ? 204 PRO A O   1 
ATOM   1594 C CB  . PRO A 1 204 ? -3.077  12.829  3.497   1.00 28.72 ? 204 PRO A CB  1 
ATOM   1595 C CG  . PRO A 1 204 ? -2.303  12.051  4.582   1.00 28.53 ? 204 PRO A CG  1 
ATOM   1596 C CD  . PRO A 1 204 ? -0.863  12.396  4.273   1.00 28.78 ? 204 PRO A CD  1 
ATOM   1597 N N   . ASP A 1 205 ? -2.141  15.436  5.602   1.00 29.49 ? 205 ASP A N   1 
ATOM   1598 C CA  . ASP A 1 205 ? -2.541  16.484  6.542   1.00 30.70 ? 205 ASP A CA  1 
ATOM   1599 C C   . ASP A 1 205 ? -2.238  17.879  6.005   1.00 31.88 ? 205 ASP A C   1 
ATOM   1600 O O   . ASP A 1 205 ? -2.777  18.860  6.509   1.00 31.79 ? 205 ASP A O   1 
ATOM   1601 C CB  . ASP A 1 205 ? -1.865  16.319  7.912   1.00 29.82 ? 205 ASP A CB  1 
ATOM   1602 C CG  . ASP A 1 205 ? -2.607  15.360  8.812   1.00 31.67 ? 205 ASP A CG  1 
ATOM   1603 O OD1 . ASP A 1 205 ? -2.255  15.264  10.013  1.00 32.56 ? 205 ASP A OD1 1 
ATOM   1604 O OD2 . ASP A 1 205 ? -3.551  14.688  8.324   1.00 31.96 ? 205 ASP A OD2 1 
ATOM   1605 N N   . ASN A 1 206 ? -1.367  17.960  5.004   1.00 32.89 ? 206 ASN A N   1 
ATOM   1606 C CA  . ASN A 1 206 ? -1.016  19.218  4.411   1.00 34.96 ? 206 ASN A CA  1 
ATOM   1607 C C   . ASN A 1 206 ? -2.102  19.675  3.409   1.00 36.56 ? 206 ASN A C   1 
ATOM   1608 O O   . ASN A 1 206 ? -1.914  19.634  2.177   1.00 36.49 ? 206 ASN A O   1 
ATOM   1609 C CB  . ASN A 1 206 ? 0.380   19.133  3.793   1.00 34.64 ? 206 ASN A CB  1 
ATOM   1610 C CG  . ASN A 1 206 ? 1.086   20.453  3.782   1.00 33.86 ? 206 ASN A CG  1 
ATOM   1611 O OD1 . ASN A 1 206 ? 1.116   21.164  4.779   1.00 35.51 ? 206 ASN A OD1 1 
ATOM   1612 N ND2 . ASN A 1 206 ? 1.662   20.801  2.646   1.00 34.85 ? 206 ASN A ND2 1 
ATOM   1613 N N   . VAL A 1 207 ? -3.232  20.132  3.963   1.00 37.99 ? 207 VAL A N   1 
ATOM   1614 C CA  . VAL A 1 207 ? -4.438  20.421  3.166   1.00 39.92 ? 207 VAL A CA  1 
ATOM   1615 C C   . VAL A 1 207 ? -4.880  21.894  3.209   1.00 40.44 ? 207 VAL A C   1 
ATOM   1616 O O   . VAL A 1 207 ? -4.857  22.508  4.295   1.00 40.54 ? 207 VAL A O   1 
ATOM   1617 C CB  . VAL A 1 207 ? -5.618  19.463  3.585   1.00 39.90 ? 207 VAL A CB  1 
ATOM   1618 C CG1 . VAL A 1 207 ? -5.590  19.160  5.091   1.00 40.90 ? 207 VAL A CG1 1 
ATOM   1619 C CG2 . VAL A 1 207 ? -7.007  19.980  3.121   1.00 40.27 ? 207 VAL A CG2 1 
ATOM   1620 N N   . PRO A 1 208 ? -5.322  22.471  2.061   1.00 41.04 ? 208 PRO A N   1 
ATOM   1621 C CA  . PRO A 1 208 ? -5.487  22.090  0.653   1.00 41.64 ? 208 PRO A CA  1 
ATOM   1622 C C   . PRO A 1 208 ? -4.464  21.156  0.043   1.00 42.12 ? 208 PRO A C   1 
ATOM   1623 O O   . PRO A 1 208 ? -4.303  21.133  -1.187  1.00 43.22 ? 208 PRO A O   1 
ATOM   1624 C CB  . PRO A 1 208 ? -5.421  23.435  -0.048  1.00 41.36 ? 208 PRO A CB  1 
ATOM   1625 C CG  . PRO A 1 208 ? -6.157  24.302  0.852   1.00 41.35 ? 208 PRO A CG  1 
ATOM   1626 C CD  . PRO A 1 208 ? -5.846  23.833  2.260   1.00 40.85 ? 208 PRO A CD  1 
HETATM 1627 O O   . HOH B 2 .   ? 2.523   -10.915 -4.966  1.00 23.73 ? 220 HOH A O   1 
HETATM 1628 O O   . HOH B 2 .   ? -13.336 -10.876 2.550   1.00 24.22 ? 221 HOH A O   1 
HETATM 1629 O O   . HOH B 2 .   ? -12.254 -14.817 -6.544  1.00 25.88 ? 222 HOH A O   1 
HETATM 1630 O O   . HOH B 2 .   ? -5.873  -13.626 6.843   1.00 28.31 ? 223 HOH A O   1 
HETATM 1631 O O   . HOH B 2 .   ? 6.962   0.668   -2.632  1.00 27.29 ? 224 HOH A O   1 
HETATM 1632 O O   . HOH B 2 .   ? 8.321   -2.957  -7.272  1.00 16.99 ? 225 HOH A O   1 
HETATM 1633 O O   . HOH B 2 .   ? 5.731   10.342  -7.584  1.00 33.26 ? 226 HOH A O   1 
HETATM 1634 O O   . HOH B 2 .   ? 5.257   -16.449 -15.297 1.00 42.72 ? 227 HOH A O   1 
HETATM 1635 O O   . HOH B 2 .   ? -3.260  -13.819 -20.105 0.50 23.88 ? 228 HOH A O   1 
HETATM 1636 O O   . HOH B 2 .   ? 0.080   -11.190 -1.481  1.00 26.05 ? 229 HOH A O   1 
HETATM 1637 O O   . HOH B 2 .   ? -4.452  -10.383 -0.641  1.00 25.89 ? 230 HOH A O   1 
HETATM 1638 O O   . HOH B 2 .   ? -6.329  -12.450 -8.790  1.00 22.62 ? 231 HOH A O   1 
HETATM 1639 O O   . HOH B 2 .   ? -2.393  -13.943 -14.330 1.00 26.32 ? 232 HOH A O   1 
HETATM 1640 O O   . HOH B 2 .   ? 7.833   -10.068 -10.421 1.00 22.09 ? 233 HOH A O   1 
HETATM 1641 O O   . HOH B 2 .   ? 7.480   -10.270 -5.645  1.00 21.52 ? 234 HOH A O   1 
HETATM 1642 O O   . HOH B 2 .   ? -8.742  -3.151  -13.216 1.00 34.80 ? 235 HOH A O   1 
HETATM 1643 O O   . HOH B 2 .   ? -1.414  -7.572  -3.650  1.00 25.35 ? 236 HOH A O   1 
HETATM 1644 O O   . HOH B 2 .   ? 4.646   14.023  12.897  1.00 33.08 ? 237 HOH A O   1 
HETATM 1645 O O   . HOH B 2 .   ? 2.316   4.829   -21.635 1.00 35.97 ? 238 HOH A O   1 
HETATM 1646 O O   . HOH B 2 .   ? 3.387   16.673  1.229   1.00 34.11 ? 239 HOH A O   1 
HETATM 1647 O O   . HOH B 2 .   ? -7.789  3.549   -13.142 1.00 33.05 ? 240 HOH A O   1 
HETATM 1648 O O   . HOH B 2 .   ? -4.976  5.483   -4.182  1.00 35.26 ? 241 HOH A O   1 
HETATM 1649 O O   . HOH B 2 .   ? -11.232 0.867   -5.661  1.00 36.60 ? 242 HOH A O   1 
HETATM 1650 O O   . HOH B 2 .   ? 2.985   16.168  12.349  1.00 34.75 ? 243 HOH A O   1 
HETATM 1651 O O   . HOH B 2 .   ? 2.037   -13.209 -6.270  1.00 25.56 ? 244 HOH A O   1 
HETATM 1652 O O   . HOH B 2 .   ? 13.788  -2.863  -18.232 1.00 21.71 ? 245 HOH A O   1 
HETATM 1653 O O   . HOH B 2 .   ? -10.285 -9.237  10.065  1.00 32.49 ? 246 HOH A O   1 
HETATM 1654 O O   . HOH B 2 .   ? 10.696  -2.446  2.083   1.00 43.55 ? 247 HOH A O   1 
HETATM 1655 O O   . HOH B 2 .   ? -3.266  -16.493 -5.126  1.00 42.27 ? 248 HOH A O   1 
HETATM 1656 O O   . HOH B 2 .   ? -5.625  -14.800 -6.003  1.00 35.78 ? 249 HOH A O   1 
HETATM 1657 O O   . HOH B 2 .   ? 6.033   -0.769  -24.490 1.00 29.02 ? 250 HOH A O   1 
HETATM 1658 O O   . HOH B 2 .   ? 15.836  -4.413  -16.976 1.00 23.35 ? 251 HOH A O   1 
HETATM 1659 O O   . HOH B 2 .   ? 7.469   -2.584  18.658  1.00 45.06 ? 252 HOH A O   1 
HETATM 1660 O O   . HOH B 2 .   ? -9.082  7.054   19.575  1.00 32.69 ? 253 HOH A O   1 
HETATM 1661 O O   . HOH B 2 .   ? 11.882  -3.311  6.834   1.00 43.70 ? 254 HOH A O   1 
HETATM 1662 O O   . HOH B 2 .   ? -13.257 6.401   -3.826  1.00 41.81 ? 255 HOH A O   1 
HETATM 1663 O O   . HOH B 2 .   ? -4.026  14.335  11.926  1.00 34.62 ? 256 HOH A O   1 
HETATM 1664 O O   . HOH B 2 .   ? 0.370   -9.497  -3.565  1.00 31.89 ? 257 HOH A O   1 
HETATM 1665 O O   . HOH B 2 .   ? 4.569   -12.148 -3.309  1.00 31.27 ? 258 HOH A O   1 
HETATM 1666 O O   . HOH B 2 .   ? -10.471 -7.962  -5.873  1.00 29.17 ? 259 HOH A O   1 
HETATM 1667 O O   . HOH B 2 .   ? 1.964   -16.133 4.752   1.00 43.81 ? 260 HOH A O   1 
HETATM 1668 O O   . HOH B 2 .   ? 6.282   13.699  -1.464  1.00 44.07 ? 261 HOH A O   1 
HETATM 1669 O O   . HOH B 2 .   ? 4.655   16.175  -1.263  1.00 42.18 ? 262 HOH A O   1 
HETATM 1670 O O   . HOH B 2 .   ? -9.034  -0.491  -7.263  1.00 34.08 ? 263 HOH A O   1 
HETATM 1671 O O   . HOH B 2 .   ? 10.510  -12.854 -11.852 1.00 34.09 ? 264 HOH A O   1 
HETATM 1672 O O   . HOH B 2 .   ? 16.325  -8.892  -12.509 1.00 41.79 ? 265 HOH A O   1 
HETATM 1673 O O   . HOH B 2 .   ? 8.434   3.569   -7.742  1.00 34.89 ? 266 HOH A O   1 
HETATM 1674 O O   . HOH B 2 .   ? -0.768  17.028  0.021   1.00 40.53 ? 267 HOH A O   1 
HETATM 1675 O O   . HOH B 2 .   ? -0.689  -7.983  0.806   1.00 27.53 ? 268 HOH A O   1 
HETATM 1676 O O   . HOH B 2 .   ? -12.273 -1.560  10.450  1.00 38.90 ? 269 HOH A O   1 
HETATM 1677 O O   . HOH B 2 .   ? -10.342 5.417   -4.293  1.00 33.70 ? 270 HOH A O   1 
HETATM 1678 O O   . HOH B 2 .   ? 4.247   -12.733 -20.290 1.00 35.44 ? 271 HOH A O   1 
HETATM 1679 O O   . HOH B 2 .   ? -2.458  -6.500  -23.614 1.00 31.29 ? 272 HOH A O   1 
HETATM 1680 O O   . HOH B 2 .   ? -7.662  -10.470 -17.940 1.00 34.72 ? 273 HOH A O   1 
HETATM 1681 O O   . HOH B 2 .   ? 13.466  2.197   -21.264 1.00 29.83 ? 274 HOH A O   1 
HETATM 1682 O O   . HOH B 2 .   ? 1.031   -13.558 -2.963  1.00 41.39 ? 275 HOH A O   1 
HETATM 1683 O O   . HOH B 2 .   ? 15.141  -6.322  -12.431 1.00 31.93 ? 276 HOH A O   1 
HETATM 1684 O O   . HOH B 2 .   ? 14.152  -1.560  -10.603 1.00 31.14 ? 277 HOH A O   1 
HETATM 1685 O O   . HOH B 2 .   ? 9.960   -14.538 -8.875  1.00 27.95 ? 278 HOH A O   1 
HETATM 1686 O O   . HOH B 2 .   ? -1.170  8.264   -1.528  1.00 35.91 ? 279 HOH A O   1 
HETATM 1687 O O   . HOH B 2 .   ? 7.983   -12.446 -11.592 1.00 38.11 ? 280 HOH A O   1 
HETATM 1688 O O   . HOH B 2 .   ? -4.708  -10.647 -21.178 0.50 19.26 ? 281 HOH A O   1 
HETATM 1689 O O   . HOH B 2 .   ? -3.057  -12.012 -20.912 0.50 20.86 ? 282 HOH A O   1 
HETATM 1690 O O   . HOH B 2 .   ? -3.676  7.151   -0.490  1.00 37.87 ? 283 HOH A O   1 
HETATM 1691 O O   . HOH B 2 .   ? -10.116 -0.127  10.763  1.00 37.99 ? 284 HOH A O   1 
# 
